data_7FW4
# 
_entry.id   7FW4 
# 
_audit_conform.dict_name       mmcif_pdbx.dic 
_audit_conform.dict_version    5.404 
_audit_conform.dict_location   http://mmcif.pdb.org/dictionaries/ascii/mmcif_pdbx.dic 
# 
loop_
_database_2.database_id 
_database_2.database_code 
_database_2.pdbx_database_accession 
_database_2.pdbx_DOI 
PDB   7FW4         pdb_00007fw4 10.2210/pdb7fw4/pdb 
WWPDB D_1001405421 ?            ?                   
# 
loop_
_pdbx_audit_revision_history.ordinal 
_pdbx_audit_revision_history.data_content_type 
_pdbx_audit_revision_history.major_revision 
_pdbx_audit_revision_history.minor_revision 
_pdbx_audit_revision_history.revision_date 
_pdbx_audit_revision_history.part_number 
1 'Structure model' 1 0 2023-06-14 ? 
2 'Structure model' 1 1 2024-04-03 ? 
3 'Structure model' 1 2 2025-08-13 ? 
# 
_pdbx_audit_revision_details.ordinal             1 
_pdbx_audit_revision_details.revision_ordinal    1 
_pdbx_audit_revision_details.data_content_type   'Structure model' 
_pdbx_audit_revision_details.provider            repository 
_pdbx_audit_revision_details.type                'Initial release' 
_pdbx_audit_revision_details.description         ? 
_pdbx_audit_revision_details.details             ? 
# 
loop_
_pdbx_audit_revision_group.ordinal 
_pdbx_audit_revision_group.revision_ordinal 
_pdbx_audit_revision_group.data_content_type 
_pdbx_audit_revision_group.group 
1 2 'Structure model' 'Data collection'        
2 2 'Structure model' 'Refinement description' 
3 3 'Structure model' 'Database references'    
4 3 'Structure model' 'Structure summary'      
# 
loop_
_pdbx_audit_revision_category.ordinal 
_pdbx_audit_revision_category.revision_ordinal 
_pdbx_audit_revision_category.data_content_type 
_pdbx_audit_revision_category.category 
1 2 'Structure model' chem_comp_atom                
2 2 'Structure model' chem_comp_bond                
3 2 'Structure model' pdbx_initial_refinement_model 
4 3 'Structure model' citation                      
5 3 'Structure model' citation_author               
6 3 'Structure model' pdbx_entry_details            
# 
loop_
_pdbx_audit_revision_item.ordinal 
_pdbx_audit_revision_item.revision_ordinal 
_pdbx_audit_revision_item.data_content_type 
_pdbx_audit_revision_item.item 
1  3 'Structure model' '_citation.journal_abbrev'          
2  3 'Structure model' '_citation.journal_id_CSD'          
3  3 'Structure model' '_citation.journal_id_ISSN'         
4  3 'Structure model' '_citation.journal_volume'          
5  3 'Structure model' '_citation.page_first'              
6  3 'Structure model' '_citation.page_last'               
7  3 'Structure model' '_citation.pdbx_database_id_DOI'    
8  3 'Structure model' '_citation.pdbx_database_id_PubMed' 
9  3 'Structure model' '_citation.title'                   
10 3 'Structure model' '_citation.year'                    
# 
_pdbx_database_status.entry_id                        7FW4 
_pdbx_database_status.status_code                     REL 
_pdbx_database_status.status_code_sf                  REL 
_pdbx_database_status.status_code_mr                  ? 
_pdbx_database_status.status_code_cs                  ? 
_pdbx_database_status.recvd_initial_deposition_date   2023-04-27 
_pdbx_database_status.status_code_nmr_data            ? 
_pdbx_database_status.deposit_site                    RCSB 
_pdbx_database_status.process_site                    RCSB 
_pdbx_database_status.SG_entry                        ? 
_pdbx_database_status.pdb_format_compatible           Y 
_pdbx_database_status.methods_development_category    ? 
# 
_pdbx_contact_author.id                 1 
_pdbx_contact_author.name_first         Markus 
_pdbx_contact_author.name_last          Rudolph 
_pdbx_contact_author.name_mi            G. 
_pdbx_contact_author.role               'principal investigator/group leader' 
_pdbx_contact_author.email              Markus.Rudolph@roche.com 
_pdbx_contact_author.identifier_ORCID   0000-0003-0447-1101 
# 
loop_
_audit_author.pdbx_ordinal 
_audit_author.name 
1 'Ehler, A.'     
2 'Benz, J.'      
3 'Obst, U.'      
4 'Rudolph, M.G.' 
# 
_citation.id                        primary 
_citation.journal_abbrev            'Acta Crystallogr D Struct Biol' 
_citation.title                     
'A high-resolution data set of fatty acid-binding protein structures. III. Unexpectedly high occurrence of wrong ligands.' 
_citation.year                      2025 
_citation.journal_volume            81 
_citation.page_first                451 
_citation.page_last                 464 
_citation.journal_id_ASTM           ? 
_citation.country                   ? 
_citation.journal_id_ISSN           2059-7983 
_citation.journal_id_CSD            ? 
_citation.book_publisher            ? 
_citation.pdbx_database_id_PubMed   40748031 
_citation.pdbx_database_id_DOI      10.1107/S2059798325006096 
# 
loop_
_citation_author.citation_id 
_citation_author.name 
_citation_author.ordinal 
_citation_author.identifier_ORCID 
primary 'Ehler, A.'     1 ?                   
primary 'Bartelmus, C.' 2 0000-0002-1527-4325 
primary 'Benz, J.'      3 ?                   
primary 'Plitzko, I.'   4 ?                   
primary 'Rudolph, M.G.' 5 0000-0003-0447-1101 
# 
loop_
_entity.id 
_entity.type 
_entity.src_method 
_entity.pdbx_description 
_entity.formula_weight 
_entity.pdbx_number_of_molecules 
_entity.pdbx_ec 
_entity.pdbx_mutation 
_entity.pdbx_fragment 
_entity.details 
1 polymer     man 'Fatty acid-binding protein, adipocyte' 15022.176 1   ? ? ? ? 
2 non-polymer syn GLYCEROL                                92.094    2   ? ? ? ? 
3 non-polymer syn 'SULFATE ION'                           96.063    2   ? ? ? ? 
4 water       nat water                                   18.015    123 ? ? ? ? 
# 
_entity_name_com.entity_id   1 
_entity_name_com.name        
'Adipocyte lipid-binding protein,ALBP,Adipocyte-type fatty acid-binding protein,A-FABP,AFABP,Fatty acid-binding protein 4' 
# 
_entity_poly.entity_id                      1 
_entity_poly.type                           'polypeptide(L)' 
_entity_poly.nstd_linkage                   no 
_entity_poly.nstd_monomer                   no 
_entity_poly.pdbx_seq_one_letter_code       
;GSHMCDAFVGTWKLVSSENFDDYMKEVGVGFATRKVAGMAKPNMIISVNGDVITIKSESTFKNTEISFILGQEFDEVTAD
DRKVKSTITLDGGVLVHVQKWDGKSTTIKRKREDDKLVVECVMKGVTSTRVYERA
;
_entity_poly.pdbx_seq_one_letter_code_can   
;GSHMCDAFVGTWKLVSSENFDDYMKEVGVGFATRKVAGMAKPNMIISVNGDVITIKSESTFKNTEISFILGQEFDEVTAD
DRKVKSTITLDGGVLVHVQKWDGKSTTIKRKREDDKLVVECVMKGVTSTRVYERA
;
_entity_poly.pdbx_strand_id                 A 
_entity_poly.pdbx_target_identifier         ? 
# 
loop_
_pdbx_entity_nonpoly.entity_id 
_pdbx_entity_nonpoly.name 
_pdbx_entity_nonpoly.comp_id 
2 GLYCEROL      GOL 
3 'SULFATE ION' SO4 
4 water         HOH 
# 
loop_
_entity_poly_seq.entity_id 
_entity_poly_seq.num 
_entity_poly_seq.mon_id 
_entity_poly_seq.hetero 
1 1   GLY n 
1 2   SER n 
1 3   HIS n 
1 4   MET n 
1 5   CYS n 
1 6   ASP n 
1 7   ALA n 
1 8   PHE n 
1 9   VAL n 
1 10  GLY n 
1 11  THR n 
1 12  TRP n 
1 13  LYS n 
1 14  LEU n 
1 15  VAL n 
1 16  SER n 
1 17  SER n 
1 18  GLU n 
1 19  ASN n 
1 20  PHE n 
1 21  ASP n 
1 22  ASP n 
1 23  TYR n 
1 24  MET n 
1 25  LYS n 
1 26  GLU n 
1 27  VAL n 
1 28  GLY n 
1 29  VAL n 
1 30  GLY n 
1 31  PHE n 
1 32  ALA n 
1 33  THR n 
1 34  ARG n 
1 35  LYS n 
1 36  VAL n 
1 37  ALA n 
1 38  GLY n 
1 39  MET n 
1 40  ALA n 
1 41  LYS n 
1 42  PRO n 
1 43  ASN n 
1 44  MET n 
1 45  ILE n 
1 46  ILE n 
1 47  SER n 
1 48  VAL n 
1 49  ASN n 
1 50  GLY n 
1 51  ASP n 
1 52  VAL n 
1 53  ILE n 
1 54  THR n 
1 55  ILE n 
1 56  LYS n 
1 57  SER n 
1 58  GLU n 
1 59  SER n 
1 60  THR n 
1 61  PHE n 
1 62  LYS n 
1 63  ASN n 
1 64  THR n 
1 65  GLU n 
1 66  ILE n 
1 67  SER n 
1 68  PHE n 
1 69  ILE n 
1 70  LEU n 
1 71  GLY n 
1 72  GLN n 
1 73  GLU n 
1 74  PHE n 
1 75  ASP n 
1 76  GLU n 
1 77  VAL n 
1 78  THR n 
1 79  ALA n 
1 80  ASP n 
1 81  ASP n 
1 82  ARG n 
1 83  LYS n 
1 84  VAL n 
1 85  LYS n 
1 86  SER n 
1 87  THR n 
1 88  ILE n 
1 89  THR n 
1 90  LEU n 
1 91  ASP n 
1 92  GLY n 
1 93  GLY n 
1 94  VAL n 
1 95  LEU n 
1 96  VAL n 
1 97  HIS n 
1 98  VAL n 
1 99  GLN n 
1 100 LYS n 
1 101 TRP n 
1 102 ASP n 
1 103 GLY n 
1 104 LYS n 
1 105 SER n 
1 106 THR n 
1 107 THR n 
1 108 ILE n 
1 109 LYS n 
1 110 ARG n 
1 111 LYS n 
1 112 ARG n 
1 113 GLU n 
1 114 ASP n 
1 115 ASP n 
1 116 LYS n 
1 117 LEU n 
1 118 VAL n 
1 119 VAL n 
1 120 GLU n 
1 121 CYS n 
1 122 VAL n 
1 123 MET n 
1 124 LYS n 
1 125 GLY n 
1 126 VAL n 
1 127 THR n 
1 128 SER n 
1 129 THR n 
1 130 ARG n 
1 131 VAL n 
1 132 TYR n 
1 133 GLU n 
1 134 ARG n 
1 135 ALA n 
# 
_entity_src_gen.entity_id                          1 
_entity_src_gen.pdbx_src_id                        1 
_entity_src_gen.pdbx_alt_source_flag               sample 
_entity_src_gen.pdbx_seq_type                      'Biological sequence' 
_entity_src_gen.pdbx_beg_seq_num                   1 
_entity_src_gen.pdbx_end_seq_num                   135 
_entity_src_gen.gene_src_common_name               human 
_entity_src_gen.gene_src_genus                     ? 
_entity_src_gen.pdbx_gene_src_gene                 FABP4 
_entity_src_gen.gene_src_species                   ? 
_entity_src_gen.gene_src_strain                    ? 
_entity_src_gen.gene_src_tissue                    ? 
_entity_src_gen.gene_src_tissue_fraction           ? 
_entity_src_gen.gene_src_details                   ? 
_entity_src_gen.pdbx_gene_src_fragment             ? 
_entity_src_gen.pdbx_gene_src_scientific_name      'Homo sapiens' 
_entity_src_gen.pdbx_gene_src_ncbi_taxonomy_id     9606 
_entity_src_gen.pdbx_gene_src_variant              ? 
_entity_src_gen.pdbx_gene_src_cell_line            ? 
_entity_src_gen.pdbx_gene_src_atcc                 ? 
_entity_src_gen.pdbx_gene_src_organ                ? 
_entity_src_gen.pdbx_gene_src_organelle            ? 
_entity_src_gen.pdbx_gene_src_cell                 ? 
_entity_src_gen.pdbx_gene_src_cellular_location    ? 
_entity_src_gen.host_org_common_name               ? 
_entity_src_gen.pdbx_host_org_scientific_name      'Escherichia coli BL21(DE3)' 
_entity_src_gen.pdbx_host_org_ncbi_taxonomy_id     469008 
_entity_src_gen.host_org_genus                     ? 
_entity_src_gen.pdbx_host_org_gene                 ? 
_entity_src_gen.pdbx_host_org_organ                ? 
_entity_src_gen.host_org_species                   ? 
_entity_src_gen.pdbx_host_org_tissue               ? 
_entity_src_gen.pdbx_host_org_tissue_fraction      ? 
_entity_src_gen.pdbx_host_org_strain               ? 
_entity_src_gen.pdbx_host_org_variant              ? 
_entity_src_gen.pdbx_host_org_cell_line            ? 
_entity_src_gen.pdbx_host_org_atcc                 ? 
_entity_src_gen.pdbx_host_org_culture_collection   ? 
_entity_src_gen.pdbx_host_org_cell                 ? 
_entity_src_gen.pdbx_host_org_organelle            ? 
_entity_src_gen.pdbx_host_org_cellular_location    ? 
_entity_src_gen.pdbx_host_org_vector_type          plasmid 
_entity_src_gen.pdbx_host_org_vector               ? 
_entity_src_gen.host_org_details                   ? 
_entity_src_gen.expression_system_id               ? 
_entity_src_gen.plasmid_name                       PET15b 
_entity_src_gen.plasmid_details                    ? 
_entity_src_gen.pdbx_description                   ? 
# 
loop_
_chem_comp.id 
_chem_comp.type 
_chem_comp.mon_nstd_flag 
_chem_comp.name 
_chem_comp.pdbx_synonyms 
_chem_comp.formula 
_chem_comp.formula_weight 
ALA 'L-peptide linking' y ALANINE         ?                               'C3 H7 N O2'     89.093  
ARG 'L-peptide linking' y ARGININE        ?                               'C6 H15 N4 O2 1' 175.209 
ASN 'L-peptide linking' y ASPARAGINE      ?                               'C4 H8 N2 O3'    132.118 
ASP 'L-peptide linking' y 'ASPARTIC ACID' ?                               'C4 H7 N O4'     133.103 
CYS 'L-peptide linking' y CYSTEINE        ?                               'C3 H7 N O2 S'   121.158 
GLN 'L-peptide linking' y GLUTAMINE       ?                               'C5 H10 N2 O3'   146.144 
GLU 'L-peptide linking' y 'GLUTAMIC ACID' ?                               'C5 H9 N O4'     147.129 
GLY 'peptide linking'   y GLYCINE         ?                               'C2 H5 N O2'     75.067  
GOL non-polymer         . GLYCEROL        'GLYCERIN; PROPANE-1,2,3-TRIOL' 'C3 H8 O3'       92.094  
HIS 'L-peptide linking' y HISTIDINE       ?                               'C6 H10 N3 O2 1' 156.162 
HOH non-polymer         . WATER           ?                               'H2 O'           18.015  
ILE 'L-peptide linking' y ISOLEUCINE      ?                               'C6 H13 N O2'    131.173 
LEU 'L-peptide linking' y LEUCINE         ?                               'C6 H13 N O2'    131.173 
LYS 'L-peptide linking' y LYSINE          ?                               'C6 H15 N2 O2 1' 147.195 
MET 'L-peptide linking' y METHIONINE      ?                               'C5 H11 N O2 S'  149.211 
PHE 'L-peptide linking' y PHENYLALANINE   ?                               'C9 H11 N O2'    165.189 
PRO 'L-peptide linking' y PROLINE         ?                               'C5 H9 N O2'     115.130 
SER 'L-peptide linking' y SERINE          ?                               'C3 H7 N O3'     105.093 
SO4 non-polymer         . 'SULFATE ION'   ?                               'O4 S -2'        96.063  
THR 'L-peptide linking' y THREONINE       ?                               'C4 H9 N O3'     119.119 
TRP 'L-peptide linking' y TRYPTOPHAN      ?                               'C11 H12 N2 O2'  204.225 
TYR 'L-peptide linking' y TYROSINE        ?                               'C9 H11 N O3'    181.189 
VAL 'L-peptide linking' y VALINE          ?                               'C5 H11 N O2'    117.146 
# 
loop_
_pdbx_poly_seq_scheme.asym_id 
_pdbx_poly_seq_scheme.entity_id 
_pdbx_poly_seq_scheme.seq_id 
_pdbx_poly_seq_scheme.mon_id 
_pdbx_poly_seq_scheme.ndb_seq_num 
_pdbx_poly_seq_scheme.pdb_seq_num 
_pdbx_poly_seq_scheme.auth_seq_num 
_pdbx_poly_seq_scheme.pdb_mon_id 
_pdbx_poly_seq_scheme.auth_mon_id 
_pdbx_poly_seq_scheme.pdb_strand_id 
_pdbx_poly_seq_scheme.pdb_ins_code 
_pdbx_poly_seq_scheme.hetero 
A 1 1   GLY 1   -3  -3  GLY GLY A . n 
A 1 2   SER 2   -2  -2  SER SER A . n 
A 1 3   HIS 3   -1  -1  HIS HIS A . n 
A 1 4   MET 4   0   0   MET MET A . n 
A 1 5   CYS 5   1   1   CYS CYS A . n 
A 1 6   ASP 6   2   2   ASP ASP A . n 
A 1 7   ALA 7   3   3   ALA ALA A . n 
A 1 8   PHE 8   4   4   PHE PHE A . n 
A 1 9   VAL 9   5   5   VAL VAL A . n 
A 1 10  GLY 10  6   6   GLY GLY A . n 
A 1 11  THR 11  7   7   THR THR A . n 
A 1 12  TRP 12  8   8   TRP TRP A . n 
A 1 13  LYS 13  9   9   LYS LYS A . n 
A 1 14  LEU 14  10  10  LEU LEU A . n 
A 1 15  VAL 15  11  11  VAL VAL A . n 
A 1 16  SER 16  12  12  SER SER A . n 
A 1 17  SER 17  13  13  SER SER A . n 
A 1 18  GLU 18  14  14  GLU GLU A . n 
A 1 19  ASN 19  15  15  ASN ASN A . n 
A 1 20  PHE 20  16  16  PHE PHE A . n 
A 1 21  ASP 21  17  17  ASP ASP A . n 
A 1 22  ASP 22  18  18  ASP ASP A . n 
A 1 23  TYR 23  19  19  TYR TYR A . n 
A 1 24  MET 24  20  20  MET MET A . n 
A 1 25  LYS 25  21  21  LYS LYS A . n 
A 1 26  GLU 26  22  22  GLU GLU A . n 
A 1 27  VAL 27  23  23  VAL VAL A . n 
A 1 28  GLY 28  24  24  GLY GLY A . n 
A 1 29  VAL 29  25  25  VAL VAL A . n 
A 1 30  GLY 30  26  26  GLY GLY A . n 
A 1 31  PHE 31  27  27  PHE PHE A . n 
A 1 32  ALA 32  28  28  ALA ALA A . n 
A 1 33  THR 33  29  29  THR THR A . n 
A 1 34  ARG 34  30  30  ARG ARG A . n 
A 1 35  LYS 35  31  31  LYS LYS A . n 
A 1 36  VAL 36  32  32  VAL VAL A . n 
A 1 37  ALA 37  33  33  ALA ALA A . n 
A 1 38  GLY 38  34  34  GLY GLY A . n 
A 1 39  MET 39  35  35  MET MET A . n 
A 1 40  ALA 40  36  36  ALA ALA A . n 
A 1 41  LYS 41  37  37  LYS LYS A . n 
A 1 42  PRO 42  38  38  PRO PRO A . n 
A 1 43  ASN 43  39  39  ASN ASN A . n 
A 1 44  MET 44  40  40  MET MET A . n 
A 1 45  ILE 45  41  41  ILE ILE A . n 
A 1 46  ILE 46  42  42  ILE ILE A . n 
A 1 47  SER 47  43  43  SER SER A . n 
A 1 48  VAL 48  44  44  VAL VAL A . n 
A 1 49  ASN 49  45  45  ASN ASN A . n 
A 1 50  GLY 50  46  46  GLY GLY A . n 
A 1 51  ASP 51  47  47  ASP ASP A . n 
A 1 52  VAL 52  48  48  VAL VAL A . n 
A 1 53  ILE 53  49  49  ILE ILE A . n 
A 1 54  THR 54  50  50  THR THR A . n 
A 1 55  ILE 55  51  51  ILE ILE A . n 
A 1 56  LYS 56  52  52  LYS LYS A . n 
A 1 57  SER 57  53  53  SER SER A . n 
A 1 58  GLU 58  54  54  GLU GLU A . n 
A 1 59  SER 59  55  55  SER SER A . n 
A 1 60  THR 60  56  56  THR THR A . n 
A 1 61  PHE 61  57  57  PHE PHE A . n 
A 1 62  LYS 62  58  58  LYS LYS A . n 
A 1 63  ASN 63  59  59  ASN ASN A . n 
A 1 64  THR 64  60  60  THR THR A . n 
A 1 65  GLU 65  61  61  GLU GLU A . n 
A 1 66  ILE 66  62  62  ILE ILE A . n 
A 1 67  SER 67  63  63  SER SER A . n 
A 1 68  PHE 68  64  64  PHE PHE A . n 
A 1 69  ILE 69  65  65  ILE ILE A . n 
A 1 70  LEU 70  66  66  LEU LEU A . n 
A 1 71  GLY 71  67  67  GLY GLY A . n 
A 1 72  GLN 72  68  68  GLN GLN A . n 
A 1 73  GLU 73  69  69  GLU GLU A . n 
A 1 74  PHE 74  70  70  PHE PHE A . n 
A 1 75  ASP 75  71  71  ASP ASP A . n 
A 1 76  GLU 76  72  72  GLU GLU A . n 
A 1 77  VAL 77  73  73  VAL VAL A . n 
A 1 78  THR 78  74  74  THR THR A . n 
A 1 79  ALA 79  75  75  ALA ALA A . n 
A 1 80  ASP 80  76  76  ASP ASP A . n 
A 1 81  ASP 81  77  77  ASP ASP A . n 
A 1 82  ARG 82  78  78  ARG ARG A . n 
A 1 83  LYS 83  79  79  LYS LYS A . n 
A 1 84  VAL 84  80  80  VAL VAL A . n 
A 1 85  LYS 85  81  81  LYS LYS A . n 
A 1 86  SER 86  82  82  SER SER A . n 
A 1 87  THR 87  83  83  THR THR A . n 
A 1 88  ILE 88  84  84  ILE ILE A . n 
A 1 89  THR 89  85  85  THR THR A . n 
A 1 90  LEU 90  86  86  LEU LEU A . n 
A 1 91  ASP 91  87  87  ASP ASP A . n 
A 1 92  GLY 92  88  88  GLY GLY A . n 
A 1 93  GLY 93  89  89  GLY GLY A . n 
A 1 94  VAL 94  90  90  VAL VAL A . n 
A 1 95  LEU 95  91  91  LEU LEU A . n 
A 1 96  VAL 96  92  92  VAL VAL A . n 
A 1 97  HIS 97  93  93  HIS HIS A . n 
A 1 98  VAL 98  94  94  VAL VAL A . n 
A 1 99  GLN 99  95  95  GLN GLN A . n 
A 1 100 LYS 100 96  96  LYS LYS A . n 
A 1 101 TRP 101 97  97  TRP TRP A . n 
A 1 102 ASP 102 98  98  ASP ASP A . n 
A 1 103 GLY 103 99  99  GLY GLY A . n 
A 1 104 LYS 104 100 100 LYS LYS A . n 
A 1 105 SER 105 101 101 SER SER A . n 
A 1 106 THR 106 102 102 THR THR A . n 
A 1 107 THR 107 103 103 THR THR A . n 
A 1 108 ILE 108 104 104 ILE ILE A . n 
A 1 109 LYS 109 105 105 LYS LYS A . n 
A 1 110 ARG 110 106 106 ARG ARG A . n 
A 1 111 LYS 111 107 107 LYS LYS A . n 
A 1 112 ARG 112 108 108 ARG ARG A . n 
A 1 113 GLU 113 109 109 GLU GLU A . n 
A 1 114 ASP 114 110 110 ASP ASP A . n 
A 1 115 ASP 115 111 111 ASP ASP A . n 
A 1 116 LYS 116 112 112 LYS LYS A . n 
A 1 117 LEU 117 113 113 LEU LEU A . n 
A 1 118 VAL 118 114 114 VAL VAL A . n 
A 1 119 VAL 119 115 115 VAL VAL A . n 
A 1 120 GLU 120 116 116 GLU GLU A . n 
A 1 121 CYS 121 117 117 CYS CYS A . n 
A 1 122 VAL 122 118 118 VAL VAL A . n 
A 1 123 MET 123 119 119 MET MET A . n 
A 1 124 LYS 124 120 120 LYS LYS A . n 
A 1 125 GLY 125 121 121 GLY GLY A . n 
A 1 126 VAL 126 122 122 VAL VAL A . n 
A 1 127 THR 127 123 123 THR THR A . n 
A 1 128 SER 128 124 124 SER SER A . n 
A 1 129 THR 129 125 125 THR THR A . n 
A 1 130 ARG 130 126 126 ARG ARG A . n 
A 1 131 VAL 131 127 127 VAL VAL A . n 
A 1 132 TYR 132 128 128 TYR TYR A . n 
A 1 133 GLU 133 129 129 GLU GLU A . n 
A 1 134 ARG 134 130 130 ARG ARG A . n 
A 1 135 ALA 135 131 131 ALA ALA A . n 
# 
loop_
_pdbx_nonpoly_scheme.asym_id 
_pdbx_nonpoly_scheme.entity_id 
_pdbx_nonpoly_scheme.mon_id 
_pdbx_nonpoly_scheme.ndb_seq_num 
_pdbx_nonpoly_scheme.pdb_seq_num 
_pdbx_nonpoly_scheme.auth_seq_num 
_pdbx_nonpoly_scheme.pdb_mon_id 
_pdbx_nonpoly_scheme.auth_mon_id 
_pdbx_nonpoly_scheme.pdb_strand_id 
_pdbx_nonpoly_scheme.pdb_ins_code 
B 2 GOL 1   201 1   GOL GOL A . 
C 3 SO4 1   202 1   SO4 SO4 A . 
D 2 GOL 1   203 1   GOL GOL A . 
E 3 SO4 1   204 3   SO4 SO4 A . 
F 4 HOH 1   301 121 HOH HOH A . 
F 4 HOH 2   302 61  HOH HOH A . 
F 4 HOH 3   303 12  HOH HOH A . 
F 4 HOH 4   304 47  HOH HOH A . 
F 4 HOH 5   305 119 HOH HOH A . 
F 4 HOH 6   306 53  HOH HOH A . 
F 4 HOH 7   307 43  HOH HOH A . 
F 4 HOH 8   308 82  HOH HOH A . 
F 4 HOH 9   309 30  HOH HOH A . 
F 4 HOH 10  310 89  HOH HOH A . 
F 4 HOH 11  311 38  HOH HOH A . 
F 4 HOH 12  312 54  HOH HOH A . 
F 4 HOH 13  313 117 HOH HOH A . 
F 4 HOH 14  314 103 HOH HOH A . 
F 4 HOH 15  315 20  HOH HOH A . 
F 4 HOH 16  316 5   HOH HOH A . 
F 4 HOH 17  317 86  HOH HOH A . 
F 4 HOH 18  318 14  HOH HOH A . 
F 4 HOH 19  319 34  HOH HOH A . 
F 4 HOH 20  320 73  HOH HOH A . 
F 4 HOH 21  321 52  HOH HOH A . 
F 4 HOH 22  322 16  HOH HOH A . 
F 4 HOH 23  323 27  HOH HOH A . 
F 4 HOH 24  324 68  HOH HOH A . 
F 4 HOH 25  325 25  HOH HOH A . 
F 4 HOH 26  326 106 HOH HOH A . 
F 4 HOH 27  327 104 HOH HOH A . 
F 4 HOH 28  328 41  HOH HOH A . 
F 4 HOH 29  329 76  HOH HOH A . 
F 4 HOH 30  330 6   HOH HOH A . 
F 4 HOH 31  331 31  HOH HOH A . 
F 4 HOH 32  332 22  HOH HOH A . 
F 4 HOH 33  333 69  HOH HOH A . 
F 4 HOH 34  334 90  HOH HOH A . 
F 4 HOH 35  335 45  HOH HOH A . 
F 4 HOH 36  336 62  HOH HOH A . 
F 4 HOH 37  337 44  HOH HOH A . 
F 4 HOH 38  338 87  HOH HOH A . 
F 4 HOH 39  339 100 HOH HOH A . 
F 4 HOH 40  340 3   HOH HOH A . 
F 4 HOH 41  341 10  HOH HOH A . 
F 4 HOH 42  342 11  HOH HOH A . 
F 4 HOH 43  343 8   HOH HOH A . 
F 4 HOH 44  344 15  HOH HOH A . 
F 4 HOH 45  345 102 HOH HOH A . 
F 4 HOH 46  346 9   HOH HOH A . 
F 4 HOH 47  347 1   HOH HOH A . 
F 4 HOH 48  348 91  HOH HOH A . 
F 4 HOH 49  349 96  HOH HOH A . 
F 4 HOH 50  350 101 HOH HOH A . 
F 4 HOH 51  351 26  HOH HOH A . 
F 4 HOH 52  352 63  HOH HOH A . 
F 4 HOH 53  353 92  HOH HOH A . 
F 4 HOH 54  354 97  HOH HOH A . 
F 4 HOH 55  355 4   HOH HOH A . 
F 4 HOH 56  356 19  HOH HOH A . 
F 4 HOH 57  357 23  HOH HOH A . 
F 4 HOH 58  358 18  HOH HOH A . 
F 4 HOH 59  359 33  HOH HOH A . 
F 4 HOH 60  360 7   HOH HOH A . 
F 4 HOH 61  361 57  HOH HOH A . 
F 4 HOH 62  362 37  HOH HOH A . 
F 4 HOH 63  363 51  HOH HOH A . 
F 4 HOH 64  364 66  HOH HOH A . 
F 4 HOH 65  365 13  HOH HOH A . 
F 4 HOH 66  366 50  HOH HOH A . 
F 4 HOH 67  367 112 HOH HOH A . 
F 4 HOH 68  368 56  HOH HOH A . 
F 4 HOH 69  369 55  HOH HOH A . 
F 4 HOH 70  370 99  HOH HOH A . 
F 4 HOH 71  371 98  HOH HOH A . 
F 4 HOH 72  372 24  HOH HOH A . 
F 4 HOH 73  373 28  HOH HOH A . 
F 4 HOH 74  374 17  HOH HOH A . 
F 4 HOH 75  375 95  HOH HOH A . 
F 4 HOH 76  376 58  HOH HOH A . 
F 4 HOH 77  377 2   HOH HOH A . 
F 4 HOH 78  378 83  HOH HOH A . 
F 4 HOH 79  379 74  HOH HOH A . 
F 4 HOH 80  380 109 HOH HOH A . 
F 4 HOH 81  381 75  HOH HOH A . 
F 4 HOH 82  382 42  HOH HOH A . 
F 4 HOH 83  383 40  HOH HOH A . 
F 4 HOH 84  384 35  HOH HOH A . 
F 4 HOH 85  385 32  HOH HOH A . 
F 4 HOH 86  386 60  HOH HOH A . 
F 4 HOH 87  387 21  HOH HOH A . 
F 4 HOH 88  388 59  HOH HOH A . 
F 4 HOH 89  389 122 HOH HOH A . 
F 4 HOH 90  390 84  HOH HOH A . 
F 4 HOH 91  391 46  HOH HOH A . 
F 4 HOH 92  392 108 HOH HOH A . 
F 4 HOH 93  393 67  HOH HOH A . 
F 4 HOH 94  394 81  HOH HOH A . 
F 4 HOH 95  395 39  HOH HOH A . 
F 4 HOH 96  396 77  HOH HOH A . 
F 4 HOH 97  397 65  HOH HOH A . 
F 4 HOH 98  398 29  HOH HOH A . 
F 4 HOH 99  399 48  HOH HOH A . 
F 4 HOH 100 400 79  HOH HOH A . 
F 4 HOH 101 401 114 HOH HOH A . 
F 4 HOH 102 402 70  HOH HOH A . 
F 4 HOH 103 403 107 HOH HOH A . 
F 4 HOH 104 404 64  HOH HOH A . 
F 4 HOH 105 405 36  HOH HOH A . 
F 4 HOH 106 406 85  HOH HOH A . 
F 4 HOH 107 407 105 HOH HOH A . 
F 4 HOH 108 408 94  HOH HOH A . 
F 4 HOH 109 409 72  HOH HOH A . 
F 4 HOH 110 410 88  HOH HOH A . 
F 4 HOH 111 411 93  HOH HOH A . 
F 4 HOH 112 412 71  HOH HOH A . 
F 4 HOH 113 413 123 HOH HOH A . 
F 4 HOH 114 414 111 HOH HOH A . 
F 4 HOH 115 415 110 HOH HOH A . 
F 4 HOH 116 416 80  HOH HOH A . 
F 4 HOH 117 417 113 HOH HOH A . 
F 4 HOH 118 418 78  HOH HOH A . 
F 4 HOH 119 419 49  HOH HOH A . 
F 4 HOH 120 420 120 HOH HOH A . 
F 4 HOH 121 421 115 HOH HOH A . 
F 4 HOH 122 422 116 HOH HOH A . 
F 4 HOH 123 423 118 HOH HOH A . 
# 
loop_
_software.pdbx_ordinal 
_software.name 
_software.version 
_software.date 
_software.type 
_software.contact_author 
_software.contact_author_email 
_software.classification 
_software.location 
_software.language 
_software.citation_id 
1 XSCALE      .        ?               package 'Wolfgang Kabsch'    ?                        'data scaling'    
http://www.mpimf-heidelberg.mpg.de/~kabsch/xds/html_doc/xscale_program.html ?          ? 
2 REFMAC      5.7.0018 ?               program 'Garib N. Murshudov' garib@ysbl.york.ac.uk    refinement        
http://www.ccp4.ac.uk/dist/html/refmac5.html                                Fortran_77 ? 
3 PDB_EXTRACT 3.27     'Oct. 31, 2020' package PDB                  deposit@deposit.rcsb.org 'data extraction' 
http://sw-tools.pdb.org/apps/PDB_EXTRACT/                                   C++        ? 
4 XDS         .        ?               ?       ?                    ?                        'data reduction'  ? ?          ? 
5 PHASER      .        ?               ?       ?                    ?                        phasing           ? ?          ? 
# 
_cell.entry_id           7FW4 
_cell.length_a           35.276 
_cell.length_b           54.706 
_cell.length_c           74.603 
_cell.angle_alpha        90.000 
_cell.angle_beta         90.000 
_cell.angle_gamma        90.000 
_cell.Z_PDB              4 
_cell.pdbx_unique_axis   ? 
# 
_symmetry.entry_id                         7FW4 
_symmetry.space_group_name_H-M             'P 21 21 21' 
_symmetry.pdbx_full_space_group_name_H-M   ? 
_symmetry.cell_setting                     ? 
_symmetry.Int_Tables_number                19 
# 
_exptl.crystals_number   1 
_exptl.entry_id          7FW4 
_exptl.method            'X-RAY DIFFRACTION' 
# 
_exptl_crystal.id                    1 
_exptl_crystal.density_meas          ? 
_exptl_crystal.density_Matthews      2.40 
_exptl_crystal.density_percent_sol   48.66 
_exptl_crystal.description           ? 
_exptl_crystal.preparation           ? 
# 
_exptl_crystal_grow.crystal_id      1 
_exptl_crystal_grow.method          'VAPOR DIFFUSION, SITTING DROP' 
_exptl_crystal_grow.pH              7.0 
_exptl_crystal_grow.temp            293 
_exptl_crystal_grow.pdbx_details    'protein in 25mM Tris/HCl pH 7.5 100mM NaCl, see also PMID 27658368' 
_exptl_crystal_grow.temp_details    ? 
_exptl_crystal_grow.pdbx_pH_range   ? 
# 
_diffrn.id                               1 
_diffrn.crystal_id                       1 
_diffrn.ambient_temp                     100 
_diffrn.ambient_temp_details             ? 
_diffrn.pdbx_serial_crystal_experiment   ? 
# 
_diffrn_detector.diffrn_id              1 
_diffrn_detector.detector               PIXEL 
_diffrn_detector.type                   'PSI PILATUS 6M' 
_diffrn_detector.pdbx_collection_date   2012-04-01 
_diffrn_detector.details                ? 
# 
_diffrn_radiation.diffrn_id                        1 
_diffrn_radiation.pdbx_diffrn_protocol             'SINGLE WAVELENGTH' 
_diffrn_radiation.monochromator                    ? 
_diffrn_radiation.pdbx_monochromatic_or_laue_m_l   M 
_diffrn_radiation.wavelength_id                    1 
_diffrn_radiation.pdbx_scattering_type             x-ray 
# 
_diffrn_radiation_wavelength.id           1 
_diffrn_radiation_wavelength.wavelength   0.999980 
_diffrn_radiation_wavelength.wt           1.0 
# 
_diffrn_source.diffrn_id                   1 
_diffrn_source.source                      SYNCHROTRON 
_diffrn_source.type                        'SLS BEAMLINE X10SA' 
_diffrn_source.pdbx_wavelength_list        0.999980 
_diffrn_source.pdbx_synchrotron_site       SLS 
_diffrn_source.pdbx_synchrotron_beamline   X10SA 
_diffrn_source.pdbx_wavelength             ? 
# 
_reflns.entry_id                     7FW4 
_reflns.pdbx_diffrn_id               1 
_reflns.pdbx_ordinal                 1 
_reflns.observed_criterion_sigma_I   ? 
_reflns.observed_criterion_sigma_F   ? 
_reflns.d_resolution_low             44.12 
_reflns.d_resolution_high            1.440 
_reflns.number_obs                   26731 
_reflns.number_all                   ? 
_reflns.percent_possible_obs         99.400 
_reflns.pdbx_Rmerge_I_obs            0.045 
_reflns.pdbx_Rsym_value              0.045 
_reflns.pdbx_netI_over_sigmaI        15.980 
_reflns.B_iso_Wilson_estimate        29.559 
_reflns.pdbx_redundancy              6.060 
_reflns.pdbx_Rrim_I_all              0.049 
_reflns.pdbx_Rpim_I_all              ? 
_reflns.pdbx_CC_half                 0.999 
_reflns.pdbx_netI_over_av_sigmaI     ? 
_reflns.pdbx_number_measured_all     161705 
_reflns.pdbx_scaling_rejects         152 
_reflns.pdbx_chi_squared             0.862 
_reflns.Rmerge_F_all                 ? 
_reflns.Rmerge_F_obs                 ? 
_reflns.observed_criterion_F_max     ? 
_reflns.observed_criterion_F_min     ? 
_reflns.observed_criterion_I_max     ? 
_reflns.observed_criterion_I_min     ? 
_reflns.pdbx_d_res_high_opt          ? 
_reflns.pdbx_d_res_low_opt           ? 
_reflns.details                      ? 
# 
loop_
_reflns_shell.pdbx_diffrn_id 
_reflns_shell.pdbx_ordinal 
_reflns_shell.d_res_high 
_reflns_shell.d_res_low 
_reflns_shell.number_measured_obs 
_reflns_shell.number_measured_all 
_reflns_shell.number_unique_obs 
_reflns_shell.pdbx_rejects 
_reflns_shell.Rmerge_I_obs 
_reflns_shell.meanI_over_sigI_obs 
_reflns_shell.pdbx_Rsym_value 
_reflns_shell.pdbx_chi_squared 
_reflns_shell.pdbx_redundancy 
_reflns_shell.percent_possible_obs 
_reflns_shell.pdbx_netI_over_sigmaI_obs 
_reflns_shell.number_possible 
_reflns_shell.number_unique_all 
_reflns_shell.Rmerge_F_all 
_reflns_shell.Rmerge_F_obs 
_reflns_shell.Rmerge_I_all 
_reflns_shell.meanI_over_sigI_all 
_reflns_shell.percent_possible_all 
_reflns_shell.pdbx_Rrim_I_all 
_reflns_shell.pdbx_Rpim_I_all 
_reflns_shell.pdbx_CC_half 
1 1  1.440 1.480  11056 ? 1929 ? 1.354 1.190  ? ? 5.731 ? ? 1959 ? ? ? ? ? 98.500 1.492 ? 0.647 
1 2  1.480 1.520  10785 ? 1857 ? 1.108 1.490  ? ? 5.808 ? ? 1887 ? ? ? ? ? 98.400 1.218 ? 0.748 
1 3  1.520 1.560  10151 ? 1829 ? 0.796 2.080  ? ? 5.550 ? ? 1847 ? ? ? ? ? 99.000 0.880 ? 0.852 
1 4  1.560 1.610  10602 ? 1792 ? 0.516 3.220  ? ? 5.916 ? ? 1811 ? ? ? ? ? 99.000 0.567 ? 0.926 
1 5  1.610 1.660  10940 ? 1735 ? 0.421 3.900  ? ? 6.305 ? ? 1745 ? ? ? ? ? 99.400 0.459 ? 0.958 
1 6  1.660 1.720  10557 ? 1684 ? 0.279 5.720  ? ? 6.269 ? ? 1695 ? ? ? ? ? 99.400 0.305 ? 0.980 
1 7  1.720 1.790  9958  ? 1624 ? 0.233 6.730  ? ? 6.132 ? ? 1634 ? ? ? ? ? 99.400 0.255 ? 0.987 
1 8  1.790 1.860  9118  ? 1580 ? 0.164 9.290  ? ? 5.771 ? ? 1591 ? ? ? ? ? 99.300 0.180 ? 0.992 
1 9  1.860 1.940  9481  ? 1502 ? 0.100 14.260 ? ? 6.312 ? ? 1515 ? ? ? ? ? 99.100 0.109 ? 0.997 
1 10 1.940 2.040  9239  ? 1436 ? 0.075 18.480 ? ? 6.434 ? ? 1448 ? ? ? ? ? 99.200 0.082 ? 0.998 
1 11 2.040 2.150  8839  ? 1379 ? 0.061 23.160 ? ? 6.410 ? ? 1385 ? ? ? ? ? 99.600 0.066 ? 0.999 
1 12 2.150 2.280  8060  ? 1306 ? 0.053 27.210 ? ? 6.172 ? ? 1316 ? ? ? ? ? 99.200 0.057 ? 0.998 
1 13 2.280 2.430  7180  ? 1240 ? 0.047 30.060 ? ? 5.790 ? ? 1247 ? ? ? ? ? 99.400 0.051 ? 0.999 
1 14 2.430 2.630  7580  ? 1155 ? 0.040 37.160 ? ? 6.563 ? ? 1158 ? ? ? ? ? 99.700 0.043 ? 0.999 
1 15 2.630 2.880  6939  ? 1086 ? 0.035 41.420 ? ? 6.390 ? ? 1087 ? ? ? ? ? 99.900 0.039 ? 0.999 
1 16 2.880 3.220  5886  ? 975  ? 0.036 45.510 ? ? 6.037 ? ? 985  ? ? ? ? ? 99.000 0.039 ? 0.999 
1 17 3.220 3.720  5014  ? 864  ? 0.030 48.660 ? ? 5.803 ? ? 868  ? ? ? ? ? 99.500 0.033 ? 0.999 
1 18 3.720 4.550  4770  ? 749  ? 0.030 54.060 ? ? 6.368 ? ? 750  ? ? ? ? ? 99.900 0.032 ? 0.999 
1 19 4.550 6.440  3448  ? 601  ? 0.030 51.940 ? ? 5.737 ? ? 602  ? ? ? ? ? 99.800 0.033 ? 0.998 
1 20 6.440 44.110 2102  ? 369  ? 0.029 50.880 ? ? 5.696 ? ? 371  ? ? ? ? ? 99.500 0.031 ? 0.999 
# 
_refine.entry_id                                 7FW4 
_refine.pdbx_refine_id                           'X-RAY DIFFRACTION' 
_refine.ls_d_res_high                            1.4400 
_refine.ls_d_res_low                             44.1100 
_refine.pdbx_ls_sigma_F                          0.000 
_refine.pdbx_data_cutoff_high_absF               ? 
_refine.pdbx_data_cutoff_low_absF                ? 
_refine.ls_percent_reflns_obs                    92.6000 
_refine.ls_number_reflns_obs                     23574 
_refine.ls_number_reflns_all                     ? 
_refine.pdbx_ls_cross_valid_method               THROUGHOUT 
_refine.ls_matrix_type                           ? 
_refine.pdbx_R_Free_selection_details            RANDOM 
_refine.details                                  
;30 vol-% glycerol (3.26M) soaked into crystal, two molecules bind at surface but none at ligand binding site. test performed upon request based on hypothesis that glycerol in protein preparation might influence binding and/or in vivo results. No binding of glycerol at ligand binding site.
;
_refine.ls_R_factor_all                          ? 
_refine.ls_R_factor_obs                          0.2008 
_refine.ls_R_factor_R_work                       0.1994 
_refine.ls_wR_factor_R_work                      ? 
_refine.ls_R_factor_R_free                       0.2260 
_refine.ls_wR_factor_R_free                      ? 
_refine.ls_percent_reflns_R_free                 5.2000 
_refine.ls_number_reflns_R_free                  1284 
_refine.ls_number_reflns_R_work                  ? 
_refine.ls_R_factor_R_free_error                 ? 
_refine.B_iso_mean                               25.5700 
_refine.solvent_model_param_bsol                 ? 
_refine.solvent_model_param_ksol                 ? 
_refine.pdbx_isotropic_thermal_model             ? 
_refine.aniso_B[1][1]                            1.9200 
_refine.aniso_B[2][2]                            0.1800 
_refine.aniso_B[3][3]                            -2.1000 
_refine.aniso_B[1][2]                            0.0000 
_refine.aniso_B[1][3]                            0.0000 
_refine.aniso_B[2][3]                            0.0000 
_refine.correlation_coeff_Fo_to_Fc               0.9700 
_refine.correlation_coeff_Fo_to_Fc_free          0.9600 
_refine.overall_SU_R_Cruickshank_DPI             ? 
_refine.pdbx_overall_SU_R_free_Cruickshank_DPI   ? 
_refine.pdbx_overall_SU_R_Blow_DPI               ? 
_refine.pdbx_overall_SU_R_free_Blow_DPI          ? 
_refine.overall_SU_R_free                        ? 
_refine.pdbx_overall_ESU_R                       0.0790 
_refine.pdbx_overall_ESU_R_Free                  0.0790 
_refine.overall_SU_ML                            0.0710 
_refine.overall_SU_B                             2.0010 
_refine.solvent_model_details                    MASK 
_refine.pdbx_solvent_vdw_probe_radii             1.2000 
_refine.pdbx_solvent_ion_probe_radii             0.8000 
_refine.pdbx_solvent_shrinkage_radii             0.8000 
_refine.ls_number_parameters                     ? 
_refine.ls_number_restraints                     ? 
_refine.pdbx_starting_model                      'inhouse model' 
_refine.pdbx_method_to_determine_struct          'MOLECULAR REPLACEMENT' 
_refine.pdbx_stereochemistry_target_values       'MAXIMUM LIKELIHOOD' 
_refine.pdbx_stereochem_target_val_spec_case     ? 
_refine.overall_FOM_work_R_set                   ? 
_refine.B_iso_max                                69.810 
_refine.B_iso_min                                13.750 
_refine.pdbx_overall_phase_error                 ? 
_refine.occupancy_max                            ? 
_refine.occupancy_min                            ? 
_refine.pdbx_diffrn_id                           1 
_refine.pdbx_TLS_residual_ADP_flag               ? 
_refine.pdbx_ls_sigma_I                          ? 
_refine.pdbx_data_cutoff_high_rms_absF           ? 
_refine.ls_R_factor_R_free_error_details         ? 
# 
_refine_hist.cycle_id                         final 
_refine_hist.pdbx_refine_id                   'X-RAY DIFFRACTION' 
_refine_hist.d_res_high                       1.4400 
_refine_hist.d_res_low                        44.1100 
_refine_hist.pdbx_number_atoms_ligand         22 
_refine_hist.number_atoms_solvent             123 
_refine_hist.number_atoms_total               1195 
_refine_hist.pdbx_number_residues_total       135 
_refine_hist.pdbx_B_iso_mean_ligand           43.31 
_refine_hist.pdbx_B_iso_mean_solvent          34.84 
_refine_hist.pdbx_number_atoms_protein        1050 
_refine_hist.pdbx_number_atoms_nucleic_acid   0 
# 
loop_
_refine_ls_restr.pdbx_refine_id 
_refine_ls_restr.type 
_refine_ls_restr.number 
_refine_ls_restr.dev_ideal 
_refine_ls_restr.dev_ideal_target 
_refine_ls_restr.weight 
_refine_ls_restr.pdbx_restraint_function 
'X-RAY DIFFRACTION' r_bond_refined_d       1185 0.015  0.020  ? ? 
'X-RAY DIFFRACTION' r_angle_refined_deg    1616 1.771  1.974  ? ? 
'X-RAY DIFFRACTION' r_dihedral_angle_1_deg 165  5.881  5.000  ? ? 
'X-RAY DIFFRACTION' r_dihedral_angle_2_deg 52   36.614 25.000 ? ? 
'X-RAY DIFFRACTION' r_dihedral_angle_3_deg 238  14.676 15.000 ? ? 
'X-RAY DIFFRACTION' r_dihedral_angle_4_deg 7    18.127 15.000 ? ? 
'X-RAY DIFFRACTION' r_chiral_restr         191  0.117  0.200  ? ? 
'X-RAY DIFFRACTION' r_gen_planes_refined   865  0.008  0.020  ? ? 
# 
_refine_ls_shell.d_res_high                       1.4400 
_refine_ls_shell.d_res_low                        1.4770 
_refine_ls_shell.pdbx_total_number_of_bins_used   20 
_refine_ls_shell.percent_reflns_obs               81.9100 
_refine_ls_shell.number_reflns_R_work             1512 
_refine_ls_shell.R_factor_all                     ? 
_refine_ls_shell.R_factor_R_work                  0.4060 
_refine_ls_shell.R_factor_R_free                  0.4060 
_refine_ls_shell.percent_reflns_R_free            ? 
_refine_ls_shell.number_reflns_R_free             91 
_refine_ls_shell.R_factor_R_free_error            0.0000 
_refine_ls_shell.number_reflns_all                1603 
_refine_ls_shell.number_reflns_obs                ? 
_refine_ls_shell.pdbx_refine_id                   'X-RAY DIFFRACTION' 
# 
_struct.entry_id                  7FW4 
_struct.title                     'Crystal Structure of human FABP4 soaked with glycerol' 
_struct.pdbx_model_details        ? 
_struct.pdbx_CASP_flag            ? 
_struct.pdbx_model_type_details   ? 
# 
_struct_keywords.entry_id        7FW4 
_struct_keywords.text            
'LIPID BINDING PROTEIN, FATTY ACID BINDING PROTEIN, CYTOPLASM, LIPID-BINDING, TRANSPORT, PROTEIN BINDING' 
_struct_keywords.pdbx_keywords   'LIPID BINDING PROTEIN' 
# 
loop_
_struct_asym.id 
_struct_asym.pdbx_blank_PDB_chainid_flag 
_struct_asym.pdbx_modified 
_struct_asym.entity_id 
_struct_asym.details 
A N N 1 ? 
B N N 2 ? 
C N N 3 ? 
D N N 2 ? 
E N N 3 ? 
F N N 4 ? 
# 
_struct_ref.id                         1 
_struct_ref.db_name                    UNP 
_struct_ref.db_code                    FABP4_HUMAN 
_struct_ref.pdbx_db_accession          P15090 
_struct_ref.pdbx_db_isoform            ? 
_struct_ref.entity_id                  1 
_struct_ref.pdbx_seq_one_letter_code   
;MCDAFVGTWKLVSSENFDDYMKEVGVGFATRKVAGMAKPNMIISVNGDVITIKSESTFKNTEISFILGQEFDEVTADDRK
VKSTITLDGGVLVHVQKWDGKSTTIKRKREDDKLVVECVMKGVTSTRVYERA
;
_struct_ref.pdbx_align_begin           1 
# 
_struct_ref_seq.align_id                      1 
_struct_ref_seq.ref_id                        1 
_struct_ref_seq.pdbx_PDB_id_code              7FW4 
_struct_ref_seq.pdbx_strand_id                A 
_struct_ref_seq.seq_align_beg                 4 
_struct_ref_seq.pdbx_seq_align_beg_ins_code   ? 
_struct_ref_seq.seq_align_end                 135 
_struct_ref_seq.pdbx_seq_align_end_ins_code   ? 
_struct_ref_seq.pdbx_db_accession             P15090 
_struct_ref_seq.db_align_beg                  1 
_struct_ref_seq.pdbx_db_align_beg_ins_code    ? 
_struct_ref_seq.db_align_end                  132 
_struct_ref_seq.pdbx_db_align_end_ins_code    ? 
_struct_ref_seq.pdbx_auth_seq_align_beg       0 
_struct_ref_seq.pdbx_auth_seq_align_end       131 
# 
loop_
_struct_ref_seq_dif.align_id 
_struct_ref_seq_dif.pdbx_pdb_id_code 
_struct_ref_seq_dif.mon_id 
_struct_ref_seq_dif.pdbx_pdb_strand_id 
_struct_ref_seq_dif.seq_num 
_struct_ref_seq_dif.pdbx_pdb_ins_code 
_struct_ref_seq_dif.pdbx_seq_db_name 
_struct_ref_seq_dif.pdbx_seq_db_accession_code 
_struct_ref_seq_dif.db_mon_id 
_struct_ref_seq_dif.pdbx_seq_db_seq_num 
_struct_ref_seq_dif.details 
_struct_ref_seq_dif.pdbx_auth_seq_num 
_struct_ref_seq_dif.pdbx_ordinal 
1 7FW4 GLY A 1 ? UNP P15090 ? ? 'expression tag' -3 1 
1 7FW4 SER A 2 ? UNP P15090 ? ? 'expression tag' -2 2 
1 7FW4 HIS A 3 ? UNP P15090 ? ? 'expression tag' -1 3 
# 
_pdbx_struct_assembly.id                   1 
_pdbx_struct_assembly.details              author_and_software_defined_assembly 
_pdbx_struct_assembly.method_details       PISA 
_pdbx_struct_assembly.oligomeric_details   monomeric 
_pdbx_struct_assembly.oligomeric_count     1 
# 
_pdbx_struct_assembly_gen.assembly_id       1 
_pdbx_struct_assembly_gen.oper_expression   1 
_pdbx_struct_assembly_gen.asym_id_list      A,B,C,D,E,F 
# 
_pdbx_struct_assembly_auth_evidence.id                     1 
_pdbx_struct_assembly_auth_evidence.assembly_id            1 
_pdbx_struct_assembly_auth_evidence.experimental_support   'gel filtration' 
_pdbx_struct_assembly_auth_evidence.details                'elutes as a monomer' 
# 
_pdbx_struct_oper_list.id                   1 
_pdbx_struct_oper_list.type                 'identity operation' 
_pdbx_struct_oper_list.name                 1_555 
_pdbx_struct_oper_list.symmetry_operation   x,y,z 
_pdbx_struct_oper_list.matrix[1][1]         1.0000000000 
_pdbx_struct_oper_list.matrix[1][2]         0.0000000000 
_pdbx_struct_oper_list.matrix[1][3]         0.0000000000 
_pdbx_struct_oper_list.vector[1]            0.0000000000 
_pdbx_struct_oper_list.matrix[2][1]         0.0000000000 
_pdbx_struct_oper_list.matrix[2][2]         1.0000000000 
_pdbx_struct_oper_list.matrix[2][3]         0.0000000000 
_pdbx_struct_oper_list.vector[2]            0.0000000000 
_pdbx_struct_oper_list.matrix[3][1]         0.0000000000 
_pdbx_struct_oper_list.matrix[3][2]         0.0000000000 
_pdbx_struct_oper_list.matrix[3][3]         1.0000000000 
_pdbx_struct_oper_list.vector[3]            0.0000000000 
# 
loop_
_struct_conf.conf_type_id 
_struct_conf.id 
_struct_conf.pdbx_PDB_helix_id 
_struct_conf.beg_label_comp_id 
_struct_conf.beg_label_asym_id 
_struct_conf.beg_label_seq_id 
_struct_conf.pdbx_beg_PDB_ins_code 
_struct_conf.end_label_comp_id 
_struct_conf.end_label_asym_id 
_struct_conf.end_label_seq_id 
_struct_conf.pdbx_end_PDB_ins_code 
_struct_conf.beg_auth_comp_id 
_struct_conf.beg_auth_asym_id 
_struct_conf.beg_auth_seq_id 
_struct_conf.end_auth_comp_id 
_struct_conf.end_auth_asym_id 
_struct_conf.end_auth_seq_id 
_struct_conf.pdbx_PDB_helix_class 
_struct_conf.details 
_struct_conf.pdbx_PDB_helix_length 
HELX_P HELX_P1 AA1 HIS A 3  ? VAL A 9  ? HIS A -1 VAL A 5  5 ? 7  
HELX_P HELX_P2 AA2 ASN A 19 ? GLY A 28 ? ASN A 15 GLY A 24 1 ? 10 
HELX_P HELX_P3 AA3 GLY A 30 ? ALA A 40 ? GLY A 26 ALA A 36 1 ? 11 
# 
_struct_conf_type.id          HELX_P 
_struct_conf_type.criteria    ? 
_struct_conf_type.reference   ? 
# 
_struct_sheet.id               AA1 
_struct_sheet.type             ? 
_struct_sheet.number_strands   10 
_struct_sheet.details          ? 
# 
loop_
_struct_sheet_order.sheet_id 
_struct_sheet_order.range_id_1 
_struct_sheet_order.range_id_2 
_struct_sheet_order.offset 
_struct_sheet_order.sense 
AA1 1 2  ? anti-parallel 
AA1 2 3  ? anti-parallel 
AA1 3 4  ? anti-parallel 
AA1 4 5  ? anti-parallel 
AA1 5 6  ? anti-parallel 
AA1 6 7  ? anti-parallel 
AA1 7 8  ? anti-parallel 
AA1 8 9  ? anti-parallel 
AA1 9 10 ? anti-parallel 
# 
loop_
_struct_sheet_range.sheet_id 
_struct_sheet_range.id 
_struct_sheet_range.beg_label_comp_id 
_struct_sheet_range.beg_label_asym_id 
_struct_sheet_range.beg_label_seq_id 
_struct_sheet_range.pdbx_beg_PDB_ins_code 
_struct_sheet_range.end_label_comp_id 
_struct_sheet_range.end_label_asym_id 
_struct_sheet_range.end_label_seq_id 
_struct_sheet_range.pdbx_end_PDB_ins_code 
_struct_sheet_range.beg_auth_comp_id 
_struct_sheet_range.beg_auth_asym_id 
_struct_sheet_range.beg_auth_seq_id 
_struct_sheet_range.end_auth_comp_id 
_struct_sheet_range.end_auth_asym_id 
_struct_sheet_range.end_auth_seq_id 
AA1 1  ASN A 63  ? PHE A 68  ? ASN A 59  PHE A 64  
AA1 2  VAL A 52  ? GLU A 58  ? VAL A 48  GLU A 54  
AA1 3  ASN A 43  ? ASN A 49  ? ASN A 39  ASN A 45  
AA1 4  GLY A 10  ? GLU A 18  ? GLY A 6   GLU A 14  
AA1 5  VAL A 126 ? ARG A 134 ? VAL A 122 ARG A 130 
AA1 6  LYS A 116 ? MET A 123 ? LYS A 112 MET A 119 
AA1 7  LYS A 104 ? GLU A 113 ? LYS A 100 GLU A 109 
AA1 8  VAL A 94  ? TRP A 101 ? VAL A 90  TRP A 97  
AA1 9  LYS A 83  ? ASP A 91  ? LYS A 79  ASP A 87  
AA1 10 PHE A 74  ? VAL A 77  ? PHE A 70  VAL A 73  
# 
loop_
_pdbx_struct_sheet_hbond.sheet_id 
_pdbx_struct_sheet_hbond.range_id_1 
_pdbx_struct_sheet_hbond.range_id_2 
_pdbx_struct_sheet_hbond.range_1_label_atom_id 
_pdbx_struct_sheet_hbond.range_1_label_comp_id 
_pdbx_struct_sheet_hbond.range_1_label_asym_id 
_pdbx_struct_sheet_hbond.range_1_label_seq_id 
_pdbx_struct_sheet_hbond.range_1_PDB_ins_code 
_pdbx_struct_sheet_hbond.range_1_auth_atom_id 
_pdbx_struct_sheet_hbond.range_1_auth_comp_id 
_pdbx_struct_sheet_hbond.range_1_auth_asym_id 
_pdbx_struct_sheet_hbond.range_1_auth_seq_id 
_pdbx_struct_sheet_hbond.range_2_label_atom_id 
_pdbx_struct_sheet_hbond.range_2_label_comp_id 
_pdbx_struct_sheet_hbond.range_2_label_asym_id 
_pdbx_struct_sheet_hbond.range_2_label_seq_id 
_pdbx_struct_sheet_hbond.range_2_PDB_ins_code 
_pdbx_struct_sheet_hbond.range_2_auth_atom_id 
_pdbx_struct_sheet_hbond.range_2_auth_comp_id 
_pdbx_struct_sheet_hbond.range_2_auth_asym_id 
_pdbx_struct_sheet_hbond.range_2_auth_seq_id 
AA1 1 2  O PHE A 68  ? O PHE A 64  N ILE A 53  ? N ILE A 49  
AA1 2 3  O THR A 54  ? O THR A 50  N SER A 47  ? N SER A 43  
AA1 3 4  O ILE A 46  ? O ILE A 42  N GLY A 10  ? N GLY A 6   
AA1 4 5  N VAL A 15  ? N VAL A 11  O VAL A 131 ? O VAL A 127 
AA1 5 6  O ARG A 130 ? O ARG A 126 N VAL A 119 ? N VAL A 115 
AA1 6 7  O VAL A 118 ? O VAL A 114 N LYS A 111 ? N LYS A 107 
AA1 7 8  O LYS A 104 ? O LYS A 100 N TRP A 101 ? N TRP A 97  
AA1 8 9  O VAL A 94  ? O VAL A 90  N ASP A 91  ? N ASP A 87  
AA1 9 10 O SER A 86  ? O SER A 82  N PHE A 74  ? N PHE A 70  
# 
_pdbx_entry_details.entry_id                   7FW4 
_pdbx_entry_details.compound_details           ? 
_pdbx_entry_details.source_details             ? 
_pdbx_entry_details.nonpolymer_details         ? 
_pdbx_entry_details.sequence_details           ? 
_pdbx_entry_details.has_ligand_of_interest     ? 
_pdbx_entry_details.has_protein_modification   N 
# 
loop_
_pdbx_validate_torsion.id 
_pdbx_validate_torsion.PDB_model_num 
_pdbx_validate_torsion.auth_comp_id 
_pdbx_validate_torsion.auth_asym_id 
_pdbx_validate_torsion.auth_seq_id 
_pdbx_validate_torsion.PDB_ins_code 
_pdbx_validate_torsion.label_alt_id 
_pdbx_validate_torsion.phi 
_pdbx_validate_torsion.psi 
1 1 ASP A 110 ? ? 51.43 -129.76 
2 1 LYS A 120 ? ? 45.56 -119.95 
# 
loop_
_chem_comp_atom.comp_id 
_chem_comp_atom.atom_id 
_chem_comp_atom.type_symbol 
_chem_comp_atom.pdbx_aromatic_flag 
_chem_comp_atom.pdbx_stereo_config 
_chem_comp_atom.pdbx_ordinal 
ALA N    N N N 1   
ALA CA   C N S 2   
ALA C    C N N 3   
ALA O    O N N 4   
ALA CB   C N N 5   
ALA OXT  O N N 6   
ALA H    H N N 7   
ALA H2   H N N 8   
ALA HA   H N N 9   
ALA HB1  H N N 10  
ALA HB2  H N N 11  
ALA HB3  H N N 12  
ALA HXT  H N N 13  
ARG N    N N N 14  
ARG CA   C N S 15  
ARG C    C N N 16  
ARG O    O N N 17  
ARG CB   C N N 18  
ARG CG   C N N 19  
ARG CD   C N N 20  
ARG NE   N N N 21  
ARG CZ   C N N 22  
ARG NH1  N N N 23  
ARG NH2  N N N 24  
ARG OXT  O N N 25  
ARG H    H N N 26  
ARG H2   H N N 27  
ARG HA   H N N 28  
ARG HB2  H N N 29  
ARG HB3  H N N 30  
ARG HG2  H N N 31  
ARG HG3  H N N 32  
ARG HD2  H N N 33  
ARG HD3  H N N 34  
ARG HE   H N N 35  
ARG HH11 H N N 36  
ARG HH12 H N N 37  
ARG HH21 H N N 38  
ARG HH22 H N N 39  
ARG HXT  H N N 40  
ASN N    N N N 41  
ASN CA   C N S 42  
ASN C    C N N 43  
ASN O    O N N 44  
ASN CB   C N N 45  
ASN CG   C N N 46  
ASN OD1  O N N 47  
ASN ND2  N N N 48  
ASN OXT  O N N 49  
ASN H    H N N 50  
ASN H2   H N N 51  
ASN HA   H N N 52  
ASN HB2  H N N 53  
ASN HB3  H N N 54  
ASN HD21 H N N 55  
ASN HD22 H N N 56  
ASN HXT  H N N 57  
ASP N    N N N 58  
ASP CA   C N S 59  
ASP C    C N N 60  
ASP O    O N N 61  
ASP CB   C N N 62  
ASP CG   C N N 63  
ASP OD1  O N N 64  
ASP OD2  O N N 65  
ASP OXT  O N N 66  
ASP H    H N N 67  
ASP H2   H N N 68  
ASP HA   H N N 69  
ASP HB2  H N N 70  
ASP HB3  H N N 71  
ASP HD2  H N N 72  
ASP HXT  H N N 73  
CYS N    N N N 74  
CYS CA   C N R 75  
CYS C    C N N 76  
CYS O    O N N 77  
CYS CB   C N N 78  
CYS SG   S N N 79  
CYS OXT  O N N 80  
CYS H    H N N 81  
CYS H2   H N N 82  
CYS HA   H N N 83  
CYS HB2  H N N 84  
CYS HB3  H N N 85  
CYS HG   H N N 86  
CYS HXT  H N N 87  
GLN N    N N N 88  
GLN CA   C N S 89  
GLN C    C N N 90  
GLN O    O N N 91  
GLN CB   C N N 92  
GLN CG   C N N 93  
GLN CD   C N N 94  
GLN OE1  O N N 95  
GLN NE2  N N N 96  
GLN OXT  O N N 97  
GLN H    H N N 98  
GLN H2   H N N 99  
GLN HA   H N N 100 
GLN HB2  H N N 101 
GLN HB3  H N N 102 
GLN HG2  H N N 103 
GLN HG3  H N N 104 
GLN HE21 H N N 105 
GLN HE22 H N N 106 
GLN HXT  H N N 107 
GLU N    N N N 108 
GLU CA   C N S 109 
GLU C    C N N 110 
GLU O    O N N 111 
GLU CB   C N N 112 
GLU CG   C N N 113 
GLU CD   C N N 114 
GLU OE1  O N N 115 
GLU OE2  O N N 116 
GLU OXT  O N N 117 
GLU H    H N N 118 
GLU H2   H N N 119 
GLU HA   H N N 120 
GLU HB2  H N N 121 
GLU HB3  H N N 122 
GLU HG2  H N N 123 
GLU HG3  H N N 124 
GLU HE2  H N N 125 
GLU HXT  H N N 126 
GLY N    N N N 127 
GLY CA   C N N 128 
GLY C    C N N 129 
GLY O    O N N 130 
GLY OXT  O N N 131 
GLY H    H N N 132 
GLY H2   H N N 133 
GLY HA2  H N N 134 
GLY HA3  H N N 135 
GLY HXT  H N N 136 
GOL C1   C N N 137 
GOL O1   O N N 138 
GOL C2   C N N 139 
GOL O2   O N N 140 
GOL C3   C N N 141 
GOL O3   O N N 142 
GOL H11  H N N 143 
GOL H12  H N N 144 
GOL HO1  H N N 145 
GOL H2   H N N 146 
GOL HO2  H N N 147 
GOL H31  H N N 148 
GOL H32  H N N 149 
GOL HO3  H N N 150 
HIS N    N N N 151 
HIS CA   C N S 152 
HIS C    C N N 153 
HIS O    O N N 154 
HIS CB   C N N 155 
HIS CG   C Y N 156 
HIS ND1  N Y N 157 
HIS CD2  C Y N 158 
HIS CE1  C Y N 159 
HIS NE2  N Y N 160 
HIS OXT  O N N 161 
HIS H    H N N 162 
HIS H2   H N N 163 
HIS HA   H N N 164 
HIS HB2  H N N 165 
HIS HB3  H N N 166 
HIS HD1  H N N 167 
HIS HD2  H N N 168 
HIS HE1  H N N 169 
HIS HE2  H N N 170 
HIS HXT  H N N 171 
HOH O    O N N 172 
HOH H1   H N N 173 
HOH H2   H N N 174 
ILE N    N N N 175 
ILE CA   C N S 176 
ILE C    C N N 177 
ILE O    O N N 178 
ILE CB   C N S 179 
ILE CG1  C N N 180 
ILE CG2  C N N 181 
ILE CD1  C N N 182 
ILE OXT  O N N 183 
ILE H    H N N 184 
ILE H2   H N N 185 
ILE HA   H N N 186 
ILE HB   H N N 187 
ILE HG12 H N N 188 
ILE HG13 H N N 189 
ILE HG21 H N N 190 
ILE HG22 H N N 191 
ILE HG23 H N N 192 
ILE HD11 H N N 193 
ILE HD12 H N N 194 
ILE HD13 H N N 195 
ILE HXT  H N N 196 
LEU N    N N N 197 
LEU CA   C N S 198 
LEU C    C N N 199 
LEU O    O N N 200 
LEU CB   C N N 201 
LEU CG   C N N 202 
LEU CD1  C N N 203 
LEU CD2  C N N 204 
LEU OXT  O N N 205 
LEU H    H N N 206 
LEU H2   H N N 207 
LEU HA   H N N 208 
LEU HB2  H N N 209 
LEU HB3  H N N 210 
LEU HG   H N N 211 
LEU HD11 H N N 212 
LEU HD12 H N N 213 
LEU HD13 H N N 214 
LEU HD21 H N N 215 
LEU HD22 H N N 216 
LEU HD23 H N N 217 
LEU HXT  H N N 218 
LYS N    N N N 219 
LYS CA   C N S 220 
LYS C    C N N 221 
LYS O    O N N 222 
LYS CB   C N N 223 
LYS CG   C N N 224 
LYS CD   C N N 225 
LYS CE   C N N 226 
LYS NZ   N N N 227 
LYS OXT  O N N 228 
LYS H    H N N 229 
LYS H2   H N N 230 
LYS HA   H N N 231 
LYS HB2  H N N 232 
LYS HB3  H N N 233 
LYS HG2  H N N 234 
LYS HG3  H N N 235 
LYS HD2  H N N 236 
LYS HD3  H N N 237 
LYS HE2  H N N 238 
LYS HE3  H N N 239 
LYS HZ1  H N N 240 
LYS HZ2  H N N 241 
LYS HZ3  H N N 242 
LYS HXT  H N N 243 
MET N    N N N 244 
MET CA   C N S 245 
MET C    C N N 246 
MET O    O N N 247 
MET CB   C N N 248 
MET CG   C N N 249 
MET SD   S N N 250 
MET CE   C N N 251 
MET OXT  O N N 252 
MET H    H N N 253 
MET H2   H N N 254 
MET HA   H N N 255 
MET HB2  H N N 256 
MET HB3  H N N 257 
MET HG2  H N N 258 
MET HG3  H N N 259 
MET HE1  H N N 260 
MET HE2  H N N 261 
MET HE3  H N N 262 
MET HXT  H N N 263 
PHE N    N N N 264 
PHE CA   C N S 265 
PHE C    C N N 266 
PHE O    O N N 267 
PHE CB   C N N 268 
PHE CG   C Y N 269 
PHE CD1  C Y N 270 
PHE CD2  C Y N 271 
PHE CE1  C Y N 272 
PHE CE2  C Y N 273 
PHE CZ   C Y N 274 
PHE OXT  O N N 275 
PHE H    H N N 276 
PHE H2   H N N 277 
PHE HA   H N N 278 
PHE HB2  H N N 279 
PHE HB3  H N N 280 
PHE HD1  H N N 281 
PHE HD2  H N N 282 
PHE HE1  H N N 283 
PHE HE2  H N N 284 
PHE HZ   H N N 285 
PHE HXT  H N N 286 
PRO N    N N N 287 
PRO CA   C N S 288 
PRO C    C N N 289 
PRO O    O N N 290 
PRO CB   C N N 291 
PRO CG   C N N 292 
PRO CD   C N N 293 
PRO OXT  O N N 294 
PRO H    H N N 295 
PRO HA   H N N 296 
PRO HB2  H N N 297 
PRO HB3  H N N 298 
PRO HG2  H N N 299 
PRO HG3  H N N 300 
PRO HD2  H N N 301 
PRO HD3  H N N 302 
PRO HXT  H N N 303 
SER N    N N N 304 
SER CA   C N S 305 
SER C    C N N 306 
SER O    O N N 307 
SER CB   C N N 308 
SER OG   O N N 309 
SER OXT  O N N 310 
SER H    H N N 311 
SER H2   H N N 312 
SER HA   H N N 313 
SER HB2  H N N 314 
SER HB3  H N N 315 
SER HG   H N N 316 
SER HXT  H N N 317 
SO4 S    S N N 318 
SO4 O1   O N N 319 
SO4 O2   O N N 320 
SO4 O3   O N N 321 
SO4 O4   O N N 322 
THR N    N N N 323 
THR CA   C N S 324 
THR C    C N N 325 
THR O    O N N 326 
THR CB   C N R 327 
THR OG1  O N N 328 
THR CG2  C N N 329 
THR OXT  O N N 330 
THR H    H N N 331 
THR H2   H N N 332 
THR HA   H N N 333 
THR HB   H N N 334 
THR HG1  H N N 335 
THR HG21 H N N 336 
THR HG22 H N N 337 
THR HG23 H N N 338 
THR HXT  H N N 339 
TRP N    N N N 340 
TRP CA   C N S 341 
TRP C    C N N 342 
TRP O    O N N 343 
TRP CB   C N N 344 
TRP CG   C Y N 345 
TRP CD1  C Y N 346 
TRP CD2  C Y N 347 
TRP NE1  N Y N 348 
TRP CE2  C Y N 349 
TRP CE3  C Y N 350 
TRP CZ2  C Y N 351 
TRP CZ3  C Y N 352 
TRP CH2  C Y N 353 
TRP OXT  O N N 354 
TRP H    H N N 355 
TRP H2   H N N 356 
TRP HA   H N N 357 
TRP HB2  H N N 358 
TRP HB3  H N N 359 
TRP HD1  H N N 360 
TRP HE1  H N N 361 
TRP HE3  H N N 362 
TRP HZ2  H N N 363 
TRP HZ3  H N N 364 
TRP HH2  H N N 365 
TRP HXT  H N N 366 
TYR N    N N N 367 
TYR CA   C N S 368 
TYR C    C N N 369 
TYR O    O N N 370 
TYR CB   C N N 371 
TYR CG   C Y N 372 
TYR CD1  C Y N 373 
TYR CD2  C Y N 374 
TYR CE1  C Y N 375 
TYR CE2  C Y N 376 
TYR CZ   C Y N 377 
TYR OH   O N N 378 
TYR OXT  O N N 379 
TYR H    H N N 380 
TYR H2   H N N 381 
TYR HA   H N N 382 
TYR HB2  H N N 383 
TYR HB3  H N N 384 
TYR HD1  H N N 385 
TYR HD2  H N N 386 
TYR HE1  H N N 387 
TYR HE2  H N N 388 
TYR HH   H N N 389 
TYR HXT  H N N 390 
VAL N    N N N 391 
VAL CA   C N S 392 
VAL C    C N N 393 
VAL O    O N N 394 
VAL CB   C N N 395 
VAL CG1  C N N 396 
VAL CG2  C N N 397 
VAL OXT  O N N 398 
VAL H    H N N 399 
VAL H2   H N N 400 
VAL HA   H N N 401 
VAL HB   H N N 402 
VAL HG11 H N N 403 
VAL HG12 H N N 404 
VAL HG13 H N N 405 
VAL HG21 H N N 406 
VAL HG22 H N N 407 
VAL HG23 H N N 408 
VAL HXT  H N N 409 
# 
loop_
_chem_comp_bond.comp_id 
_chem_comp_bond.atom_id_1 
_chem_comp_bond.atom_id_2 
_chem_comp_bond.value_order 
_chem_comp_bond.pdbx_aromatic_flag 
_chem_comp_bond.pdbx_stereo_config 
_chem_comp_bond.pdbx_ordinal 
ALA N   CA   sing N N 1   
ALA N   H    sing N N 2   
ALA N   H2   sing N N 3   
ALA CA  C    sing N N 4   
ALA CA  CB   sing N N 5   
ALA CA  HA   sing N N 6   
ALA C   O    doub N N 7   
ALA C   OXT  sing N N 8   
ALA CB  HB1  sing N N 9   
ALA CB  HB2  sing N N 10  
ALA CB  HB3  sing N N 11  
ALA OXT HXT  sing N N 12  
ARG N   CA   sing N N 13  
ARG N   H    sing N N 14  
ARG N   H2   sing N N 15  
ARG CA  C    sing N N 16  
ARG CA  CB   sing N N 17  
ARG CA  HA   sing N N 18  
ARG C   O    doub N N 19  
ARG C   OXT  sing N N 20  
ARG CB  CG   sing N N 21  
ARG CB  HB2  sing N N 22  
ARG CB  HB3  sing N N 23  
ARG CG  CD   sing N N 24  
ARG CG  HG2  sing N N 25  
ARG CG  HG3  sing N N 26  
ARG CD  NE   sing N N 27  
ARG CD  HD2  sing N N 28  
ARG CD  HD3  sing N N 29  
ARG NE  CZ   sing N N 30  
ARG NE  HE   sing N N 31  
ARG CZ  NH1  sing N N 32  
ARG CZ  NH2  doub N N 33  
ARG NH1 HH11 sing N N 34  
ARG NH1 HH12 sing N N 35  
ARG NH2 HH21 sing N N 36  
ARG NH2 HH22 sing N N 37  
ARG OXT HXT  sing N N 38  
ASN N   CA   sing N N 39  
ASN N   H    sing N N 40  
ASN N   H2   sing N N 41  
ASN CA  C    sing N N 42  
ASN CA  CB   sing N N 43  
ASN CA  HA   sing N N 44  
ASN C   O    doub N N 45  
ASN C   OXT  sing N N 46  
ASN CB  CG   sing N N 47  
ASN CB  HB2  sing N N 48  
ASN CB  HB3  sing N N 49  
ASN CG  OD1  doub N N 50  
ASN CG  ND2  sing N N 51  
ASN ND2 HD21 sing N N 52  
ASN ND2 HD22 sing N N 53  
ASN OXT HXT  sing N N 54  
ASP N   CA   sing N N 55  
ASP N   H    sing N N 56  
ASP N   H2   sing N N 57  
ASP CA  C    sing N N 58  
ASP CA  CB   sing N N 59  
ASP CA  HA   sing N N 60  
ASP C   O    doub N N 61  
ASP C   OXT  sing N N 62  
ASP CB  CG   sing N N 63  
ASP CB  HB2  sing N N 64  
ASP CB  HB3  sing N N 65  
ASP CG  OD1  doub N N 66  
ASP CG  OD2  sing N N 67  
ASP OD2 HD2  sing N N 68  
ASP OXT HXT  sing N N 69  
CYS N   CA   sing N N 70  
CYS N   H    sing N N 71  
CYS N   H2   sing N N 72  
CYS CA  C    sing N N 73  
CYS CA  CB   sing N N 74  
CYS CA  HA   sing N N 75  
CYS C   O    doub N N 76  
CYS C   OXT  sing N N 77  
CYS CB  SG   sing N N 78  
CYS CB  HB2  sing N N 79  
CYS CB  HB3  sing N N 80  
CYS SG  HG   sing N N 81  
CYS OXT HXT  sing N N 82  
GLN N   CA   sing N N 83  
GLN N   H    sing N N 84  
GLN N   H2   sing N N 85  
GLN CA  C    sing N N 86  
GLN CA  CB   sing N N 87  
GLN CA  HA   sing N N 88  
GLN C   O    doub N N 89  
GLN C   OXT  sing N N 90  
GLN CB  CG   sing N N 91  
GLN CB  HB2  sing N N 92  
GLN CB  HB3  sing N N 93  
GLN CG  CD   sing N N 94  
GLN CG  HG2  sing N N 95  
GLN CG  HG3  sing N N 96  
GLN CD  OE1  doub N N 97  
GLN CD  NE2  sing N N 98  
GLN NE2 HE21 sing N N 99  
GLN NE2 HE22 sing N N 100 
GLN OXT HXT  sing N N 101 
GLU N   CA   sing N N 102 
GLU N   H    sing N N 103 
GLU N   H2   sing N N 104 
GLU CA  C    sing N N 105 
GLU CA  CB   sing N N 106 
GLU CA  HA   sing N N 107 
GLU C   O    doub N N 108 
GLU C   OXT  sing N N 109 
GLU CB  CG   sing N N 110 
GLU CB  HB2  sing N N 111 
GLU CB  HB3  sing N N 112 
GLU CG  CD   sing N N 113 
GLU CG  HG2  sing N N 114 
GLU CG  HG3  sing N N 115 
GLU CD  OE1  doub N N 116 
GLU CD  OE2  sing N N 117 
GLU OE2 HE2  sing N N 118 
GLU OXT HXT  sing N N 119 
GLY N   CA   sing N N 120 
GLY N   H    sing N N 121 
GLY N   H2   sing N N 122 
GLY CA  C    sing N N 123 
GLY CA  HA2  sing N N 124 
GLY CA  HA3  sing N N 125 
GLY C   O    doub N N 126 
GLY C   OXT  sing N N 127 
GLY OXT HXT  sing N N 128 
GOL C1  O1   sing N N 129 
GOL C1  C2   sing N N 130 
GOL C1  H11  sing N N 131 
GOL C1  H12  sing N N 132 
GOL O1  HO1  sing N N 133 
GOL C2  O2   sing N N 134 
GOL C2  C3   sing N N 135 
GOL C2  H2   sing N N 136 
GOL O2  HO2  sing N N 137 
GOL C3  O3   sing N N 138 
GOL C3  H31  sing N N 139 
GOL C3  H32  sing N N 140 
GOL O3  HO3  sing N N 141 
HIS N   CA   sing N N 142 
HIS N   H    sing N N 143 
HIS N   H2   sing N N 144 
HIS CA  C    sing N N 145 
HIS CA  CB   sing N N 146 
HIS CA  HA   sing N N 147 
HIS C   O    doub N N 148 
HIS C   OXT  sing N N 149 
HIS CB  CG   sing N N 150 
HIS CB  HB2  sing N N 151 
HIS CB  HB3  sing N N 152 
HIS CG  ND1  sing Y N 153 
HIS CG  CD2  doub Y N 154 
HIS ND1 CE1  doub Y N 155 
HIS ND1 HD1  sing N N 156 
HIS CD2 NE2  sing Y N 157 
HIS CD2 HD2  sing N N 158 
HIS CE1 NE2  sing Y N 159 
HIS CE1 HE1  sing N N 160 
HIS NE2 HE2  sing N N 161 
HIS OXT HXT  sing N N 162 
HOH O   H1   sing N N 163 
HOH O   H2   sing N N 164 
ILE N   CA   sing N N 165 
ILE N   H    sing N N 166 
ILE N   H2   sing N N 167 
ILE CA  C    sing N N 168 
ILE CA  CB   sing N N 169 
ILE CA  HA   sing N N 170 
ILE C   O    doub N N 171 
ILE C   OXT  sing N N 172 
ILE CB  CG1  sing N N 173 
ILE CB  CG2  sing N N 174 
ILE CB  HB   sing N N 175 
ILE CG1 CD1  sing N N 176 
ILE CG1 HG12 sing N N 177 
ILE CG1 HG13 sing N N 178 
ILE CG2 HG21 sing N N 179 
ILE CG2 HG22 sing N N 180 
ILE CG2 HG23 sing N N 181 
ILE CD1 HD11 sing N N 182 
ILE CD1 HD12 sing N N 183 
ILE CD1 HD13 sing N N 184 
ILE OXT HXT  sing N N 185 
LEU N   CA   sing N N 186 
LEU N   H    sing N N 187 
LEU N   H2   sing N N 188 
LEU CA  C    sing N N 189 
LEU CA  CB   sing N N 190 
LEU CA  HA   sing N N 191 
LEU C   O    doub N N 192 
LEU C   OXT  sing N N 193 
LEU CB  CG   sing N N 194 
LEU CB  HB2  sing N N 195 
LEU CB  HB3  sing N N 196 
LEU CG  CD1  sing N N 197 
LEU CG  CD2  sing N N 198 
LEU CG  HG   sing N N 199 
LEU CD1 HD11 sing N N 200 
LEU CD1 HD12 sing N N 201 
LEU CD1 HD13 sing N N 202 
LEU CD2 HD21 sing N N 203 
LEU CD2 HD22 sing N N 204 
LEU CD2 HD23 sing N N 205 
LEU OXT HXT  sing N N 206 
LYS N   CA   sing N N 207 
LYS N   H    sing N N 208 
LYS N   H2   sing N N 209 
LYS CA  C    sing N N 210 
LYS CA  CB   sing N N 211 
LYS CA  HA   sing N N 212 
LYS C   O    doub N N 213 
LYS C   OXT  sing N N 214 
LYS CB  CG   sing N N 215 
LYS CB  HB2  sing N N 216 
LYS CB  HB3  sing N N 217 
LYS CG  CD   sing N N 218 
LYS CG  HG2  sing N N 219 
LYS CG  HG3  sing N N 220 
LYS CD  CE   sing N N 221 
LYS CD  HD2  sing N N 222 
LYS CD  HD3  sing N N 223 
LYS CE  NZ   sing N N 224 
LYS CE  HE2  sing N N 225 
LYS CE  HE3  sing N N 226 
LYS NZ  HZ1  sing N N 227 
LYS NZ  HZ2  sing N N 228 
LYS NZ  HZ3  sing N N 229 
LYS OXT HXT  sing N N 230 
MET N   CA   sing N N 231 
MET N   H    sing N N 232 
MET N   H2   sing N N 233 
MET CA  C    sing N N 234 
MET CA  CB   sing N N 235 
MET CA  HA   sing N N 236 
MET C   O    doub N N 237 
MET C   OXT  sing N N 238 
MET CB  CG   sing N N 239 
MET CB  HB2  sing N N 240 
MET CB  HB3  sing N N 241 
MET CG  SD   sing N N 242 
MET CG  HG2  sing N N 243 
MET CG  HG3  sing N N 244 
MET SD  CE   sing N N 245 
MET CE  HE1  sing N N 246 
MET CE  HE2  sing N N 247 
MET CE  HE3  sing N N 248 
MET OXT HXT  sing N N 249 
PHE N   CA   sing N N 250 
PHE N   H    sing N N 251 
PHE N   H2   sing N N 252 
PHE CA  C    sing N N 253 
PHE CA  CB   sing N N 254 
PHE CA  HA   sing N N 255 
PHE C   O    doub N N 256 
PHE C   OXT  sing N N 257 
PHE CB  CG   sing N N 258 
PHE CB  HB2  sing N N 259 
PHE CB  HB3  sing N N 260 
PHE CG  CD1  doub Y N 261 
PHE CG  CD2  sing Y N 262 
PHE CD1 CE1  sing Y N 263 
PHE CD1 HD1  sing N N 264 
PHE CD2 CE2  doub Y N 265 
PHE CD2 HD2  sing N N 266 
PHE CE1 CZ   doub Y N 267 
PHE CE1 HE1  sing N N 268 
PHE CE2 CZ   sing Y N 269 
PHE CE2 HE2  sing N N 270 
PHE CZ  HZ   sing N N 271 
PHE OXT HXT  sing N N 272 
PRO N   CA   sing N N 273 
PRO N   CD   sing N N 274 
PRO N   H    sing N N 275 
PRO CA  C    sing N N 276 
PRO CA  CB   sing N N 277 
PRO CA  HA   sing N N 278 
PRO C   O    doub N N 279 
PRO C   OXT  sing N N 280 
PRO CB  CG   sing N N 281 
PRO CB  HB2  sing N N 282 
PRO CB  HB3  sing N N 283 
PRO CG  CD   sing N N 284 
PRO CG  HG2  sing N N 285 
PRO CG  HG3  sing N N 286 
PRO CD  HD2  sing N N 287 
PRO CD  HD3  sing N N 288 
PRO OXT HXT  sing N N 289 
SER N   CA   sing N N 290 
SER N   H    sing N N 291 
SER N   H2   sing N N 292 
SER CA  C    sing N N 293 
SER CA  CB   sing N N 294 
SER CA  HA   sing N N 295 
SER C   O    doub N N 296 
SER C   OXT  sing N N 297 
SER CB  OG   sing N N 298 
SER CB  HB2  sing N N 299 
SER CB  HB3  sing N N 300 
SER OG  HG   sing N N 301 
SER OXT HXT  sing N N 302 
SO4 S   O1   doub N N 303 
SO4 S   O2   doub N N 304 
SO4 S   O3   sing N N 305 
SO4 S   O4   sing N N 306 
THR N   CA   sing N N 307 
THR N   H    sing N N 308 
THR N   H2   sing N N 309 
THR CA  C    sing N N 310 
THR CA  CB   sing N N 311 
THR CA  HA   sing N N 312 
THR C   O    doub N N 313 
THR C   OXT  sing N N 314 
THR CB  OG1  sing N N 315 
THR CB  CG2  sing N N 316 
THR CB  HB   sing N N 317 
THR OG1 HG1  sing N N 318 
THR CG2 HG21 sing N N 319 
THR CG2 HG22 sing N N 320 
THR CG2 HG23 sing N N 321 
THR OXT HXT  sing N N 322 
TRP N   CA   sing N N 323 
TRP N   H    sing N N 324 
TRP N   H2   sing N N 325 
TRP CA  C    sing N N 326 
TRP CA  CB   sing N N 327 
TRP CA  HA   sing N N 328 
TRP C   O    doub N N 329 
TRP C   OXT  sing N N 330 
TRP CB  CG   sing N N 331 
TRP CB  HB2  sing N N 332 
TRP CB  HB3  sing N N 333 
TRP CG  CD1  doub Y N 334 
TRP CG  CD2  sing Y N 335 
TRP CD1 NE1  sing Y N 336 
TRP CD1 HD1  sing N N 337 
TRP CD2 CE2  doub Y N 338 
TRP CD2 CE3  sing Y N 339 
TRP NE1 CE2  sing Y N 340 
TRP NE1 HE1  sing N N 341 
TRP CE2 CZ2  sing Y N 342 
TRP CE3 CZ3  doub Y N 343 
TRP CE3 HE3  sing N N 344 
TRP CZ2 CH2  doub Y N 345 
TRP CZ2 HZ2  sing N N 346 
TRP CZ3 CH2  sing Y N 347 
TRP CZ3 HZ3  sing N N 348 
TRP CH2 HH2  sing N N 349 
TRP OXT HXT  sing N N 350 
TYR N   CA   sing N N 351 
TYR N   H    sing N N 352 
TYR N   H2   sing N N 353 
TYR CA  C    sing N N 354 
TYR CA  CB   sing N N 355 
TYR CA  HA   sing N N 356 
TYR C   O    doub N N 357 
TYR C   OXT  sing N N 358 
TYR CB  CG   sing N N 359 
TYR CB  HB2  sing N N 360 
TYR CB  HB3  sing N N 361 
TYR CG  CD1  doub Y N 362 
TYR CG  CD2  sing Y N 363 
TYR CD1 CE1  sing Y N 364 
TYR CD1 HD1  sing N N 365 
TYR CD2 CE2  doub Y N 366 
TYR CD2 HD2  sing N N 367 
TYR CE1 CZ   doub Y N 368 
TYR CE1 HE1  sing N N 369 
TYR CE2 CZ   sing Y N 370 
TYR CE2 HE2  sing N N 371 
TYR CZ  OH   sing N N 372 
TYR OH  HH   sing N N 373 
TYR OXT HXT  sing N N 374 
VAL N   CA   sing N N 375 
VAL N   H    sing N N 376 
VAL N   H2   sing N N 377 
VAL CA  C    sing N N 378 
VAL CA  CB   sing N N 379 
VAL CA  HA   sing N N 380 
VAL C   O    doub N N 381 
VAL C   OXT  sing N N 382 
VAL CB  CG1  sing N N 383 
VAL CB  CG2  sing N N 384 
VAL CB  HB   sing N N 385 
VAL CG1 HG11 sing N N 386 
VAL CG1 HG12 sing N N 387 
VAL CG1 HG13 sing N N 388 
VAL CG2 HG21 sing N N 389 
VAL CG2 HG22 sing N N 390 
VAL CG2 HG23 sing N N 391 
VAL OXT HXT  sing N N 392 
# 
_pdbx_audit_support.ordinal                1 
_pdbx_audit_support.funding_organization   'F. Hoffmann-La Roche LTD' 
_pdbx_audit_support.grant_number           ? 
_pdbx_audit_support.country                Switzerland 
# 
_pdbx_deposit_group.group_id            G_1002264 
_pdbx_deposit_group.group_description   'A set of fabp crystal structures' 
_pdbx_deposit_group.group_title         'To be published' 
_pdbx_deposit_group.group_type          undefined 
# 
_pdbx_initial_refinement_model.accession_code   ? 
_pdbx_initial_refinement_model.id               1 
_pdbx_initial_refinement_model.entity_id_list   ? 
_pdbx_initial_refinement_model.type             other 
_pdbx_initial_refinement_model.source_name      ? 
_pdbx_initial_refinement_model.details          'inhouse model' 
# 
_atom_sites.entry_id                    7FW4 
_atom_sites.fract_transf_matrix[1][1]   0.00338104 
_atom_sites.fract_transf_matrix[1][2]   0.00019426 
_atom_sites.fract_transf_matrix[1][3]   -0.02814498 
_atom_sites.fract_transf_matrix[2][1]   0.00297911 
_atom_sites.fract_transf_matrix[2][2]   0.01802916 
_atom_sites.fract_transf_matrix[2][3]   0.00048232 
_atom_sites.fract_transf_matrix[3][1]   0.01312782 
_atom_sites.fract_transf_matrix[3][2]   -0.00221100 
_atom_sites.fract_transf_matrix[3][3]   0.00156177 
_atom_sites.fract_transf_vector[1]      -0.225908 
_atom_sites.fract_transf_vector[2]      0.182909 
_atom_sites.fract_transf_vector[3]      -0.198249 
# 
loop_
_atom_type.symbol 
C 
N 
O 
S 
# 
loop_
_atom_site.group_PDB 
_atom_site.id 
_atom_site.type_symbol 
_atom_site.label_atom_id 
_atom_site.label_alt_id 
_atom_site.label_comp_id 
_atom_site.label_asym_id 
_atom_site.label_entity_id 
_atom_site.label_seq_id 
_atom_site.pdbx_PDB_ins_code 
_atom_site.Cartn_x 
_atom_site.Cartn_y 
_atom_site.Cartn_z 
_atom_site.occupancy 
_atom_site.B_iso_or_equiv 
_atom_site.pdbx_formal_charge 
_atom_site.auth_seq_id 
_atom_site.auth_comp_id 
_atom_site.auth_asym_id 
_atom_site.auth_atom_id 
_atom_site.pdbx_PDB_model_num 
ATOM   1    N N   . GLY A 1 1   ? 25.169  7.026   2.915   1.00 40.22 ? -3  GLY A N   1 
ATOM   2    C CA  . GLY A 1 1   ? 24.741  6.701   4.329   1.00 37.82 ? -3  GLY A CA  1 
ATOM   3    C C   . GLY A 1 1   ? 23.494  5.828   4.314   1.00 37.26 ? -3  GLY A C   1 
ATOM   4    O O   . GLY A 1 1   ? 22.813  5.759   3.303   1.00 39.36 ? -3  GLY A O   1 
ATOM   5    N N   . SER A 1 2   ? 23.221  5.153   5.428   1.00 35.43 ? -2  SER A N   1 
ATOM   6    C CA  . SER A 1 2   ? 22.083  4.241   5.543   1.00 29.28 ? -2  SER A CA  1 
ATOM   7    C C   . SER A 1 2   ? 20.873  5.041   5.973   1.00 30.43 ? -2  SER A C   1 
ATOM   8    O O   . SER A 1 2   ? 21.014  6.004   6.736   1.00 33.59 ? -2  SER A O   1 
ATOM   9    C CB  . SER A 1 2   ? 22.381  3.200   6.624   1.00 29.00 ? -2  SER A CB  1 
ATOM   10   O OG  . SER A 1 2   ? 23.440  2.324   6.242   1.00 29.03 ? -2  SER A OG  1 
ATOM   11   N N   . HIS A 1 3   ? 19.673  4.603   5.553   1.00 27.77 ? -1  HIS A N   1 
ATOM   12   C CA  . HIS A 1 3   ? 18.401  5.310   5.856   1.00 28.36 ? -1  HIS A CA  1 
ATOM   13   C C   . HIS A 1 3   ? 17.405  4.220   6.163   1.00 25.34 ? -1  HIS A C   1 
ATOM   14   O O   . HIS A 1 3   ? 17.579  3.096   5.661   1.00 23.59 ? -1  HIS A O   1 
ATOM   15   C CB  . HIS A 1 3   ? 17.904  6.096   4.648   1.00 32.21 ? -1  HIS A CB  1 
ATOM   16   C CG  . HIS A 1 3   ? 18.923  7.052   4.088   1.00 41.76 ? -1  HIS A CG  1 
ATOM   17   N ND1 . HIS A 1 3   ? 19.230  8.255   4.694   1.00 46.88 ? -1  HIS A ND1 1 
ATOM   18   C CD2 . HIS A 1 3   ? 19.705  6.978   2.981   1.00 44.28 ? -1  HIS A CD2 1 
ATOM   19   C CE1 . HIS A 1 3   ? 20.154  8.884   3.983   1.00 48.54 ? -1  HIS A CE1 1 
ATOM   20   N NE2 . HIS A 1 3   ? 20.452  8.134   2.934   1.00 47.80 ? -1  HIS A NE2 1 
ATOM   21   N N   . MET A 1 4   ? 16.381  4.533   6.962   1.00 23.13 ? 0   MET A N   1 
ATOM   22   C CA  . MET A 1 4   ? 15.423  3.551   7.387   1.00 24.29 ? 0   MET A CA  1 
ATOM   23   C C   . MET A 1 4   ? 14.630  2.977   6.212   1.00 24.61 ? 0   MET A C   1 
ATOM   24   O O   . MET A 1 4   ? 14.134  1.833   6.285   1.00 25.59 ? 0   MET A O   1 
ATOM   25   C CB  . MET A 1 4   ? 14.456  4.146   8.457   1.00 23.16 ? 0   MET A CB  1 
ATOM   26   C CG  . MET A 1 4   ? 15.125  4.671   9.744   1.00 25.40 ? 0   MET A CG  1 
ATOM   27   S SD  . MET A 1 4   ? 16.035  3.316   10.588  1.00 25.53 ? 0   MET A SD  1 
ATOM   28   C CE  . MET A 1 4   ? 14.651  2.265   11.002  1.00 23.46 ? 0   MET A CE  1 
ATOM   29   N N   . CYS A 1 5   ? 14.508  3.746   5.129   1.00 24.00 ? 1   CYS A N   1 
ATOM   30   C CA  . CYS A 1 5   ? 13.800  3.230   3.957   1.00 25.39 ? 1   CYS A CA  1 
ATOM   31   C C   . CYS A 1 5   ? 14.583  2.205   3.169   1.00 21.26 ? 1   CYS A C   1 
ATOM   32   O O   . CYS A 1 5   ? 13.995  1.513   2.351   1.00 20.01 ? 1   CYS A O   1 
ATOM   33   C CB  . CYS A 1 5   ? 13.303  4.353   3.026   1.00 27.36 ? 1   CYS A CB  1 
ATOM   34   S SG  . CYS A 1 5   ? 11.887  5.226   3.740   1.00 35.20 ? 1   CYS A SG  1 
ATOM   35   N N   . ASP A 1 6   ? 15.888  2.013   3.463   1.00 20.96 ? 2   ASP A N   1 
ATOM   36   C CA  . ASP A 1 6   ? 16.706  1.116   2.683   1.00 21.92 ? 2   ASP A CA  1 
ATOM   37   C C   . ASP A 1 6   ? 16.171  -0.303  2.691   1.00 21.03 ? 2   ASP A C   1 
ATOM   38   O O   . ASP A 1 6   ? 16.297  -0.987  1.688   1.00 24.71 ? 2   ASP A O   1 
ATOM   39   C CB  . ASP A 1 6   ? 18.147  1.023   3.207   1.00 22.54 ? 2   ASP A CB  1 
ATOM   40   C CG  . ASP A 1 6   ? 18.936  2.309   3.054   1.00 27.49 ? 2   ASP A CG  1 
ATOM   41   O OD1 . ASP A 1 6   ? 18.533  3.246   2.316   1.00 29.55 ? 2   ASP A OD1 1 
ATOM   42   O OD2 . ASP A 1 6   ? 20.022  2.332   3.675   1.00 26.42 ? 2   ASP A OD2 1 
ATOM   43   N N   . ALA A 1 7   ? 15.625  -0.717  3.829   1.00 21.46 ? 3   ALA A N   1 
ATOM   44   C CA  . ALA A 1 7   ? 15.116  -2.092  3.966   1.00 25.64 ? 3   ALA A CA  1 
ATOM   45   C C   . ALA A 1 7   ? 13.907  -2.370  3.059   1.00 21.94 ? 3   ALA A C   1 
ATOM   46   O O   . ALA A 1 7   ? 13.543  -3.564  2.862   1.00 21.72 ? 3   ALA A O   1 
ATOM   47   C CB  . ALA A 1 7   ? 14.751  -2.397  5.390   1.00 25.93 ? 3   ALA A CB  1 
ATOM   48   N N   . PHE A 1 8   ? 13.296  -1.314  2.494   1.00 19.43 ? 4   PHE A N   1 
ATOM   49   C CA  . PHE A 1 8   ? 12.135  -1.498  1.588   1.00 16.56 ? 4   PHE A CA  1 
ATOM   50   C C   . PHE A 1 8   ? 12.508  -1.467  0.124   1.00 16.26 ? 4   PHE A C   1 
ATOM   51   O O   . PHE A 1 8   ? 11.747  -1.919  -0.701  1.00 15.08 ? 4   PHE A O   1 
ATOM   52   C CB  . PHE A 1 8   ? 11.071  -0.385  1.841   1.00 15.72 ? 4   PHE A CB  1 
ATOM   53   C CG  . PHE A 1 8   ? 10.500  -0.407  3.234   1.00 16.75 ? 4   PHE A CG  1 
ATOM   54   C CD1 . PHE A 1 8   ? 9.511   -1.345  3.585   1.00 17.34 ? 4   PHE A CD1 1 
ATOM   55   C CD2 . PHE A 1 8   ? 10.871  0.553   4.155   1.00 17.37 ? 4   PHE A CD2 1 
ATOM   56   C CE1 . PHE A 1 8   ? 8.988   -1.363  4.886   1.00 18.25 ? 4   PHE A CE1 1 
ATOM   57   C CE2 . PHE A 1 8   ? 10.346  0.532   5.454   1.00 20.71 ? 4   PHE A CE2 1 
ATOM   58   C CZ  . PHE A 1 8   ? 9.412   -0.432  5.808   1.00 18.75 ? 4   PHE A CZ  1 
ATOM   59   N N   . VAL A 1 9   ? 13.641  -0.861  -0.229  1.00 16.26 ? 5   VAL A N   1 
ATOM   60   C CA  . VAL A 1 9   ? 13.979  -0.682  -1.614  1.00 14.71 ? 5   VAL A CA  1 
ATOM   61   C C   . VAL A 1 9   ? 14.111  -1.991  -2.332  1.00 16.59 ? 5   VAL A C   1 
ATOM   62   O O   . VAL A 1 9   ? 14.734  -2.940  -1.822  1.00 18.37 ? 5   VAL A O   1 
ATOM   63   C CB  . VAL A 1 9   ? 15.288  0.188   -1.720  1.00 16.34 ? 5   VAL A CB  1 
ATOM   64   C CG1 . VAL A 1 9   ? 15.836  0.229   -3.148  1.00 15.89 ? 5   VAL A CG1 1 
ATOM   65   C CG2 . VAL A 1 9   ? 14.980  1.581   -1.151  1.00 16.40 ? 5   VAL A CG2 1 
ATOM   66   N N   . GLY A 1 10  ? 13.595  -2.024  -3.552  1.00 16.15 ? 6   GLY A N   1 
ATOM   67   C CA  . GLY A 1 10  ? 13.685  -3.205  -4.437  1.00 16.27 ? 6   GLY A CA  1 
ATOM   68   C C   . GLY A 1 10  ? 12.358  -3.608  -5.030  1.00 18.22 ? 6   GLY A C   1 
ATOM   69   O O   . GLY A 1 10  ? 11.361  -2.876  -4.967  1.00 15.82 ? 6   GLY A O   1 
ATOM   70   N N   . THR A 1 11  ? 12.406  -4.788  -5.620  1.00 18.32 ? 7   THR A N   1 
ATOM   71   C CA  A THR A 1 11  ? 11.285  -5.390  -6.341  0.70 19.38 ? 7   THR A CA  1 
ATOM   72   C CA  B THR A 1 11  ? 11.274  -5.395  -6.330  0.30 18.05 ? 7   THR A CA  1 
ATOM   73   C C   . THR A 1 11  ? 10.730  -6.553  -5.512  1.00 17.56 ? 7   THR A C   1 
ATOM   74   O O   . THR A 1 11  ? 11.503  -7.451  -5.060  1.00 17.96 ? 7   THR A O   1 
ATOM   75   C CB  A THR A 1 11  ? 11.704  -5.837  -7.740  0.70 21.56 ? 7   THR A CB  1 
ATOM   76   C CB  B THR A 1 11  ? 11.663  -5.924  -7.715  0.30 18.36 ? 7   THR A CB  1 
ATOM   77   O OG1 A THR A 1 11  ? 12.190  -4.699  -8.467  0.70 25.31 ? 7   THR A OG1 1 
ATOM   78   O OG1 B THR A 1 11  ? 12.905  -6.642  -7.618  0.30 18.43 ? 7   THR A OG1 1 
ATOM   79   C CG2 A THR A 1 11  ? 10.544  -6.456  -8.493  0.70 23.84 ? 7   THR A CG2 1 
ATOM   80   C CG2 B THR A 1 11  ? 11.776  -4.772  -8.726  0.30 18.78 ? 7   THR A CG2 1 
ATOM   81   N N   . TRP A 1 12  ? 9.403   -6.539  -5.289  1.00 16.56 ? 8   TRP A N   1 
ATOM   82   C CA  . TRP A 1 12  ? 8.759   -7.457  -4.360  1.00 16.12 ? 8   TRP A CA  1 
ATOM   83   C C   . TRP A 1 12  ? 7.560   -8.054  -5.097  1.00 18.39 ? 8   TRP A C   1 
ATOM   84   O O   . TRP A 1 12  ? 6.970   -7.377  -5.977  1.00 19.52 ? 8   TRP A O   1 
ATOM   85   C CB  . TRP A 1 12  ? 8.268   -6.718  -3.140  1.00 16.70 ? 8   TRP A CB  1 
ATOM   86   C CG  . TRP A 1 12  ? 9.350   -6.031  -2.372  1.00 15.75 ? 8   TRP A CG  1 
ATOM   87   C CD1 . TRP A 1 12  ? 9.772   -4.740  -2.551  1.00 17.45 ? 8   TRP A CD1 1 
ATOM   88   C CD2 . TRP A 1 12  ? 10.021  -6.545  -1.255  1.00 16.76 ? 8   TRP A CD2 1 
ATOM   89   N NE1 . TRP A 1 12  ? 10.745  -4.440  -1.625  1.00 17.60 ? 8   TRP A NE1 1 
ATOM   90   C CE2 . TRP A 1 12  ? 10.952  -5.540  -0.826  1.00 17.02 ? 8   TRP A CE2 1 
ATOM   91   C CE3 . TRP A 1 12  ? 10.006  -7.797  -0.598  1.00 16.54 ? 8   TRP A CE3 1 
ATOM   92   C CZ2 . TRP A 1 12  ? 11.786  -5.707  0.315   1.00 17.76 ? 8   TRP A CZ2 1 
ATOM   93   C CZ3 . TRP A 1 12  ? 10.854  -7.980  0.500   1.00 16.48 ? 8   TRP A CZ3 1 
ATOM   94   C CH2 . TRP A 1 12  ? 11.746  -6.942  0.928   1.00 15.53 ? 8   TRP A CH2 1 
ATOM   95   N N   . LYS A 1 13  ? 7.244   -9.312  -4.794  1.00 16.96 ? 9   LYS A N   1 
ATOM   96   C CA  . LYS A 1 13  ? 6.106   -9.978  -5.439  1.00 18.65 ? 9   LYS A CA  1 
ATOM   97   C C   . LYS A 1 13  ? 5.171   -10.520 -4.349  1.00 17.24 ? 9   LYS A C   1 
ATOM   98   O O   . LYS A 1 13  ? 5.609   -11.012 -3.269  1.00 18.11 ? 9   LYS A O   1 
ATOM   99   C CB  . LYS A 1 13  ? 6.605   -11.120 -6.336  1.00 19.72 ? 9   LYS A CB  1 
ATOM   100  C CG  . LYS A 1 13  ? 7.326   -12.189 -5.562  1.00 28.73 ? 9   LYS A CG  1 
ATOM   101  C CD  . LYS A 1 13  ? 7.786   -13.316 -6.491  1.00 35.42 ? 9   LYS A CD  1 
ATOM   102  C CE  . LYS A 1 13  ? 8.102   -14.570 -5.684  1.00 41.08 ? 9   LYS A CE  1 
ATOM   103  N NZ  . LYS A 1 13  ? 9.503   -14.612 -5.186  1.00 49.54 ? 9   LYS A NZ  1 
ATOM   104  N N   . LEU A 1 14  ? 3.847   -10.400 -4.620  1.00 17.82 ? 10  LEU A N   1 
ATOM   105  C CA  . LEU A 1 14  ? 2.870   -10.831 -3.619  1.00 17.58 ? 10  LEU A CA  1 
ATOM   106  C C   . LEU A 1 14  ? 2.897   -12.359 -3.463  1.00 20.20 ? 10  LEU A C   1 
ATOM   107  O O   . LEU A 1 14  ? 2.820   -13.064 -4.476  1.00 23.14 ? 10  LEU A O   1 
ATOM   108  C CB  . LEU A 1 14  ? 1.464   -10.400 -4.049  1.00 18.76 ? 10  LEU A CB  1 
ATOM   109  C CG  . LEU A 1 14  ? 0.384   -10.725 -3.021  1.00 18.39 ? 10  LEU A CG  1 
ATOM   110  C CD1 . LEU A 1 14  ? 0.450   -9.784  -1.849  1.00 20.50 ? 10  LEU A CD1 1 
ATOM   111  C CD2 . LEU A 1 14  ? -1.005  -10.593 -3.664  1.00 23.23 ? 10  LEU A CD2 1 
ATOM   112  N N   . VAL A 1 15  ? 3.022   -12.851 -2.252  1.00 20.51 ? 11  VAL A N   1 
ATOM   113  C CA  . VAL A 1 15  ? 3.009   -14.323 -2.019  1.00 20.44 ? 11  VAL A CA  1 
ATOM   114  C C   . VAL A 1 15  ? 1.802   -14.819 -1.209  1.00 25.65 ? 11  VAL A C   1 
ATOM   115  O O   . VAL A 1 15  ? 1.487   -16.017 -1.249  1.00 28.43 ? 11  VAL A O   1 
ATOM   116  C CB  . VAL A 1 15  ? 4.304   -14.813 -1.352  1.00 23.28 ? 11  VAL A CB  1 
ATOM   117  C CG1 . VAL A 1 15  ? 5.454   -14.551 -2.326  1.00 25.17 ? 11  VAL A CG1 1 
ATOM   118  C CG2 . VAL A 1 15  ? 4.509   -14.211 0.030   1.00 22.67 ? 11  VAL A CG2 1 
ATOM   119  N N   . SER A 1 16  ? 1.117   -13.934 -0.518  1.00 22.86 ? 12  SER A N   1 
ATOM   120  C CA  . SER A 1 16  ? -0.086  -14.334 0.258   1.00 23.78 ? 12  SER A CA  1 
ATOM   121  C C   . SER A 1 16  ? -0.935  -13.131 0.583   1.00 23.85 ? 12  SER A C   1 
ATOM   122  O O   . SER A 1 16  ? -0.434  -12.005 0.661   1.00 20.29 ? 12  SER A O   1 
ATOM   123  C CB  . SER A 1 16  ? 0.282   -15.131 1.527   1.00 26.13 ? 12  SER A CB  1 
ATOM   124  O OG  . SER A 1 16  ? 0.766   -14.296 2.542   1.00 24.98 ? 12  SER A OG  1 
ATOM   125  N N   . SER A 1 17  ? -2.238  -13.387 0.740   1.00 23.63 ? 13  SER A N   1 
ATOM   126  C CA  . SER A 1 17  ? -3.220  -12.369 1.062   1.00 21.12 ? 13  SER A CA  1 
ATOM   127  C C   . SER A 1 17  ? -4.225  -12.953 2.060   1.00 23.41 ? 13  SER A C   1 
ATOM   128  O O   . SER A 1 17  ? -4.588  -14.142 1.961   1.00 23.66 ? 13  SER A O   1 
ATOM   129  C CB  . SER A 1 17  ? -3.932  -11.858 -0.196  1.00 21.43 ? 13  SER A CB  1 
ATOM   130  O OG  . SER A 1 17  ? -4.812  -10.787 0.109   1.00 22.26 ? 13  SER A OG  1 
ATOM   131  N N   . GLU A 1 18  ? -4.595  -12.122 3.018   1.00 21.47 ? 14  GLU A N   1 
ATOM   132  C CA  A GLU A 1 18  ? -5.598  -12.487 4.022   0.50 24.10 ? 14  GLU A CA  1 
ATOM   133  C CA  B GLU A 1 18  ? -5.574  -12.486 4.067   0.50 24.21 ? 14  GLU A CA  1 
ATOM   134  C C   . GLU A 1 18  ? -6.586  -11.358 4.192   1.00 25.09 ? 14  GLU A C   1 
ATOM   135  O O   . GLU A 1 18  ? -6.209  -10.198 4.398   1.00 23.26 ? 14  GLU A O   1 
ATOM   136  C CB  A GLU A 1 18  ? -4.924  -12.789 5.355   0.50 28.19 ? 14  GLU A CB  1 
ATOM   137  C CB  B GLU A 1 18  ? -4.885  -12.705 5.434   0.50 28.37 ? 14  GLU A CB  1 
ATOM   138  C CG  A GLU A 1 18  ? -5.875  -13.036 6.508   0.50 31.48 ? 14  GLU A CG  1 
ATOM   139  C CG  B GLU A 1 18  ? -3.978  -13.935 5.562   0.50 32.10 ? 14  GLU A CG  1 
ATOM   140  C CD  A GLU A 1 18  ? -5.146  -13.553 7.732   0.50 35.22 ? 14  GLU A CD  1 
ATOM   141  C CD  B GLU A 1 18  ? -3.055  -13.869 6.782   0.50 36.91 ? 14  GLU A CD  1 
ATOM   142  O OE1 A GLU A 1 18  ? -4.374  -14.537 7.601   0.50 35.14 ? 14  GLU A OE1 1 
ATOM   143  O OE1 B GLU A 1 18  ? -3.573  -13.910 7.922   0.50 37.38 ? 14  GLU A OE1 1 
ATOM   144  O OE2 A GLU A 1 18  ? -5.341  -12.975 8.820   0.50 40.45 ? 14  GLU A OE2 1 
ATOM   145  O OE2 B GLU A 1 18  ? -1.808  -13.773 6.604   0.50 37.78 ? 14  GLU A OE2 1 
ATOM   146  N N   . ASN A 1 19  ? -7.881  -11.698 4.075   1.00 22.18 ? 15  ASN A N   1 
ATOM   147  C CA  A ASN A 1 19  ? -8.971  -10.739 4.329   0.50 23.60 ? 15  ASN A CA  1 
ATOM   148  C CA  B ASN A 1 19  ? -8.991  -10.761 4.321   0.50 22.57 ? 15  ASN A CA  1 
ATOM   149  C C   . ASN A 1 19  ? -9.035  -9.559  3.389   1.00 21.80 ? 15  ASN A C   1 
ATOM   150  O O   . ASN A 1 19  ? -9.623  -8.529  3.719   1.00 23.01 ? 15  ASN A O   1 
ATOM   151  C CB  A ASN A 1 19  ? -8.934  -10.267 5.784   0.50 26.88 ? 15  ASN A CB  1 
ATOM   152  C CB  B ASN A 1 19  ? -9.050  -10.361 5.809   0.50 23.24 ? 15  ASN A CB  1 
ATOM   153  C CG  A ASN A 1 19  ? -8.952  -11.416 6.753   0.50 29.60 ? 15  ASN A CG  1 
ATOM   154  C CG  B ASN A 1 19  ? -10.470 -10.091 6.289   0.50 24.18 ? 15  ASN A CG  1 
ATOM   155  O OD1 A ASN A 1 19  ? -9.617  -12.418 6.506   0.50 32.92 ? 15  ASN A OD1 1 
ATOM   156  O OD1 B ASN A 1 19  ? -10.701 -9.264  7.191   0.50 27.03 ? 15  ASN A OD1 1 
ATOM   157  N ND2 A ASN A 1 19  ? -8.213  -11.292 7.857   0.50 32.56 ? 15  ASN A ND2 1 
ATOM   158  N ND2 B ASN A 1 19  ? -11.419 -10.786 5.704   0.50 21.98 ? 15  ASN A ND2 1 
ATOM   159  N N   . PHE A 1 20  ? -8.424  -9.674  2.206   1.00 22.15 ? 16  PHE A N   1 
ATOM   160  C CA  . PHE A 1 20  ? -8.384  -8.537  1.279   1.00 21.59 ? 16  PHE A CA  1 
ATOM   161  C C   . PHE A 1 20  ? -9.796  -8.160  0.746   1.00 21.77 ? 16  PHE A C   1 
ATOM   162  O O   . PHE A 1 20  ? -10.144 -6.989  0.668   1.00 20.69 ? 16  PHE A O   1 
ATOM   163  C CB  . PHE A 1 20  ? -7.377  -8.739  0.138   1.00 21.48 ? 16  PHE A CB  1 
ATOM   164  C CG  . PHE A 1 20  ? -7.054  -7.479  -0.621  1.00 22.44 ? 16  PHE A CG  1 
ATOM   165  C CD1 . PHE A 1 20  ? -6.586  -6.331  0.041   1.00 23.47 ? 16  PHE A CD1 1 
ATOM   166  C CD2 . PHE A 1 20  ? -7.132  -7.492  -2.002  1.00 21.65 ? 16  PHE A CD2 1 
ATOM   167  C CE1 . PHE A 1 20  ? -6.249  -5.185  -0.693  1.00 23.76 ? 16  PHE A CE1 1 
ATOM   168  C CE2 . PHE A 1 20  ? -6.779  -6.367  -2.750  1.00 23.29 ? 16  PHE A CE2 1 
ATOM   169  C CZ  . PHE A 1 20  ? -6.382  -5.213  -2.084  1.00 22.17 ? 16  PHE A CZ  1 
ATOM   170  N N   . ASP A 1 21  ? -10.615 -9.149  0.417   1.00 24.07 ? 17  ASP A N   1 
ATOM   171  C CA  . ASP A 1 21  ? -11.968 -8.848  -0.050  1.00 24.00 ? 17  ASP A CA  1 
ATOM   172  C C   . ASP A 1 21  ? -12.771 -8.042  0.978   1.00 23.86 ? 17  ASP A C   1 
ATOM   173  O O   . ASP A 1 21  ? -13.383 -7.008  0.603   1.00 24.05 ? 17  ASP A O   1 
ATOM   174  C CB  . ASP A 1 21  ? -12.693 -10.135 -0.459  1.00 25.50 ? 17  ASP A CB  1 
ATOM   175  C CG  . ASP A 1 21  ? -14.014 -9.836  -1.168  1.00 28.48 ? 17  ASP A CG  1 
ATOM   176  O OD1 . ASP A 1 21  ? -13.966 -9.266  -2.269  1.00 25.89 ? 17  ASP A OD1 1 
ATOM   177  O OD2 . ASP A 1 21  ? -15.105 -10.170 -0.586  1.00 32.09 ? 17  ASP A OD2 1 
ATOM   178  N N   . ASP A 1 22  ? -12.704 -8.479  2.238   1.00 23.79 ? 18  ASP A N   1 
ATOM   179  C CA  . ASP A 1 22  ? -13.383 -7.804  3.346   1.00 27.38 ? 18  ASP A CA  1 
ATOM   180  C C   . ASP A 1 22  ? -12.858 -6.376  3.503   1.00 27.70 ? 18  ASP A C   1 
ATOM   181  O O   . ASP A 1 22  ? -13.629 -5.450  3.723   1.00 26.57 ? 18  ASP A O   1 
ATOM   182  C CB  . ASP A 1 22  ? -13.279 -8.595  4.643   1.00 33.47 ? 18  ASP A CB  1 
ATOM   183  C CG  . ASP A 1 22  ? -14.208 -9.823  4.678   1.00 38.98 ? 18  ASP A CG  1 
ATOM   184  O OD1 . ASP A 1 22  ? -15.232 -9.838  3.974   1.00 43.64 ? 18  ASP A OD1 1 
ATOM   185  O OD2 . ASP A 1 22  ? -13.900 -10.772 5.428   1.00 45.64 ? 18  ASP A OD2 1 
ATOM   186  N N   . TYR A 1 23  ? -11.541 -6.182  3.347   1.00 26.20 ? 19  TYR A N   1 
ATOM   187  C CA  . TYR A 1 23  ? -10.992 -4.853  3.489   1.00 21.90 ? 19  TYR A CA  1 
ATOM   188  C C   . TYR A 1 23  ? -11.536 -3.965  2.391   1.00 22.48 ? 19  TYR A C   1 
ATOM   189  O O   . TYR A 1 23  ? -11.993 -2.835  2.639   1.00 22.81 ? 19  TYR A O   1 
ATOM   190  C CB  . TYR A 1 23  ? -9.403  -4.908  3.460   1.00 22.54 ? 19  TYR A CB  1 
ATOM   191  C CG  . TYR A 1 23  ? -8.802  -3.560  3.295   1.00 20.47 ? 19  TYR A CG  1 
ATOM   192  C CD1 . TYR A 1 23  ? -8.699  -2.669  4.382   1.00 20.11 ? 19  TYR A CD1 1 
ATOM   193  C CD2 . TYR A 1 23  ? -8.289  -3.137  2.042   1.00 18.61 ? 19  TYR A CD2 1 
ATOM   194  C CE1 . TYR A 1 23  ? -8.194  -1.385  4.199   1.00 18.54 ? 19  TYR A CE1 1 
ATOM   195  C CE2 . TYR A 1 23  ? -7.757  -1.846  1.870   1.00 18.85 ? 19  TYR A CE2 1 
ATOM   196  C CZ  . TYR A 1 23  ? -7.707  -0.975  2.945   1.00 19.64 ? 19  TYR A CZ  1 
ATOM   197  O OH  . TYR A 1 23  ? -7.173  0.283   2.782   1.00 22.72 ? 19  TYR A OH  1 
ATOM   198  N N   . MET A 1 24  ? -11.506 -4.452  1.137   1.00 21.76 ? 20  MET A N   1 
ATOM   199  C CA  . MET A 1 24  ? -12.005 -3.672  0.012   1.00 23.73 ? 20  MET A CA  1 
ATOM   200  C C   . MET A 1 24  ? -13.512 -3.355  0.190   1.00 25.74 ? 20  MET A C   1 
ATOM   201  O O   . MET A 1 24  ? -13.943 -2.264  -0.144  1.00 24.00 ? 20  MET A O   1 
ATOM   202  C CB  . MET A 1 24  ? -11.759 -4.406  -1.300  1.00 21.73 ? 20  MET A CB  1 
ATOM   203  C CG  . MET A 1 24  ? -10.276 -4.392  -1.757  1.00 23.35 ? 20  MET A CG  1 
ATOM   204  S SD  . MET A 1 24  ? -10.130 -5.052  -3.407  1.00 23.12 ? 20  MET A SD  1 
ATOM   205  C CE  . MET A 1 24  ? -10.389 -6.788  -3.117  1.00 22.10 ? 20  MET A CE  1 
ATOM   206  N N   . LYS A 1 25  ? -14.272 -4.316  0.708   1.00 25.95 ? 21  LYS A N   1 
ATOM   207  C CA  . LYS A 1 25  ? -15.730 -4.086  0.996   1.00 27.22 ? 21  LYS A CA  1 
ATOM   208  C C   . LYS A 1 25  ? -15.860 -2.882  1.900   1.00 29.83 ? 21  LYS A C   1 
ATOM   209  O O   . LYS A 1 25  ? -16.612 -1.942  1.609   1.00 28.68 ? 21  LYS A O   1 
ATOM   210  C CB  . LYS A 1 25  ? -16.376 -5.284  1.680   1.00 28.31 ? 21  LYS A CB  1 
ATOM   211  C CG  . LYS A 1 25  ? -16.831 -6.394  0.733   1.00 31.37 ? 21  LYS A CG  1 
ATOM   212  C CD  . LYS A 1 25  ? -17.654 -7.456  1.445   1.00 35.23 ? 21  LYS A CD  1 
ATOM   213  C CE  . LYS A 1 25  ? -17.822 -8.686  0.561   1.00 38.92 ? 21  LYS A CE  1 
ATOM   214  N NZ  . LYS A 1 25  ? -18.700 -9.768  1.098   1.00 41.65 ? 21  LYS A NZ  1 
ATOM   215  N N   . GLU A 1 26  ? -15.053 -2.887  2.962   1.00 27.00 ? 22  GLU A N   1 
ATOM   216  C CA  . GLU A 1 26  ? -15.124 -1.848  3.986   1.00 28.55 ? 22  GLU A CA  1 
ATOM   217  C C   . GLU A 1 26  ? -14.738 -0.490  3.431   1.00 28.26 ? 22  GLU A C   1 
ATOM   218  O O   . GLU A 1 26  ? -15.305 0.529   3.817   1.00 27.77 ? 22  GLU A O   1 
ATOM   219  C CB  . GLU A 1 26  ? -14.257 -2.238  5.181   1.00 28.66 ? 22  GLU A CB  1 
ATOM   220  C CG  . GLU A 1 26  ? -14.634 -1.527  6.462   1.00 37.47 ? 22  GLU A CG  1 
ATOM   221  C CD  . GLU A 1 26  ? -15.970 -2.000  6.999   1.00 39.77 ? 22  GLU A CD  1 
ATOM   222  O OE1 . GLU A 1 26  ? -16.482 -3.054  6.533   1.00 39.63 ? 22  GLU A OE1 1 
ATOM   223  O OE2 . GLU A 1 26  ? -16.485 -1.315  7.886   1.00 40.99 ? 22  GLU A OE2 1 
ATOM   224  N N   . VAL A 1 27  ? -13.771 -0.456  2.524   1.00 24.70 ? 23  VAL A N   1 
ATOM   225  C CA  . VAL A 1 27  ? -13.389 0.756   1.835   1.00 27.82 ? 23  VAL A CA  1 
ATOM   226  C C   . VAL A 1 27  ? -14.479 1.252   0.870   1.00 27.06 ? 23  VAL A C   1 
ATOM   227  O O   . VAL A 1 27  ? -14.520 2.430   0.557   1.00 29.38 ? 23  VAL A O   1 
ATOM   228  C CB  . VAL A 1 27  ? -12.035 0.488   1.106   1.00 27.16 ? 23  VAL A CB  1 
ATOM   229  C CG1 . VAL A 1 27  ? -11.731 1.487   0.002   1.00 27.04 ? 23  VAL A CG1 1 
ATOM   230  C CG2 . VAL A 1 27  ? -10.924 0.438   2.139   1.00 27.06 ? 23  VAL A CG2 1 
ATOM   231  N N   . GLY A 1 28  ? -15.338 0.344   0.401   1.00 27.65 ? 24  GLY A N   1 
ATOM   232  C CA  . GLY A 1 28  ? -16.438 0.669   -0.521  1.00 27.76 ? 24  GLY A CA  1 
ATOM   233  C C   . GLY A 1 28  ? -16.266 0.269   -1.993  1.00 25.83 ? 24  GLY A C   1 
ATOM   234  O O   . GLY A 1 28  ? -16.982 0.766   -2.873  1.00 25.55 ? 24  GLY A O   1 
ATOM   235  N N   . VAL A 1 29  ? -15.282 -0.601  -2.259  1.00 21.76 ? 25  VAL A N   1 
ATOM   236  C CA  . VAL A 1 29  ? -14.977 -1.084  -3.570  1.00 19.93 ? 25  VAL A CA  1 
ATOM   237  C C   . VAL A 1 29  ? -16.143 -1.968  -4.051  1.00 18.60 ? 25  VAL A C   1 
ATOM   238  O O   . VAL A 1 29  ? -16.604 -2.843  -3.271  1.00 20.93 ? 25  VAL A O   1 
ATOM   239  C CB  . VAL A 1 29  ? -13.678 -1.957  -3.519  1.00 20.34 ? 25  VAL A CB  1 
ATOM   240  C CG1 . VAL A 1 29  ? -13.303 -2.341  -4.915  1.00 21.69 ? 25  VAL A CG1 1 
ATOM   241  C CG2 . VAL A 1 29  ? -12.532 -1.128  -2.897  1.00 21.27 ? 25  VAL A CG2 1 
ATOM   242  N N   . GLY A 1 30  ? -16.560 -1.700  -5.297  1.00 21.62 ? 26  GLY A N   1 
ATOM   243  C CA  . GLY A 1 30  ? -17.633 -2.467  -5.980  1.00 21.96 ? 26  GLY A CA  1 
ATOM   244  C C   . GLY A 1 30  ? -17.280 -3.925  -6.247  1.00 23.64 ? 26  GLY A C   1 
ATOM   245  O O   . GLY A 1 30  ? -16.095 -4.302  -6.326  1.00 23.45 ? 26  GLY A O   1 
ATOM   246  N N   . PHE A 1 31  ? -18.322 -4.742  -6.404  1.00 23.13 ? 27  PHE A N   1 
ATOM   247  C CA  . PHE A 1 31  ? -18.174 -6.167  -6.628  1.00 21.19 ? 27  PHE A CA  1 
ATOM   248  C C   . PHE A 1 31  ? -17.147 -6.518  -7.736  1.00 22.70 ? 27  PHE A C   1 
ATOM   249  O O   . PHE A 1 31  ? -16.223 -7.322  -7.482  1.00 21.76 ? 27  PHE A O   1 
ATOM   250  C CB  . PHE A 1 31  ? -19.553 -6.824  -6.878  1.00 22.43 ? 27  PHE A CB  1 
ATOM   251  C CG  . PHE A 1 31  ? -19.465 -8.310  -7.169  1.00 20.22 ? 27  PHE A CG  1 
ATOM   252  C CD1 . PHE A 1 31  ? -19.219 -8.741  -8.478  1.00 24.06 ? 27  PHE A CD1 1 
ATOM   253  C CD2 . PHE A 1 31  ? -19.637 -9.256  -6.177  1.00 23.22 ? 27  PHE A CD2 1 
ATOM   254  C CE1 . PHE A 1 31  ? -19.122 -10.094 -8.787  1.00 24.06 ? 27  PHE A CE1 1 
ATOM   255  C CE2 . PHE A 1 31  ? -19.517 -10.605 -6.480  1.00 23.06 ? 27  PHE A CE2 1 
ATOM   256  C CZ  . PHE A 1 31  ? -19.276 -11.023 -7.788  1.00 24.62 ? 27  PHE A CZ  1 
ATOM   257  N N   . ALA A 1 32  ? -17.330 -5.982  -8.941  1.00 20.59 ? 28  ALA A N   1 
ATOM   258  C CA  . ALA A 1 32  ? -16.560 -6.369  -10.080 1.00 19.47 ? 28  ALA A CA  1 
ATOM   259  C C   . ALA A 1 32  ? -15.098 -6.005  -9.837  1.00 20.51 ? 28  ALA A C   1 
ATOM   260  O O   . ALA A 1 32  ? -14.194 -6.837  -10.080 1.00 20.27 ? 28  ALA A O   1 
ATOM   261  C CB  . ALA A 1 32  ? -17.086 -5.720  -11.368 1.00 22.66 ? 28  ALA A CB  1 
ATOM   262  N N   . THR A 1 33  ? -14.859 -4.773  -9.348  1.00 20.78 ? 29  THR A N   1 
ATOM   263  C CA  . THR A 1 33  ? -13.468 -4.377  -8.983  1.00 20.76 ? 29  THR A CA  1 
ATOM   264  C C   . THR A 1 33  ? -12.874 -5.266  -7.916  1.00 22.60 ? 29  THR A C   1 
ATOM   265  O O   . THR A 1 33  ? -11.707 -5.648  -8.036  1.00 22.21 ? 29  THR A O   1 
ATOM   266  C CB  . THR A 1 33  ? -13.452 -2.899  -8.582  1.00 21.34 ? 29  THR A CB  1 
ATOM   267  O OG1 . THR A 1 33  ? -13.848 -2.189  -9.744  1.00 23.57 ? 29  THR A OG1 1 
ATOM   268  C CG2 . THR A 1 33  ? -12.049 -2.414  -8.199  1.00 23.27 ? 29  THR A CG2 1 
ATOM   269  N N   . ARG A 1 34  ? -13.637 -5.618  -6.886  1.00 19.74 ? 30  ARG A N   1 
ATOM   270  C CA  . ARG A 1 34  ? -13.110 -6.512  -5.861  1.00 20.12 ? 30  ARG A CA  1 
ATOM   271  C C   . ARG A 1 34  ? -12.693 -7.862  -6.468  1.00 21.20 ? 30  ARG A C   1 
ATOM   272  O O   . ARG A 1 34  ? -11.660 -8.456  -6.086  1.00 22.22 ? 30  ARG A O   1 
ATOM   273  C CB  . ARG A 1 34  ? -14.096 -6.781  -4.715  1.00 21.01 ? 30  ARG A CB  1 
ATOM   274  C CG  . ARG A 1 34  ? -14.392 -5.578  -3.822  1.00 21.28 ? 30  ARG A CG  1 
ATOM   275  C CD  . ARG A 1 34  ? -14.898 -6.066  -2.468  1.00 23.43 ? 30  ARG A CD  1 
ATOM   276  N NE  . ARG A 1 34  ? -15.921 -7.119  -2.584  1.00 23.83 ? 30  ARG A NE  1 
ATOM   277  C CZ  . ARG A 1 34  ? -17.209 -6.869  -2.833  1.00 24.91 ? 30  ARG A CZ  1 
ATOM   278  N NH1 . ARG A 1 34  ? -17.640 -5.609  -3.025  1.00 24.89 ? 30  ARG A NH1 1 
ATOM   279  N NH2 . ARG A 1 34  ? -18.080 -7.874  -2.905  1.00 24.43 ? 30  ARG A NH2 1 
ATOM   280  N N   . LYS A 1 35  ? -13.487 -8.368  -7.409  1.00 20.36 ? 31  LYS A N   1 
ATOM   281  C CA  . LYS A 1 35  ? -13.182 -9.693  -7.967  1.00 20.81 ? 31  LYS A CA  1 
ATOM   282  C C   . LYS A 1 35  ? -11.907 -9.655  -8.776  1.00 20.52 ? 31  LYS A C   1 
ATOM   283  O O   . LYS A 1 35  ? -11.047 -10.532 -8.628  1.00 21.05 ? 31  LYS A O   1 
ATOM   284  C CB  . LYS A 1 35  ? -14.313 -10.181 -8.882  1.00 22.94 ? 31  LYS A CB  1 
ATOM   285  C CG  . LYS A 1 35  ? -15.605 -10.405 -8.130  1.00 23.85 ? 31  LYS A CG  1 
ATOM   286  C CD  . LYS A 1 35  ? -15.536 -11.580 -7.184  1.00 27.54 ? 31  LYS A CD  1 
ATOM   287  C CE  . LYS A 1 35  ? -15.729 -11.006 -5.787  1.00 33.48 ? 31  LYS A CE  1 
ATOM   288  N NZ  . LYS A 1 35  ? -15.979 -11.985 -4.689  1.00 36.99 ? 31  LYS A NZ  1 
ATOM   289  N N   . VAL A 1 36  ? -11.778 -8.649  -9.633  1.00 20.34 ? 32  VAL A N   1 
ATOM   290  C CA  A VAL A 1 36  ? -10.623 -8.511  -10.542 0.50 21.62 ? 32  VAL A CA  1 
ATOM   291  C CA  B VAL A 1 36  ? -10.596 -8.604  -10.513 0.50 20.81 ? 32  VAL A CA  1 
ATOM   292  C C   . VAL A 1 36  ? -9.355  -8.140  -9.735  1.00 20.97 ? 32  VAL A C   1 
ATOM   293  O O   . VAL A 1 36  ? -8.248  -8.711  -9.931  1.00 20.51 ? 32  VAL A O   1 
ATOM   294  C CB  A VAL A 1 36  ? -10.974 -7.477  -11.641 0.50 23.22 ? 32  VAL A CB  1 
ATOM   295  C CB  B VAL A 1 36  ? -10.837 -7.820  -11.822 0.50 21.50 ? 32  VAL A CB  1 
ATOM   296  C CG1 A VAL A 1 36  ? -9.782  -7.157  -12.526 0.50 24.02 ? 32  VAL A CG1 1 
ATOM   297  C CG1 B VAL A 1 36  ? -11.848 -8.556  -12.704 0.50 20.54 ? 32  VAL A CG1 1 
ATOM   298  C CG2 A VAL A 1 36  ? -12.125 -8.003  -12.500 0.50 23.76 ? 32  VAL A CG2 1 
ATOM   299  C CG2 B VAL A 1 36  ? -11.287 -6.398  -11.543 0.50 22.00 ? 32  VAL A CG2 1 
ATOM   300  N N   . ALA A 1 37  ? -9.517  -7.186  -8.821  1.00 22.23 ? 33  ALA A N   1 
ATOM   301  C CA  . ALA A 1 37  ? -8.383  -6.779  -7.938  1.00 21.18 ? 33  ALA A CA  1 
ATOM   302  C C   . ALA A 1 37  ? -7.936  -7.925  -7.018  1.00 22.28 ? 33  ALA A C   1 
ATOM   303  O O   . ALA A 1 37  ? -6.755  -8.079  -6.744  1.00 23.57 ? 33  ALA A O   1 
ATOM   304  C CB  . ALA A 1 37  ? -8.715  -5.544  -7.113  1.00 22.95 ? 33  ALA A CB  1 
ATOM   305  N N   . GLY A 1 38  ? -8.861  -8.747  -6.535  1.00 19.97 ? 34  GLY A N   1 
ATOM   306  C CA  . GLY A 1 38  ? -8.518  -9.807  -5.595  1.00 19.31 ? 34  GLY A CA  1 
ATOM   307  C C   . GLY A 1 38  ? -7.745  -10.952 -6.281  1.00 20.29 ? 34  GLY A C   1 
ATOM   308  O O   . GLY A 1 38  ? -6.978  -11.639 -5.612  1.00 22.28 ? 34  GLY A O   1 
ATOM   309  N N   . MET A 1 39  ? -7.913  -11.135 -7.580  1.00 19.18 ? 35  MET A N   1 
ATOM   310  C CA  . MET A 1 39  ? -7.211  -12.126 -8.373  1.00 21.50 ? 35  MET A CA  1 
ATOM   311  C C   . MET A 1 39  ? -5.750  -11.732 -8.618  1.00 21.06 ? 35  MET A C   1 
ATOM   312  O O   . MET A 1 39  ? -4.911  -12.574 -8.898  1.00 22.56 ? 35  MET A O   1 
ATOM   313  C CB  . MET A 1 39  ? -7.889  -12.236 -9.759  1.00 21.13 ? 35  MET A CB  1 
ATOM   314  C CG  . MET A 1 39  ? -9.175  -13.071 -9.765  1.00 20.83 ? 35  MET A CG  1 
ATOM   315  S SD  . MET A 1 39  ? -8.878  -14.819 -9.439  1.00 21.19 ? 35  MET A SD  1 
ATOM   316  C CE  . MET A 1 39  ? -8.024  -15.309 -10.902 1.00 21.37 ? 35  MET A CE  1 
ATOM   317  N N   . ALA A 1 40  ? -5.495  -10.426 -8.565  1.00 19.89 ? 36  ALA A N   1 
ATOM   318  C CA  . ALA A 1 40  ? -4.195  -9.910  -8.946  1.00 19.44 ? 36  ALA A CA  1 
ATOM   319  C C   . ALA A 1 40  ? -3.073  -10.391 -8.048  1.00 17.65 ? 36  ALA A C   1 
ATOM   320  O O   . ALA A 1 40  ? -3.254  -10.580 -6.804  1.00 18.77 ? 36  ALA A O   1 
ATOM   321  C CB  . ALA A 1 40  ? -4.253  -8.402  -8.990  1.00 19.49 ? 36  ALA A CB  1 
ATOM   322  N N   . LYS A 1 41  ? -1.901  -10.531 -8.658  1.00 18.15 ? 37  LYS A N   1 
ATOM   323  C CA  . LYS A 1 41  ? -0.669  -10.902 -7.957  1.00 19.73 ? 37  LYS A CA  1 
ATOM   324  C C   . LYS A 1 41  ? 0.385   -9.834  -8.259  1.00 18.94 ? 37  LYS A C   1 
ATOM   325  O O   . LYS A 1 41  ? 1.282   -10.071 -9.083  1.00 20.64 ? 37  LYS A O   1 
ATOM   326  C CB  . LYS A 1 41  ? -0.175  -12.238 -8.457  1.00 23.51 ? 37  LYS A CB  1 
ATOM   327  C CG  . LYS A 1 41  ? -1.107  -13.407 -8.143  1.00 33.15 ? 37  LYS A CG  1 
ATOM   328  C CD  . LYS A 1 41  ? -1.201  -13.660 -6.655  1.00 38.08 ? 37  LYS A CD  1 
ATOM   329  C CE  . LYS A 1 41  ? -2.319  -14.668 -6.389  1.00 51.06 ? 37  LYS A CE  1 
ATOM   330  N NZ  . LYS A 1 41  ? -2.296  -15.099 -4.958  1.00 59.00 ? 37  LYS A NZ  1 
ATOM   331  N N   . PRO A 1 42  ? 0.212   -8.650  -7.668  1.00 20.11 ? 38  PRO A N   1 
ATOM   332  C CA  . PRO A 1 42  ? 1.057   -7.550  -8.100  1.00 19.52 ? 38  PRO A CA  1 
ATOM   333  C C   . PRO A 1 42  ? 2.534   -7.700  -7.670  1.00 18.60 ? 38  PRO A C   1 
ATOM   334  O O   . PRO A 1 42  ? 2.844   -8.352  -6.676  1.00 17.78 ? 38  PRO A O   1 
ATOM   335  C CB  . PRO A 1 42  ? 0.472   -6.347  -7.368  1.00 21.58 ? 38  PRO A CB  1 
ATOM   336  C CG  . PRO A 1 42  ? -0.275  -6.877  -6.203  1.00 22.80 ? 38  PRO A CG  1 
ATOM   337  C CD  . PRO A 1 42  ? -0.751  -8.244  -6.627  1.00 20.05 ? 38  PRO A CD  1 
ATOM   338  N N   . ASN A 1 43  ? 3.372   -6.998  -8.394  1.00 18.66 ? 39  ASN A N   1 
ATOM   339  C CA  . ASN A 1 43  ? 4.706   -6.689  -7.903  1.00 20.26 ? 39  ASN A CA  1 
ATOM   340  C C   . ASN A 1 43  ? 4.624   -5.302  -7.251  1.00 21.48 ? 39  ASN A C   1 
ATOM   341  O O   . ASN A 1 43  ? 3.775   -4.444  -7.623  1.00 23.30 ? 39  ASN A O   1 
ATOM   342  C CB  . ASN A 1 43  ? 5.701   -6.631  -9.054  1.00 20.21 ? 39  ASN A CB  1 
ATOM   343  C CG  . ASN A 1 43  ? 5.969   -7.978  -9.681  1.00 26.63 ? 39  ASN A CG  1 
ATOM   344  O OD1 . ASN A 1 43  ? 6.183   -8.045  -10.879 1.00 40.01 ? 39  ASN A OD1 1 
ATOM   345  N ND2 . ASN A 1 43  ? 5.927   -9.030  -8.917  1.00 24.17 ? 39  ASN A ND2 1 
ATOM   346  N N   . MET A 1 44  ? 5.486   -5.065  -6.266  1.00 18.60 ? 40  MET A N   1 
ATOM   347  C CA  . MET A 1 44  ? 5.591   -3.722  -5.679  1.00 19.35 ? 40  MET A CA  1 
ATOM   348  C C   . MET A 1 44  ? 7.062   -3.317  -5.823  1.00 20.25 ? 40  MET A C   1 
ATOM   349  O O   . MET A 1 44  ? 7.968   -4.124  -5.518  1.00 19.81 ? 40  MET A O   1 
ATOM   350  C CB  . MET A 1 44  ? 5.192   -3.771  -4.224  1.00 20.93 ? 40  MET A CB  1 
ATOM   351  C CG  . MET A 1 44  ? 5.306   -2.409  -3.537  1.00 23.01 ? 40  MET A CG  1 
ATOM   352  S SD  . MET A 1 44  ? 4.782   -2.468  -1.831  1.00 29.55 ? 40  MET A SD  1 
ATOM   353  C CE  . MET A 1 44  ? 4.827   -4.181  -1.368  1.00 31.84 ? 40  MET A CE  1 
ATOM   354  N N   . ILE A 1 45  ? 7.296   -2.146  -6.400  1.00 18.08 ? 41  ILE A N   1 
ATOM   355  C CA  . ILE A 1 45  ? 8.666   -1.698  -6.721  1.00 17.82 ? 41  ILE A CA  1 
ATOM   356  C C   . ILE A 1 45  ? 8.919   -0.399  -5.968  1.00 17.04 ? 41  ILE A C   1 
ATOM   357  O O   . ILE A 1 45  ? 8.208   0.606   -6.209  1.00 17.19 ? 41  ILE A O   1 
ATOM   358  C CB  . ILE A 1 45  ? 8.881   -1.522  -8.217  1.00 18.37 ? 41  ILE A CB  1 
ATOM   359  C CG1 . ILE A 1 45  ? 8.546   -2.840  -8.987  1.00 20.27 ? 41  ILE A CG1 1 
ATOM   360  C CG2 . ILE A 1 45  ? 10.329  -1.202  -8.475  1.00 19.69 ? 41  ILE A CG2 1 
ATOM   361  C CD1 . ILE A 1 45  ? 7.146   -2.866  -9.581  1.00 24.04 ? 41  ILE A CD1 1 
ATOM   362  N N   . ILE A 1 46  ? 9.859   -0.442  -5.021  1.00 16.00 ? 42  ILE A N   1 
ATOM   363  C CA  . ILE A 1 46  ? 10.088  0.699   -4.137  1.00 13.75 ? 42  ILE A CA  1 
ATOM   364  C C   . ILE A 1 46  ? 11.484  1.232   -4.436  1.00 14.29 ? 42  ILE A C   1 
ATOM   365  O O   . ILE A 1 46  ? 12.476  0.486   -4.375  1.00 15.08 ? 42  ILE A O   1 
ATOM   366  C CB  . ILE A 1 46  ? 9.941   0.298   -2.655  1.00 13.95 ? 42  ILE A CB  1 
ATOM   367  C CG1 . ILE A 1 46  ? 8.483   -0.206  -2.402  1.00 14.61 ? 42  ILE A CG1 1 
ATOM   368  C CG2 . ILE A 1 46  ? 10.305  1.456   -1.703  1.00 15.81 ? 42  ILE A CG2 1 
ATOM   369  C CD1 . ILE A 1 46  ? 8.249   -0.807  -1.013  1.00 15.66 ? 42  ILE A CD1 1 
ATOM   370  N N   . SER A 1 47  ? 11.550  2.543   -4.663  1.00 15.23 ? 43  SER A N   1 
ATOM   371  C CA  . SER A 1 47  ? 12.828  3.154   -4.961  1.00 15.55 ? 43  SER A CA  1 
ATOM   372  C C   . SER A 1 47  ? 12.925  4.517   -4.318  1.00 17.82 ? 43  SER A C   1 
ATOM   373  O O   . SER A 1 47  ? 11.920  5.073   -3.868  1.00 17.38 ? 43  SER A O   1 
ATOM   374  C CB  . SER A 1 47  ? 12.980  3.245   -6.469  1.00 16.18 ? 43  SER A CB  1 
ATOM   375  O OG  . SER A 1 47  ? 11.984  4.085   -7.091  1.00 16.96 ? 43  SER A OG  1 
ATOM   376  N N   . VAL A 1 48  ? 14.159  4.997   -4.184  1.00 17.68 ? 44  VAL A N   1 
ATOM   377  C CA  . VAL A 1 48  ? 14.416  6.254   -3.473  1.00 19.57 ? 44  VAL A CA  1 
ATOM   378  C C   . VAL A 1 48  ? 15.401  7.064   -4.300  1.00 19.72 ? 44  VAL A C   1 
ATOM   379  O O   . VAL A 1 48  ? 16.358  6.543   -4.852  1.00 20.86 ? 44  VAL A O   1 
ATOM   380  C CB  . VAL A 1 48  ? 14.995  5.983   -2.075  1.00 19.73 ? 44  VAL A CB  1 
ATOM   381  C CG1 . VAL A 1 48  ? 15.357  7.267   -1.338  1.00 25.73 ? 44  VAL A CG1 1 
ATOM   382  C CG2 . VAL A 1 48  ? 14.000  5.194   -1.241  1.00 21.89 ? 44  VAL A CG2 1 
ATOM   383  N N   . ASN A 1 49  ? 15.146  8.377   -4.385  1.00 18.53 ? 45  ASN A N   1 
ATOM   384  C CA  . ASN A 1 49  ? 16.095  9.292   -5.027  1.00 18.59 ? 45  ASN A CA  1 
ATOM   385  C C   . ASN A 1 49  ? 16.109  10.528  -4.105  1.00 18.05 ? 45  ASN A C   1 
ATOM   386  O O   . ASN A 1 49  ? 15.148  11.291  -4.056  1.00 17.80 ? 45  ASN A O   1 
ATOM   387  C CB  . ASN A 1 49  ? 15.677  9.595   -6.458  1.00 16.46 ? 45  ASN A CB  1 
ATOM   388  C CG  . ASN A 1 49  ? 16.607  10.598  -7.140  1.00 16.63 ? 45  ASN A CG  1 
ATOM   389  O OD1 . ASN A 1 49  ? 17.162  11.488  -6.440  1.00 20.32 ? 45  ASN A OD1 1 
ATOM   390  N ND2 . ASN A 1 49  ? 16.807  10.471  -8.459  1.00 18.09 ? 45  ASN A ND2 1 
ATOM   391  N N   . GLY A 1 50  ? 17.217  10.744  -3.395  1.00 19.79 ? 46  GLY A N   1 
ATOM   392  C CA  . GLY A 1 50  ? 17.210  11.767  -2.357  1.00 20.48 ? 46  GLY A CA  1 
ATOM   393  C C   . GLY A 1 50  ? 16.122  11.585  -1.321  1.00 21.28 ? 46  GLY A C   1 
ATOM   394  O O   . GLY A 1 50  ? 16.007  10.515  -0.719  1.00 23.53 ? 46  GLY A O   1 
ATOM   395  N N   . ASP A 1 51  ? 15.294  12.625  -1.118  1.00 21.16 ? 47  ASP A N   1 
ATOM   396  C CA  . ASP A 1 51  ? 14.214  12.551  -0.175  1.00 21.84 ? 47  ASP A CA  1 
ATOM   397  C C   . ASP A 1 51  ? 12.924  11.981  -0.822  1.00 19.91 ? 47  ASP A C   1 
ATOM   398  O O   . ASP A 1 51  ? 11.926  11.857  -0.140  1.00 21.56 ? 47  ASP A O   1 
ATOM   399  C CB  . ASP A 1 51  ? 13.910  13.942  0.372   1.00 26.10 ? 47  ASP A CB  1 
ATOM   400  C CG  . ASP A 1 51  ? 14.996  14.438  1.356   1.00 33.42 ? 47  ASP A CG  1 
ATOM   401  O OD1 . ASP A 1 51  ? 15.724  13.613  1.947   1.00 33.68 ? 47  ASP A OD1 1 
ATOM   402  O OD2 . ASP A 1 51  ? 15.081  15.656  1.548   1.00 38.43 ? 47  ASP A OD2 1 
ATOM   403  N N   . VAL A 1 52  ? 12.940  11.730  -2.122  1.00 17.58 ? 48  VAL A N   1 
ATOM   404  C CA  . VAL A 1 52  ? 11.688  11.291  -2.800  1.00 17.46 ? 48  VAL A CA  1 
ATOM   405  C C   . VAL A 1 52  ? 11.647  9.743   -2.864  1.00 18.81 ? 48  VAL A C   1 
ATOM   406  O O   . VAL A 1 52  ? 12.538  9.110   -3.462  1.00 19.61 ? 48  VAL A O   1 
ATOM   407  C CB  . VAL A 1 52  ? 11.586  11.834  -4.247  1.00 18.81 ? 48  VAL A CB  1 
ATOM   408  C CG1 . VAL A 1 52  ? 10.268  11.411  -4.888  1.00 18.14 ? 48  VAL A CG1 1 
ATOM   409  C CG2 . VAL A 1 52  ? 11.694  13.368  -4.287  1.00 19.08 ? 48  VAL A CG2 1 
ATOM   410  N N   . ILE A 1 53  ? 10.582  9.183   -2.299  1.00 16.46 ? 49  ILE A N   1 
ATOM   411  C CA  . ILE A 1 53  ? 10.344  7.732   -2.322  1.00 15.27 ? 49  ILE A CA  1 
ATOM   412  C C   . ILE A 1 53  ? 9.261   7.470   -3.351  1.00 16.83 ? 49  ILE A C   1 
ATOM   413  O O   . ILE A 1 53  ? 8.243   8.211   -3.387  1.00 16.03 ? 49  ILE A O   1 
ATOM   414  C CB  . ILE A 1 53  ? 9.831   7.293   -0.954  1.00 17.15 ? 49  ILE A CB  1 
ATOM   415  C CG1 . ILE A 1 53  ? 10.861  7.617   0.135   1.00 18.34 ? 49  ILE A CG1 1 
ATOM   416  C CG2 . ILE A 1 53  ? 9.548   5.794   -0.961  1.00 16.78 ? 49  ILE A CG2 1 
ATOM   417  C CD1 . ILE A 1 53  ? 10.270  7.600   1.530   1.00 22.80 ? 49  ILE A CD1 1 
ATOM   418  N N   . THR A 1 54  ? 9.502   6.476   -4.205  1.00 17.02 ? 50  THR A N   1 
ATOM   419  C CA  . THR A 1 54  ? 8.477   6.099   -5.168  1.00 15.56 ? 50  THR A CA  1 
ATOM   420  C C   . THR A 1 54  ? 8.045   4.660   -4.909  1.00 15.45 ? 50  THR A C   1 
ATOM   421  O O   . THR A 1 54  ? 8.896   3.776   -4.734  1.00 17.18 ? 50  THR A O   1 
ATOM   422  C CB  . THR A 1 54  ? 9.016   6.207   -6.591  1.00 16.46 ? 50  THR A CB  1 
ATOM   423  O OG1 . THR A 1 54  ? 9.374   7.581   -6.882  1.00 18.42 ? 50  THR A OG1 1 
ATOM   424  C CG2 . THR A 1 54  ? 7.974   5.737   -7.635  1.00 19.34 ? 50  THR A CG2 1 
ATOM   425  N N   . ILE A 1 55  ? 6.727   4.439   -4.871  1.00 15.03 ? 51  ILE A N   1 
ATOM   426  C CA  . ILE A 1 55  ? 6.186   3.089   -4.660  1.00 16.59 ? 51  ILE A CA  1 
ATOM   427  C C   . ILE A 1 55  ? 5.309   2.815   -5.892  1.00 17.92 ? 51  ILE A C   1 
ATOM   428  O O   . ILE A 1 55  ? 4.317   3.530   -6.099  1.00 18.08 ? 51  ILE A O   1 
ATOM   429  C CB  . ILE A 1 55  ? 5.372   2.929   -3.365  1.00 16.40 ? 51  ILE A CB  1 
ATOM   430  C CG1 . ILE A 1 55  ? 6.217   3.209   -2.108  1.00 18.78 ? 51  ILE A CG1 1 
ATOM   431  C CG2 . ILE A 1 55  ? 4.746   1.510   -3.351  1.00 17.08 ? 51  ILE A CG2 1 
ATOM   432  C CD1 . ILE A 1 55  ? 5.422   3.148   -0.841  1.00 20.90 ? 51  ILE A CD1 1 
ATOM   433  N N   . LYS A 1 56  ? 5.662   1.762   -6.641  1.00 18.24 ? 52  LYS A N   1 
ATOM   434  C CA  . LYS A 1 56  ? 4.826   1.315   -7.782  1.00 19.05 ? 52  LYS A CA  1 
ATOM   435  C C   . LYS A 1 56  ? 4.170   -0.003  -7.410  1.00 20.78 ? 52  LYS A C   1 
ATOM   436  O O   . LYS A 1 56  ? 4.788   -0.878  -6.749  1.00 22.17 ? 52  LYS A O   1 
ATOM   437  C CB  . LYS A 1 56  ? 5.665   1.090   -8.995  1.00 20.40 ? 52  LYS A CB  1 
ATOM   438  C CG  . LYS A 1 56  ? 6.270   2.350   -9.525  1.00 21.17 ? 52  LYS A CG  1 
ATOM   439  C CD  . LYS A 1 56  ? 7.233   1.998   -10.638 1.00 26.09 ? 52  LYS A CD  1 
ATOM   440  C CE  . LYS A 1 56  ? 7.868   3.265   -11.210 1.00 28.65 ? 52  LYS A CE  1 
ATOM   441  N NZ  . LYS A 1 56  ? 8.986   2.938   -12.147 1.00 31.69 ? 52  LYS A NZ  1 
ATOM   442  N N   . SER A 1 57  ? 2.902   -0.150  -7.838  1.00 19.82 ? 53  SER A N   1 
ATOM   443  C CA  . SER A 1 57  ? 2.234   -1.460  -7.811  1.00 21.10 ? 53  SER A CA  1 
ATOM   444  C C   . SER A 1 57  ? 1.893   -1.838  -9.249  1.00 22.52 ? 53  SER A C   1 
ATOM   445  O O   . SER A 1 57  ? 1.286   -1.051  -9.983  1.00 22.88 ? 53  SER A O   1 
ATOM   446  C CB  . SER A 1 57  ? 0.977   -1.391  -6.949  1.00 23.36 ? 53  SER A CB  1 
ATOM   447  O OG  . SER A 1 57  ? 0.339   -2.664  -6.974  1.00 22.29 ? 53  SER A OG  1 
ATOM   448  N N   . GLU A 1 58  ? 2.306   -3.029  -9.681  1.00 19.68 ? 54  GLU A N   1 
ATOM   449  C CA  . GLU A 1 58  ? 2.174   -3.381  -11.073 1.00 19.49 ? 54  GLU A CA  1 
ATOM   450  C C   . GLU A 1 58  ? 1.508   -4.729  -11.166 1.00 19.90 ? 54  GLU A C   1 
ATOM   451  O O   . GLU A 1 58  ? 1.994   -5.703  -10.629 1.00 19.48 ? 54  GLU A O   1 
ATOM   452  C CB  . GLU A 1 58  ? 3.512   -3.359  -11.754 1.00 24.30 ? 54  GLU A CB  1 
ATOM   453  C CG  . GLU A 1 58  ? 4.015   -1.926  -11.737 1.00 24.56 ? 54  GLU A CG  1 
ATOM   454  C CD  . GLU A 1 58  ? 5.255   -1.722  -12.562 1.00 26.01 ? 54  GLU A CD  1 
ATOM   455  O OE1 . GLU A 1 58  ? 5.859   -2.759  -12.928 1.00 27.35 ? 54  GLU A OE1 1 
ATOM   456  O OE2 . GLU A 1 58  ? 5.584   -0.512  -12.853 1.00 26.43 ? 54  GLU A OE2 1 
ATOM   457  N N   . SER A 1 59  ? 0.356   -4.771  -11.850 1.00 19.67 ? 55  SER A N   1 
ATOM   458  C CA  . SER A 1 59  ? -0.304  -6.079  -12.009 1.00 20.99 ? 55  SER A CA  1 
ATOM   459  C C   . SER A 1 59  ? -1.164  -6.041  -13.241 1.00 24.08 ? 55  SER A C   1 
ATOM   460  O O   . SER A 1 59  ? -1.308  -4.988  -13.880 1.00 22.13 ? 55  SER A O   1 
ATOM   461  C CB  . SER A 1 59  ? -1.159  -6.396  -10.792 1.00 21.00 ? 55  SER A CB  1 
ATOM   462  O OG  . SER A 1 59  ? -2.378  -5.654  -10.794 1.00 21.02 ? 55  SER A OG  1 
ATOM   463  N N   . THR A 1 60  ? -1.785  -7.185  -13.527 1.00 22.64 ? 56  THR A N   1 
ATOM   464  C CA  . THR A 1 60  ? -2.697  -7.246  -14.681 1.00 23.46 ? 56  THR A CA  1 
ATOM   465  C C   . THR A 1 60  ? -3.931  -6.400  -14.424 1.00 23.33 ? 56  THR A C   1 
ATOM   466  O O   . THR A 1 60  ? -4.563  -5.955  -15.376 1.00 25.41 ? 56  THR A O   1 
ATOM   467  C CB  . THR A 1 60  ? -3.185  -8.695  -14.920 1.00 23.52 ? 56  THR A CB  1 
ATOM   468  O OG1 . THR A 1 60  ? -3.763  -9.179  -13.701 1.00 26.28 ? 56  THR A OG1 1 
ATOM   469  C CG2 . THR A 1 60  ? -2.063  -9.574  -15.397 1.00 23.08 ? 56  THR A CG2 1 
ATOM   470  N N   . PHE A 1 61  ? -4.247  -6.146  -13.155 1.00 22.44 ? 57  PHE A N   1 
ATOM   471  C CA  . PHE A 1 61  ? -5.386  -5.275  -12.830 1.00 25.04 ? 57  PHE A CA  1 
ATOM   472  C C   . PHE A 1 61  ? -5.105  -3.796  -13.052 1.00 27.22 ? 57  PHE A C   1 
ATOM   473  O O   . PHE A 1 61  ? -5.850  -3.103  -13.782 1.00 24.69 ? 57  PHE A O   1 
ATOM   474  C CB  . PHE A 1 61  ? -5.867  -5.524  -11.402 1.00 25.20 ? 57  PHE A CB  1 
ATOM   475  C CG  . PHE A 1 61  ? -6.824  -4.505  -10.903 1.00 27.63 ? 57  PHE A CG  1 
ATOM   476  C CD1 . PHE A 1 61  ? -8.034  -4.270  -11.568 1.00 28.38 ? 57  PHE A CD1 1 
ATOM   477  C CD2 . PHE A 1 61  ? -6.550  -3.778  -9.757  1.00 30.42 ? 57  PHE A CD2 1 
ATOM   478  C CE1 . PHE A 1 61  ? -8.930  -3.315  -11.115 1.00 29.34 ? 57  PHE A CE1 1 
ATOM   479  C CE2 . PHE A 1 61  ? -7.444  -2.818  -9.299  1.00 30.29 ? 57  PHE A CE2 1 
ATOM   480  C CZ  . PHE A 1 61  ? -8.630  -2.584  -9.973  1.00 28.66 ? 57  PHE A CZ  1 
ATOM   481  N N   . LYS A 1 62  ? -4.024  -3.291  -12.455 1.00 24.71 ? 58  LYS A N   1 
ATOM   482  C CA  . LYS A 1 62  ? -3.743  -1.868  -12.612 1.00 25.91 ? 58  LYS A CA  1 
ATOM   483  C C   . LYS A 1 62  ? -2.248  -1.664  -12.382 1.00 25.72 ? 58  LYS A C   1 
ATOM   484  O O   . LYS A 1 62  ? -1.619  -2.462  -11.677 1.00 22.83 ? 58  LYS A O   1 
ATOM   485  C CB  . LYS A 1 62  ? -4.562  -1.075  -11.588 1.00 31.37 ? 58  LYS A CB  1 
ATOM   486  C CG  . LYS A 1 62  ? -4.644  0.412   -11.837 1.00 39.05 ? 58  LYS A CG  1 
ATOM   487  C CD  . LYS A 1 62  ? -5.750  0.756   -12.808 1.00 44.55 ? 58  LYS A CD  1 
ATOM   488  C CE  . LYS A 1 62  ? -7.130  0.485   -12.226 1.00 50.65 ? 58  LYS A CE  1 
ATOM   489  N NZ  . LYS A 1 62  ? -8.201  0.921   -13.163 1.00 51.41 ? 58  LYS A NZ  1 
ATOM   490  N N   . ASN A 1 63  ? -1.681  -0.629  -12.999 1.00 22.49 ? 59  ASN A N   1 
ATOM   491  C CA  . ASN A 1 63  ? -0.338  -0.169  -12.610 1.00 21.04 ? 59  ASN A CA  1 
ATOM   492  C C   . ASN A 1 63  ? -0.509  1.176   -11.974 1.00 23.61 ? 59  ASN A C   1 
ATOM   493  O O   . ASN A 1 63  ? -1.068  2.076   -12.636 1.00 26.78 ? 59  ASN A O   1 
ATOM   494  C CB  . ASN A 1 63  ? 0.542   -0.035  -13.831 1.00 23.20 ? 59  ASN A CB  1 
ATOM   495  C CG  . ASN A 1 63  ? 0.705   -1.342  -14.537 1.00 22.81 ? 59  ASN A CG  1 
ATOM   496  O OD1 . ASN A 1 63  ? 0.941   -2.399  -13.924 1.00 23.20 ? 59  ASN A OD1 1 
ATOM   497  N ND2 . ASN A 1 63  ? 0.566   -1.293  -15.844 1.00 31.45 ? 59  ASN A ND2 1 
ATOM   498  N N   . THR A 1 64  ? -0.032  1.330   -10.742 1.00 20.97 ? 60  THR A N   1 
ATOM   499  C CA  . THR A 1 64  ? -0.092  2.608   -10.037 1.00 20.40 ? 60  THR A CA  1 
ATOM   500  C C   . THR A 1 64  ? 1.314   3.013   -9.604  1.00 21.44 ? 60  THR A C   1 
ATOM   501  O O   . THR A 1 64  ? 2.215   2.200   -9.550  1.00 18.76 ? 60  THR A O   1 
ATOM   502  C CB  . THR A 1 64  ? -0.948  2.562   -8.760  1.00 24.93 ? 60  THR A CB  1 
ATOM   503  O OG1 . THR A 1 64  ? -0.363  1.674   -7.806  1.00 25.86 ? 60  THR A OG1 1 
ATOM   504  C CG2 . THR A 1 64  ? -2.414  2.098   -9.060  1.00 26.64 ? 60  THR A CG2 1 
ATOM   505  N N   . GLU A 1 65  ? 1.472   4.304   -9.361  1.00 20.62 ? 61  GLU A N   1 
ATOM   506  C CA  . GLU A 1 65  ? 2.785   4.860   -9.006  1.00 19.70 ? 61  GLU A CA  1 
ATOM   507  C C   . GLU A 1 65  ? 2.543   6.082   -8.135  1.00 22.06 ? 61  GLU A C   1 
ATOM   508  O O   . GLU A 1 65  ? 1.812   7.014   -8.536  1.00 23.74 ? 61  GLU A O   1 
ATOM   509  C CB  . GLU A 1 65  ? 3.586   5.180   -10.247 1.00 21.01 ? 61  GLU A CB  1 
ATOM   510  C CG  . GLU A 1 65  ? 4.888   5.934   -9.974  1.00 26.08 ? 61  GLU A CG  1 
ATOM   511  C CD  . GLU A 1 65  ? 5.568   6.358   -11.257 1.00 30.38 ? 61  GLU A CD  1 
ATOM   512  O OE1 . GLU A 1 65  ? 5.382   5.702   -12.294 1.00 34.91 ? 61  GLU A OE1 1 
ATOM   513  O OE2 . GLU A 1 65  ? 6.320   7.339   -11.221 1.00 36.98 ? 61  GLU A OE2 1 
ATOM   514  N N   . ILE A 1 66  ? 3.121   6.087   -6.952  1.00 17.98 ? 62  ILE A N   1 
ATOM   515  C CA  . ILE A 1 66  ? 3.119   7.282   -6.116  1.00 17.69 ? 62  ILE A CA  1 
ATOM   516  C C   . ILE A 1 66  ? 4.552   7.711   -5.774  1.00 18.64 ? 62  ILE A C   1 
ATOM   517  O O   . ILE A 1 66  ? 5.401   6.869   -5.478  1.00 19.56 ? 62  ILE A O   1 
ATOM   518  C CB  . ILE A 1 66  ? 2.282   7.150   -4.840  1.00 19.07 ? 62  ILE A CB  1 
ATOM   519  C CG1 . ILE A 1 66  ? 2.758   5.979   -3.937  1.00 19.24 ? 62  ILE A CG1 1 
ATOM   520  C CG2 . ILE A 1 66  ? 0.794   6.959   -5.174  1.00 18.16 ? 62  ILE A CG2 1 
ATOM   521  C CD1 . ILE A 1 66  ? 2.179   6.020   -2.536  1.00 20.00 ? 62  ILE A CD1 1 
ATOM   522  N N   . SER A 1 67  ? 4.819   9.016   -5.870  1.00 17.94 ? 63  SER A N   1 
ATOM   523  C CA  . SER A 1 67  ? 6.080   9.596   -5.382  1.00 17.62 ? 63  SER A CA  1 
ATOM   524  C C   . SER A 1 67  ? 5.765   10.609  -4.295  1.00 18.45 ? 63  SER A C   1 
ATOM   525  O O   . SER A 1 67  ? 4.772   11.376  -4.421  1.00 21.41 ? 63  SER A O   1 
ATOM   526  C CB  . SER A 1 67  ? 6.905   10.251  -6.488  1.00 17.06 ? 63  SER A CB  1 
ATOM   527  O OG  . SER A 1 67  ? 7.332   9.308   -7.476  1.00 18.58 ? 63  SER A OG  1 
ATOM   528  N N   . PHE A 1 68  ? 6.569   10.645  -3.217  1.00 17.33 ? 64  PHE A N   1 
ATOM   529  C CA  . PHE A 1 68  ? 6.246   11.426  -2.053  1.00 16.98 ? 64  PHE A CA  1 
ATOM   530  C C   . PHE A 1 68  ? 7.463   11.666  -1.213  1.00 17.15 ? 64  PHE A C   1 
ATOM   531  O O   . PHE A 1 68  ? 8.500   10.984  -1.378  1.00 18.08 ? 64  PHE A O   1 
ATOM   532  C CB  . PHE A 1 68  ? 5.130   10.736  -1.232  1.00 16.82 ? 64  PHE A CB  1 
ATOM   533  C CG  . PHE A 1 68  ? 5.520   9.371   -0.772  1.00 17.02 ? 64  PHE A CG  1 
ATOM   534  C CD1 . PHE A 1 68  ? 5.311   8.271   -1.576  1.00 19.24 ? 64  PHE A CD1 1 
ATOM   535  C CD2 . PHE A 1 68  ? 6.140   9.236   0.464   1.00 18.55 ? 64  PHE A CD2 1 
ATOM   536  C CE1 . PHE A 1 68  ? 5.721   7.026   -1.159  1.00 19.04 ? 64  PHE A CE1 1 
ATOM   537  C CE2 . PHE A 1 68  ? 6.559   7.979   0.909   1.00 16.99 ? 64  PHE A CE2 1 
ATOM   538  C CZ  . PHE A 1 68  ? 6.307   6.871   0.088   1.00 19.16 ? 64  PHE A CZ  1 
ATOM   539  N N   . ILE A 1 69  ? 7.344   12.643  -0.319  1.00 17.31 ? 65  ILE A N   1 
ATOM   540  C CA  . ILE A 1 69  ? 8.340   12.948  0.671   1.00 17.54 ? 65  ILE A CA  1 
ATOM   541  C C   . ILE A 1 69  ? 7.708   12.610  2.014   1.00 17.95 ? 65  ILE A C   1 
ATOM   542  O O   . ILE A 1 69  ? 6.519   12.905  2.238   1.00 18.27 ? 65  ILE A O   1 
ATOM   543  C CB  . ILE A 1 69  ? 8.771   14.445  0.568   1.00 17.92 ? 65  ILE A CB  1 
ATOM   544  C CG1 . ILE A 1 69  ? 9.474   14.666  -0.768  1.00 20.15 ? 65  ILE A CG1 1 
ATOM   545  C CG2 . ILE A 1 69  ? 9.665   14.850  1.746   1.00 20.69 ? 65  ILE A CG2 1 
ATOM   546  C CD1 . ILE A 1 69  ? 9.896   16.101  -1.036  1.00 20.91 ? 65  ILE A CD1 1 
ATOM   547  N N   . LEU A 1 70  ? 8.449   11.965  2.926   1.00 17.00 ? 66  LEU A N   1 
ATOM   548  C CA  . LEU A 1 70  ? 7.884   11.635  4.250   1.00 18.16 ? 66  LEU A CA  1 
ATOM   549  C C   . LEU A 1 70  ? 7.258   12.847  4.949   1.00 18.54 ? 66  LEU A C   1 
ATOM   550  O O   . LEU A 1 70  ? 7.884   13.928  4.995   1.00 20.45 ? 66  LEU A O   1 
ATOM   551  C CB  . LEU A 1 70  ? 8.915   10.957  5.174   1.00 17.93 ? 66  LEU A CB  1 
ATOM   552  C CG  . LEU A 1 70  ? 9.391   9.625   4.601   1.00 19.28 ? 66  LEU A CG  1 
ATOM   553  C CD1 . LEU A 1 70  ? 10.648  9.292   5.391   1.00 20.37 ? 66  LEU A CD1 1 
ATOM   554  C CD2 . LEU A 1 70  ? 8.337   8.526   4.738   1.00 20.62 ? 66  LEU A CD2 1 
ATOM   555  N N   . GLY A 1 71  ? 6.032   12.659  5.427   1.00 17.30 ? 67  GLY A N   1 
ATOM   556  C CA  . GLY A 1 71  ? 5.348   13.699  6.192   1.00 20.12 ? 67  GLY A CA  1 
ATOM   557  C C   . GLY A 1 71  ? 4.673   14.775  5.360   1.00 22.84 ? 67  GLY A C   1 
ATOM   558  O O   . GLY A 1 71  ? 4.066   15.688  5.943   1.00 25.35 ? 67  GLY A O   1 
ATOM   559  N N   . GLN A 1 72  ? 4.792   14.721  4.034   1.00 21.68 ? 68  GLN A N   1 
ATOM   560  C CA  . GLN A 1 72  ? 4.189   15.762  3.187   1.00 22.71 ? 68  GLN A CA  1 
ATOM   561  C C   . GLN A 1 72  ? 3.010   15.200  2.451   1.00 21.43 ? 68  GLN A C   1 
ATOM   562  O O   . GLN A 1 72  ? 3.148   14.294  1.622   1.00 22.67 ? 68  GLN A O   1 
ATOM   563  C CB  . GLN A 1 72  ? 5.211   16.356  2.195   1.00 23.07 ? 68  GLN A CB  1 
ATOM   564  C CG  . GLN A 1 72  ? 6.389   17.007  2.955   1.00 29.01 ? 68  GLN A CG  1 
ATOM   565  C CD  . GLN A 1 72  ? 7.388   17.789  2.128   1.00 31.09 ? 68  GLN A CD  1 
ATOM   566  O OE1 . GLN A 1 72  ? 7.252   17.971  0.918   1.00 32.44 ? 68  GLN A OE1 1 
ATOM   567  N NE2 . GLN A 1 72  ? 8.418   18.304  2.822   1.00 36.84 ? 68  GLN A NE2 1 
ATOM   568  N N   . GLU A 1 73  ? 1.833   15.742  2.770   1.00 19.45 ? 69  GLU A N   1 
ATOM   569  C CA  A GLU A 1 73  ? 0.595   15.303  2.131   0.50 20.08 ? 69  GLU A CA  1 
ATOM   570  C CA  B GLU A 1 73  ? 0.588   15.307  2.130   0.50 20.60 ? 69  GLU A CA  1 
ATOM   571  C C   . GLU A 1 73  ? 0.630   15.453  0.615   1.00 17.82 ? 69  GLU A C   1 
ATOM   572  O O   . GLU A 1 73  ? 1.216   16.416  0.068   1.00 20.52 ? 69  GLU A O   1 
ATOM   573  C CB  A GLU A 1 73  ? -0.586  16.103  2.698   0.50 20.94 ? 69  GLU A CB  1 
ATOM   574  C CB  B GLU A 1 73  ? -0.612  16.105  2.687   0.50 22.42 ? 69  GLU A CB  1 
ATOM   575  C CG  A GLU A 1 73  ? -1.934  15.398  2.541   0.50 22.95 ? 69  GLU A CG  1 
ATOM   576  C CG  B GLU A 1 73  ? -1.971  15.557  2.229   0.50 25.65 ? 69  GLU A CG  1 
ATOM   577  C CD  A GLU A 1 73  ? -2.984  16.043  3.419   0.50 25.58 ? 69  GLU A CD  1 
ATOM   578  C CD  B GLU A 1 73  ? -3.133  16.417  2.695   0.50 28.92 ? 69  GLU A CD  1 
ATOM   579  O OE1 A GLU A 1 73  ? -3.059  17.294  3.363   0.50 24.52 ? 69  GLU A OE1 1 
ATOM   580  O OE1 B GLU A 1 73  ? -3.917  15.972  3.566   0.50 30.72 ? 69  GLU A OE1 1 
ATOM   581  O OE2 A GLU A 1 73  ? -3.689  15.318  4.168   0.50 24.18 ? 69  GLU A OE2 1 
ATOM   582  O OE2 B GLU A 1 73  ? -3.242  17.545  2.195   0.50 31.91 ? 69  GLU A OE2 1 
ATOM   583  N N   . PHE A 1 74  ? -0.032  14.523  -0.054  1.00 19.06 ? 70  PHE A N   1 
ATOM   584  C CA  . PHE A 1 74  ? -0.119  14.489  -1.477  1.00 19.33 ? 70  PHE A CA  1 
ATOM   585  C C   . PHE A 1 74  ? -1.487  13.956  -1.930  1.00 21.83 ? 70  PHE A C   1 
ATOM   586  O O   . PHE A 1 74  ? -2.173  13.278  -1.172  1.00 22.58 ? 70  PHE A O   1 
ATOM   587  C CB  . PHE A 1 74  ? 1.066   13.701  -2.105  1.00 18.99 ? 70  PHE A CB  1 
ATOM   588  C CG  . PHE A 1 74  ? 1.112   12.237  -1.741  1.00 19.66 ? 70  PHE A CG  1 
ATOM   589  C CD1 . PHE A 1 74  ? 1.772   11.851  -0.561  1.00 19.14 ? 70  PHE A CD1 1 
ATOM   590  C CD2 . PHE A 1 74  ? 0.555   11.239  -2.567  1.00 19.20 ? 70  PHE A CD2 1 
ATOM   591  C CE1 . PHE A 1 74  ? 1.864   10.495  -0.174  1.00 19.06 ? 70  PHE A CE1 1 
ATOM   592  C CE2 . PHE A 1 74  ? 0.653   9.875   -2.166  1.00 20.51 ? 70  PHE A CE2 1 
ATOM   593  C CZ  . PHE A 1 74  ? 1.299   9.510   -0.981  1.00 18.58 ? 70  PHE A CZ  1 
ATOM   594  N N   . ASP A 1 75  ? -1.826  14.248  -3.180  1.00 23.64 ? 71  ASP A N   1 
ATOM   595  C CA  A ASP A 1 75  ? -3.035  13.681  -3.718  0.50 25.16 ? 71  ASP A CA  1 
ATOM   596  C CA  B ASP A 1 75  ? -2.974  13.712  -3.901  0.50 22.47 ? 71  ASP A CA  1 
ATOM   597  C C   . ASP A 1 75  ? -2.706  12.365  -4.451  1.00 23.30 ? 71  ASP A C   1 
ATOM   598  O O   . ASP A 1 75  ? -1.694  12.198  -5.098  1.00 27.53 ? 71  ASP A O   1 
ATOM   599  C CB  A ASP A 1 75  ? -3.816  14.729  -4.565  0.50 28.60 ? 71  ASP A CB  1 
ATOM   600  C CB  B ASP A 1 75  ? -3.204  14.592  -5.135  0.50 19.66 ? 71  ASP A CB  1 
ATOM   601  C CG  A ASP A 1 75  ? -4.513  15.815  -3.687  0.50 31.00 ? 71  ASP A CG  1 
ATOM   602  C CG  B ASP A 1 75  ? -3.765  15.901  -4.764  0.50 18.38 ? 71  ASP A CG  1 
ATOM   603  O OD1 A ASP A 1 75  ? -5.450  15.488  -2.921  0.50 34.03 ? 71  ASP A OD1 1 
ATOM   604  O OD1 B ASP A 1 75  ? -4.680  15.832  -3.930  0.50 21.07 ? 71  ASP A OD1 1 
ATOM   605  O OD2 A ASP A 1 75  ? -4.168  17.020  -3.766  0.50 31.76 ? 71  ASP A OD2 1 
ATOM   606  O OD2 B ASP A 1 75  ? -3.311  16.961  -5.257  0.50 18.12 ? 71  ASP A OD2 1 
ATOM   607  N N   . GLU A 1 76  ? -3.616  11.409  -4.273  1.00 23.54 ? 72  GLU A N   1 
ATOM   608  C CA  . GLU A 1 76  ? -3.438  10.090  -4.793  1.00 24.03 ? 72  GLU A CA  1 
ATOM   609  C C   . GLU A 1 76  ? -4.793  9.650   -5.383  1.00 21.99 ? 72  GLU A C   1 
ATOM   610  O O   . GLU A 1 76  ? -5.820  9.828   -4.765  1.00 23.72 ? 72  GLU A O   1 
ATOM   611  C CB  . GLU A 1 76  ? -3.031  9.136   -3.643  1.00 20.85 ? 72  GLU A CB  1 
ATOM   612  C CG  . GLU A 1 76  ? -2.890  7.674   -4.098  1.00 21.27 ? 72  GLU A CG  1 
ATOM   613  C CD  . GLU A 1 76  ? -2.472  6.696   -2.971  1.00 23.33 ? 72  GLU A CD  1 
ATOM   614  O OE1 . GLU A 1 76  ? -2.449  7.062   -1.781  1.00 22.47 ? 72  GLU A OE1 1 
ATOM   615  O OE2 . GLU A 1 76  ? -2.201  5.531   -3.296  1.00 24.45 ? 72  GLU A OE2 1 
ATOM   616  N N   . VAL A 1 77  ? -4.747  9.080   -6.564  1.00 23.20 ? 73  VAL A N   1 
ATOM   617  C CA  . VAL A 1 77  ? -5.913  8.404   -7.151  1.00 25.38 ? 73  VAL A CA  1 
ATOM   618  C C   . VAL A 1 77  ? -5.592  6.919   -6.967  1.00 26.57 ? 73  VAL A C   1 
ATOM   619  O O   . VAL A 1 77  ? -4.652  6.378   -7.585  1.00 25.29 ? 73  VAL A O   1 
ATOM   620  C CB  . VAL A 1 77  ? -6.164  8.791   -8.632  1.00 28.57 ? 73  VAL A CB  1 
ATOM   621  C CG1 . VAL A 1 77  ? -7.333  7.976   -9.203  1.00 30.28 ? 73  VAL A CG1 1 
ATOM   622  C CG2 . VAL A 1 77  ? -6.467  10.287  -8.755  1.00 29.24 ? 73  VAL A CG2 1 
ATOM   623  N N   . THR A 1 78  ? -6.338  6.271   -6.084  1.00 24.91 ? 74  THR A N   1 
ATOM   624  C CA  . THR A 1 78  ? -6.081  4.857   -5.812  1.00 23.04 ? 74  THR A CA  1 
ATOM   625  C C   . THR A 1 78  ? -6.483  3.923   -6.973  1.00 24.87 ? 74  THR A C   1 
ATOM   626  O O   . THR A 1 78  ? -7.151  4.355   -7.891  1.00 26.20 ? 74  THR A O   1 
ATOM   627  C CB  . THR A 1 78  ? -6.792  4.435   -4.532  1.00 23.07 ? 74  THR A CB  1 
ATOM   628  O OG1 . THR A 1 78  ? -8.222  4.459   -4.793  1.00 23.50 ? 74  THR A OG1 1 
ATOM   629  C CG2 . THR A 1 78  ? -6.449  5.403   -3.384  1.00 24.00 ? 74  THR A CG2 1 
ATOM   630  N N   . ALA A 1 79  ? -6.136  2.633   -6.886  1.00 23.56 ? 75  ALA A N   1 
ATOM   631  C CA  . ALA A 1 79  ? -6.385  1.682   -7.979  1.00 25.32 ? 75  ALA A CA  1 
ATOM   632  C C   . ALA A 1 79  ? -7.892  1.452   -8.128  1.00 26.09 ? 75  ALA A C   1 
ATOM   633  O O   . ALA A 1 79  ? -8.324  1.170   -9.211  1.00 27.13 ? 75  ALA A O   1 
ATOM   634  C CB  . ALA A 1 79  ? -5.673  0.362   -7.701  1.00 24.65 ? 75  ALA A CB  1 
ATOM   635  N N   . ASP A 1 80  ? -8.656  1.630   -7.030  1.00 25.84 ? 76  ASP A N   1 
ATOM   636  C CA  . ASP A 1 80  ? -10.160 1.546   -7.077  1.00 25.12 ? 76  ASP A CA  1 
ATOM   637  C C   . ASP A 1 80  ? -10.819 2.913   -7.361  1.00 27.74 ? 76  ASP A C   1 
ATOM   638  O O   . ASP A 1 80  ? -12.017 3.105   -7.084  1.00 28.30 ? 76  ASP A O   1 
ATOM   639  C CB  . ASP A 1 80  ? -10.688 0.914   -5.798  1.00 25.11 ? 76  ASP A CB  1 
ATOM   640  C CG  . ASP A 1 80  ? -10.380 1.738   -4.575  1.00 26.25 ? 76  ASP A CG  1 
ATOM   641  O OD1 . ASP A 1 80  ? -9.180  2.023   -4.345  1.00 26.59 ? 76  ASP A OD1 1 
ATOM   642  O OD2 . ASP A 1 80  ? -11.315 2.115   -3.821  1.00 27.06 ? 76  ASP A OD2 1 
ATOM   643  N N   . ASP A 1 81  ? -10.008 3.876   -7.825  1.00 27.61 ? 77  ASP A N   1 
ATOM   644  C CA  A ASP A 1 81  ? -10.498 5.192   -8.261  0.50 28.26 ? 77  ASP A CA  1 
ATOM   645  C CA  B ASP A 1 81  ? -10.467 5.192   -8.267  0.50 29.12 ? 77  ASP A CA  1 
ATOM   646  C C   . ASP A 1 81  ? -11.040 6.131   -7.190  1.00 29.54 ? 77  ASP A C   1 
ATOM   647  O O   . ASP A 1 81  ? -11.878 7.001   -7.485  1.00 32.13 ? 77  ASP A O   1 
ATOM   648  C CB  A ASP A 1 81  ? -11.523 5.045   -9.394  0.50 28.55 ? 77  ASP A CB  1 
ATOM   649  C CB  B ASP A 1 81  ? -11.411 5.053   -9.475  0.50 31.03 ? 77  ASP A CB  1 
ATOM   650  C CG  A ASP A 1 81  ? -10.898 4.578   -10.667 0.50 29.45 ? 77  ASP A CG  1 
ATOM   651  C CG  B ASP A 1 81  ? -11.370 6.258   -10.379 0.50 34.22 ? 77  ASP A CG  1 
ATOM   652  O OD1 A ASP A 1 81  ? -9.862  5.146   -11.061 0.50 31.34 ? 77  ASP A OD1 1 
ATOM   653  O OD1 B ASP A 1 81  ? -10.355 6.994   -10.355 0.50 35.94 ? 77  ASP A OD1 1 
ATOM   654  O OD2 A ASP A 1 81  ? -11.430 3.634   -11.284 0.50 32.85 ? 77  ASP A OD2 1 
ATOM   655  O OD2 B ASP A 1 81  ? -12.359 6.485   -11.107 0.50 39.10 ? 77  ASP A OD2 1 
ATOM   656  N N   . ARG A 1 82  ? -10.559 6.007   -5.946  1.00 28.01 ? 78  ARG A N   1 
ATOM   657  C CA  . ARG A 1 82  ? -10.825 7.017   -4.915  1.00 25.86 ? 78  ARG A CA  1 
ATOM   658  C C   . ARG A 1 82  ? -9.822  8.138   -5.067  1.00 29.96 ? 78  ARG A C   1 
ATOM   659  O O   . ARG A 1 82  ? -8.638  7.892   -5.335  1.00 27.70 ? 78  ARG A O   1 
ATOM   660  C CB  . ARG A 1 82  ? -10.665 6.430   -3.521  1.00 28.64 ? 78  ARG A CB  1 
ATOM   661  C CG  . ARG A 1 82  ? -11.797 5.536   -3.061  1.00 28.23 ? 78  ARG A CG  1 
ATOM   662  C CD  . ARG A 1 82  ? -11.461 4.929   -1.723  1.00 29.18 ? 78  ARG A CD  1 
ATOM   663  N NE  . ARG A 1 82  ? -10.415 3.942   -1.932  1.00 27.35 ? 78  ARG A NE  1 
ATOM   664  C CZ  . ARG A 1 82  ? -9.354  3.747   -1.168  1.00 28.72 ? 78  ARG A CZ  1 
ATOM   665  N NH1 . ARG A 1 82  ? -9.150  4.463   -0.066  1.00 24.42 ? 78  ARG A NH1 1 
ATOM   666  N NH2 . ARG A 1 82  ? -8.491  2.804   -1.539  1.00 25.25 ? 78  ARG A NH2 1 
ATOM   667  N N   . LYS A 1 83  ? -10.275 9.375   -4.899  1.00 29.23 ? 79  LYS A N   1 
ATOM   668  C CA  A LYS A 1 83  ? -9.397  10.540  -4.919  0.50 29.63 ? 79  LYS A CA  1 
ATOM   669  C CA  B LYS A 1 83  ? -9.360  10.525  -4.902  0.50 30.02 ? 79  LYS A CA  1 
ATOM   670  C C   . LYS A 1 83  ? -9.158  10.852  -3.448  1.00 29.65 ? 79  LYS A C   1 
ATOM   671  O O   . LYS A 1 83  ? -10.091 11.264  -2.732  1.00 30.66 ? 79  LYS A O   1 
ATOM   672  C CB  A LYS A 1 83  ? -10.073 11.715  -5.659  0.50 30.84 ? 79  LYS A CB  1 
ATOM   673  C CB  B LYS A 1 83  ? -9.916  11.735  -5.674  0.50 32.02 ? 79  LYS A CB  1 
ATOM   674  C CG  A LYS A 1 83  ? -10.441 11.439  -7.124  0.50 32.03 ? 79  LYS A CG  1 
ATOM   675  C CG  B LYS A 1 83  ? -9.669  11.703  -7.177  0.50 35.07 ? 79  LYS A CG  1 
ATOM   676  C CD  A LYS A 1 83  ? -11.726 10.624  -7.314  0.50 34.66 ? 79  LYS A CD  1 
ATOM   677  C CD  B LYS A 1 83  ? -10.328 10.494  -7.832  0.50 37.14 ? 79  LYS A CD  1 
ATOM   678  C CE  A LYS A 1 83  ? -12.964 11.503  -7.385  0.50 35.69 ? 79  LYS A CE  1 
ATOM   679  C CE  B LYS A 1 83  ? -10.502 10.675  -9.332  0.50 38.44 ? 79  LYS A CE  1 
ATOM   680  N NZ  A LYS A 1 83  ? -14.193 10.677  -7.271  0.50 34.71 ? 79  LYS A NZ  1 
ATOM   681  N NZ  B LYS A 1 83  ? -10.770 9.375   -10.005 0.50 39.85 ? 79  LYS A NZ  1 
ATOM   682  N N   . VAL A 1 84  ? -7.933  10.598  -2.950  1.00 23.91 ? 80  VAL A N   1 
ATOM   683  C CA  . VAL A 1 84  ? -7.704  10.659  -1.506  1.00 23.36 ? 80  VAL A CA  1 
ATOM   684  C C   . VAL A 1 84  ? -6.546  11.607  -1.229  1.00 20.24 ? 80  VAL A C   1 
ATOM   685  O O   . VAL A 1 84  ? -5.724  11.887  -2.125  1.00 23.60 ? 80  VAL A O   1 
ATOM   686  C CB  . VAL A 1 84  ? -7.341  9.264   -0.910  1.00 24.02 ? 80  VAL A CB  1 
ATOM   687  C CG1 . VAL A 1 84  ? -8.423  8.208   -1.210  1.00 23.33 ? 80  VAL A CG1 1 
ATOM   688  C CG2 . VAL A 1 84  ? -5.985  8.763   -1.433  1.00 24.59 ? 80  VAL A CG2 1 
ATOM   689  N N   . LYS A 1 85  ? -6.491  12.097  0.005   1.00 22.88 ? 81  LYS A N   1 
ATOM   690  C CA  A LYS A 1 85  ? -5.345  12.866  0.440   0.50 24.80 ? 81  LYS A CA  1 
ATOM   691  C CA  B LYS A 1 85  ? -5.372  12.883  0.486   0.50 24.40 ? 81  LYS A CA  1 
ATOM   692  C C   . LYS A 1 85  ? -4.490  11.932  1.299   1.00 23.11 ? 81  LYS A C   1 
ATOM   693  O O   . LYS A 1 85  ? -4.940  11.399  2.309   1.00 23.48 ? 81  LYS A O   1 
ATOM   694  C CB  A LYS A 1 85  ? -5.741  14.167  1.159   0.50 27.22 ? 81  LYS A CB  1 
ATOM   695  C CB  B LYS A 1 85  ? -5.869  14.044  1.349   0.50 25.97 ? 81  LYS A CB  1 
ATOM   696  C CG  A LYS A 1 85  ? -6.102  15.313  0.207   0.50 28.98 ? 81  LYS A CG  1 
ATOM   697  C CG  B LYS A 1 85  ? -6.714  15.058  0.584   0.50 26.41 ? 81  LYS A CG  1 
ATOM   698  C CD  A LYS A 1 85  ? -6.089  16.668  0.902   0.50 31.71 ? 81  LYS A CD  1 
ATOM   699  C CD  B LYS A 1 85  ? -5.923  15.787  -0.500  0.50 25.04 ? 81  LYS A CD  1 
ATOM   700  C CE  A LYS A 1 85  ? -6.724  17.746  0.035   0.50 31.21 ? 81  LYS A CE  1 
ATOM   701  C CE  B LYS A 1 85  ? -6.800  16.840  -1.189  0.50 27.79 ? 81  LYS A CE  1 
ATOM   702  N NZ  A LYS A 1 85  ? -6.496  17.542  -1.414  0.50 34.37 ? 81  LYS A NZ  1 
ATOM   703  N NZ  B LYS A 1 85  ? -6.093  17.566  -2.293  0.50 27.85 ? 81  LYS A NZ  1 
ATOM   704  N N   . SER A 1 86  ? -3.259  11.727  0.849   1.00 21.78 ? 82  SER A N   1 
ATOM   705  C CA  . SER A 1 86  ? -2.392  10.724  1.516   1.00 20.79 ? 82  SER A CA  1 
ATOM   706  C C   . SER A 1 86  ? -1.219  11.333  2.205   1.00 20.21 ? 82  SER A C   1 
ATOM   707  O O   . SER A 1 86  ? -0.668  12.306  1.730   1.00 19.10 ? 82  SER A O   1 
ATOM   708  C CB  . SER A 1 86  ? -1.884  9.821   0.415   1.00 20.43 ? 82  SER A CB  1 
ATOM   709  O OG  . SER A 1 86  ? -2.904  8.952   0.024   1.00 22.31 ? 82  SER A OG  1 
ATOM   710  N N   . THR A 1 87  ? -0.839  10.768  3.355   1.00 20.01 ? 83  THR A N   1 
ATOM   711  C CA  . THR A 1 87  ? 0.434   11.193  3.987   1.00 19.15 ? 83  THR A CA  1 
ATOM   712  C C   . THR A 1 87  ? 1.150   9.897   4.413   1.00 18.82 ? 83  THR A C   1 
ATOM   713  O O   . THR A 1 87  ? 0.516   8.999   5.004   1.00 20.14 ? 83  THR A O   1 
ATOM   714  C CB  . THR A 1 87  ? 0.185   12.009  5.233   1.00 22.82 ? 83  THR A CB  1 
ATOM   715  O OG1 . THR A 1 87  ? -0.688  13.112  4.925   1.00 24.35 ? 83  THR A OG1 1 
ATOM   716  C CG2 . THR A 1 87  ? 1.484   12.582  5.761   1.00 23.14 ? 83  THR A CG2 1 
ATOM   717  N N   . ILE A 1 88  ? 2.456   9.850   4.144   1.00 17.16 ? 84  ILE A N   1 
ATOM   718  C CA  . ILE A 1 88  ? 3.241   8.615   4.463   1.00 17.09 ? 84  ILE A CA  1 
ATOM   719  C C   . ILE A 1 88  ? 4.377   9.086   5.362   1.00 18.42 ? 84  ILE A C   1 
ATOM   720  O O   . ILE A 1 88  ? 5.098   10.037  5.025   1.00 18.79 ? 84  ILE A O   1 
ATOM   721  C CB  . ILE A 1 88  ? 3.759   7.962   3.185   1.00 17.97 ? 84  ILE A CB  1 
ATOM   722  C CG1 . ILE A 1 88  ? 2.559   7.438   2.386   1.00 18.78 ? 84  ILE A CG1 1 
ATOM   723  C CG2 . ILE A 1 88  ? 4.634   6.746   3.555   1.00 19.93 ? 84  ILE A CG2 1 
ATOM   724  C CD1 . ILE A 1 88  ? 2.894   6.798   1.050   1.00 19.34 ? 84  ILE A CD1 1 
ATOM   725  N N   . THR A 1 89  ? 4.469   8.435   6.512   1.00 18.72 ? 85  THR A N   1 
ATOM   726  C CA  . THR A 1 89  ? 5.497   8.771   7.514   1.00 19.60 ? 85  THR A CA  1 
ATOM   727  C C   . THR A 1 89  ? 6.237   7.498   7.943   1.00 20.93 ? 85  THR A C   1 
ATOM   728  O O   . THR A 1 89  ? 5.802   6.402   7.649   1.00 20.14 ? 85  THR A O   1 
ATOM   729  C CB  . THR A 1 89  ? 4.877   9.420   8.751   1.00 22.02 ? 85  THR A CB  1 
ATOM   730  O OG1 . THR A 1 89  ? 3.870   8.549   9.251   1.00 23.58 ? 85  THR A OG1 1 
ATOM   731  C CG2 . THR A 1 89  ? 4.236   10.764  8.367   1.00 22.63 ? 85  THR A CG2 1 
ATOM   732  N N   . LEU A 1 90  ? 7.358   7.690   8.629   1.00 20.77 ? 86  LEU A N   1 
ATOM   733  C CA  A LEU A 1 90  ? 8.097   6.590   9.256   0.50 22.24 ? 86  LEU A CA  1 
ATOM   734  C CA  B LEU A 1 90  ? 8.075   6.575   9.267   0.50 20.64 ? 86  LEU A CA  1 
ATOM   735  C C   . LEU A 1 90  ? 7.727   6.551   10.724  1.00 20.74 ? 86  LEU A C   1 
ATOM   736  O O   . LEU A 1 90  ? 7.804   7.577   11.398  1.00 25.00 ? 86  LEU A O   1 
ATOM   737  C CB  A LEU A 1 90  ? 9.588   6.876   9.109   0.50 23.77 ? 86  LEU A CB  1 
ATOM   738  C CB  B LEU A 1 90  ? 9.585   6.748   9.121   0.50 19.88 ? 86  LEU A CB  1 
ATOM   739  C CG  A LEU A 1 90  ? 10.607  5.757   8.926   0.50 25.48 ? 86  LEU A CG  1 
ATOM   740  C CG  B LEU A 1 90  ? 10.209  6.231   7.825   0.50 17.95 ? 86  LEU A CG  1 
ATOM   741  C CD1 A LEU A 1 90  ? 10.103  4.605   8.058   0.50 22.87 ? 86  LEU A CD1 1 
ATOM   742  C CD1 B LEU A 1 90  ? 11.676  6.682   7.719   0.50 19.09 ? 86  LEU A CD1 1 
ATOM   743  C CD2 A LEU A 1 90  ? 11.895  6.371   8.378   0.50 25.16 ? 86  LEU A CD2 1 
ATOM   744  C CD2 B LEU A 1 90  ? 10.110  4.709   7.841   0.50 17.87 ? 86  LEU A CD2 1 
ATOM   745  N N   . ASP A 1 91  ? 7.282   5.402   11.211  1.00 19.31 ? 87  ASP A N   1 
ATOM   746  C CA  . ASP A 1 91  ? 7.048   5.205   12.646  1.00 21.95 ? 87  ASP A CA  1 
ATOM   747  C C   . ASP A 1 91  ? 8.030   4.106   13.023  1.00 22.20 ? 87  ASP A C   1 
ATOM   748  O O   . ASP A 1 91  ? 7.764   2.911   12.870  1.00 23.23 ? 87  ASP A O   1 
ATOM   749  C CB  . ASP A 1 91  ? 5.588   4.788   12.922  1.00 28.15 ? 87  ASP A CB  1 
ATOM   750  C CG  . ASP A 1 91  ? 5.321   4.488   14.382  1.00 39.68 ? 87  ASP A CG  1 
ATOM   751  O OD1 . ASP A 1 91  ? 6.113   4.954   15.236  1.00 42.75 ? 87  ASP A OD1 1 
ATOM   752  O OD2 . ASP A 1 91  ? 4.315   3.775   14.672  1.00 44.78 ? 87  ASP A OD2 1 
ATOM   753  N N   . GLY A 1 92  ? 9.163   4.540   13.556  1.00 23.55 ? 88  GLY A N   1 
ATOM   754  C CA  . GLY A 1 92  ? 10.290  3.625   13.732  1.00 24.77 ? 88  GLY A CA  1 
ATOM   755  C C   . GLY A 1 92  ? 10.729  3.245   12.339  1.00 23.88 ? 88  GLY A C   1 
ATOM   756  O O   . GLY A 1 92  ? 11.167  4.079   11.556  1.00 25.98 ? 88  GLY A O   1 
ATOM   757  N N   . GLY A 1 93  ? 10.637  1.961   12.069  1.00 21.48 ? 89  GLY A N   1 
ATOM   758  C CA  . GLY A 1 93  ? 11.036  1.479   10.799  1.00 20.54 ? 89  GLY A CA  1 
ATOM   759  C C   . GLY A 1 93  ? 9.824   1.059   9.975   1.00 20.67 ? 89  GLY A C   1 
ATOM   760  O O   . GLY A 1 93  ? 10.008  0.466   8.924   1.00 22.22 ? 89  GLY A O   1 
ATOM   761  N N   . VAL A 1 94  ? 8.616   1.449   10.389  1.00 20.27 ? 90  VAL A N   1 
ATOM   762  C CA  . VAL A 1 94  ? 7.376   1.087   9.669   1.00 18.96 ? 90  VAL A CA  1 
ATOM   763  C C   . VAL A 1 94  ? 6.919   2.273   8.799   1.00 17.82 ? 90  VAL A C   1 
ATOM   764  O O   . VAL A 1 94  ? 6.918   3.431   9.298   1.00 18.95 ? 90  VAL A O   1 
ATOM   765  C CB  . VAL A 1 94  ? 6.287   0.660   10.659  1.00 20.31 ? 90  VAL A CB  1 
ATOM   766  C CG1 . VAL A 1 94  ? 4.918   0.421   9.968   1.00 19.67 ? 90  VAL A CG1 1 
ATOM   767  C CG2 . VAL A 1 94  ? 6.802   -0.588  11.426  1.00 20.29 ? 90  VAL A CG2 1 
ATOM   768  N N   . LEU A 1 95  ? 6.651   2.014   7.513   1.00 17.90 ? 91  LEU A N   1 
ATOM   769  C CA  . LEU A 1 95  ? 6.097   3.074   6.698   1.00 16.23 ? 91  LEU A CA  1 
ATOM   770  C C   . LEU A 1 95  ? 4.601   3.064   6.914   1.00 18.22 ? 91  LEU A C   1 
ATOM   771  O O   . LEU A 1 95  ? 3.948   2.052   6.692   1.00 18.35 ? 91  LEU A O   1 
ATOM   772  C CB  . LEU A 1 95  ? 6.342   2.874   5.202   1.00 18.08 ? 91  LEU A CB  1 
ATOM   773  C CG  . LEU A 1 95  ? 7.720   3.194   4.655   1.00 18.48 ? 91  LEU A CG  1 
ATOM   774  C CD1 . LEU A 1 95  ? 7.853   2.702   3.228   1.00 21.84 ? 91  LEU A CD1 1 
ATOM   775  C CD2 . LEU A 1 95  ? 7.921   4.707   4.719   1.00 17.99 ? 91  LEU A CD2 1 
ATOM   776  N N   . VAL A 1 96  ? 4.068   4.206   7.312   1.00 18.17 ? 92  VAL A N   1 
ATOM   777  C CA  . VAL A 1 96  ? 2.635   4.335   7.710   1.00 19.59 ? 92  VAL A CA  1 
ATOM   778  C C   . VAL A 1 96  ? 1.956   5.272   6.707   1.00 18.79 ? 92  VAL A C   1 
ATOM   779  O O   . VAL A 1 96  ? 2.326   6.465   6.635   1.00 19.31 ? 92  VAL A O   1 
ATOM   780  C CB  . VAL A 1 96  ? 2.480   4.900   9.113   1.00 20.62 ? 92  VAL A CB  1 
ATOM   781  C CG1 . VAL A 1 96  ? 0.971   4.954   9.454   1.00 21.53 ? 92  VAL A CG1 1 
ATOM   782  C CG2 . VAL A 1 96  ? 3.195   3.998   10.124  1.00 20.70 ? 92  VAL A CG2 1 
ATOM   783  N N   . HIS A 1 97  ? 1.006   4.733   5.921   1.00 17.97 ? 93  HIS A N   1 
ATOM   784  C CA  . HIS A 1 97  ? 0.375   5.463   4.805   1.00 18.24 ? 93  HIS A CA  1 
ATOM   785  C C   . HIS A 1 97  ? -1.098  5.661   5.221   1.00 18.47 ? 93  HIS A C   1 
ATOM   786  O O   . HIS A 1 97  ? -1.845  4.675   5.349   1.00 20.45 ? 93  HIS A O   1 
ATOM   787  C CB  . HIS A 1 97  ? 0.491   4.587   3.582   1.00 19.00 ? 93  HIS A CB  1 
ATOM   788  C CG  . HIS A 1 97  ? -0.132  5.152   2.336   1.00 19.38 ? 93  HIS A CG  1 
ATOM   789  N ND1 . HIS A 1 97  ? -0.046  4.496   1.129   1.00 22.26 ? 93  HIS A ND1 1 
ATOM   790  C CD2 . HIS A 1 97  ? -0.826  6.291   2.102   1.00 21.54 ? 93  HIS A CD2 1 
ATOM   791  C CE1 . HIS A 1 97  ? -0.659  5.207   0.209   1.00 22.91 ? 93  HIS A CE1 1 
ATOM   792  N NE2 . HIS A 1 97  ? -1.134  6.301   0.766   1.00 22.03 ? 93  HIS A NE2 1 
ATOM   793  N N   . VAL A 1 98  ? -1.478  6.934   5.472   1.00 18.31 ? 94  VAL A N   1 
ATOM   794  C CA  . VAL A 1 98  ? -2.886  7.305   5.806   1.00 21.18 ? 94  VAL A CA  1 
ATOM   795  C C   . VAL A 1 98  ? -3.542  7.888   4.565   1.00 18.19 ? 94  VAL A C   1 
ATOM   796  O O   . VAL A 1 98  ? -3.017  8.841   3.998   1.00 19.49 ? 94  VAL A O   1 
ATOM   797  C CB  . VAL A 1 98  ? -2.965  8.317   6.983   1.00 22.24 ? 94  VAL A CB  1 
ATOM   798  C CG1 . VAL A 1 98  ? -4.432  8.648   7.287   1.00 22.85 ? 94  VAL A CG1 1 
ATOM   799  C CG2 . VAL A 1 98  ? -2.337  7.723   8.232   1.00 24.98 ? 94  VAL A CG2 1 
ATOM   800  N N   . GLN A 1 99  ? -4.701  7.313   4.176   1.00 20.24 ? 95  GLN A N   1 
ATOM   801  C CA  . GLN A 1 99  ? -5.465  7.853   3.022   1.00 21.22 ? 95  GLN A CA  1 
ATOM   802  C C   . GLN A 1 99  ? -6.777  8.425   3.547   1.00 23.13 ? 95  GLN A C   1 
ATOM   803  O O   . GLN A 1 99  ? -7.485  7.730   4.253   1.00 24.21 ? 95  GLN A O   1 
ATOM   804  C CB  . GLN A 1 99  ? -5.834  6.736   2.095   1.00 20.47 ? 95  GLN A CB  1 
ATOM   805  C CG  . GLN A 1 99  ? -4.645  6.195   1.318   1.00 19.64 ? 95  GLN A CG  1 
ATOM   806  C CD  . GLN A 1 99  ? -5.043  5.060   0.435   1.00 20.17 ? 95  GLN A CD  1 
ATOM   807  O OE1 . GLN A 1 99  ? -6.061  4.410   0.692   1.00 21.57 ? 95  GLN A OE1 1 
ATOM   808  N NE2 . GLN A 1 99  ? -4.302  4.816   -0.614  1.00 20.93 ? 95  GLN A NE2 1 
ATOM   809  N N   . LYS A 1 100 ? -7.073  9.683   3.203   1.00 23.98 ? 96  LYS A N   1 
ATOM   810  C CA  . LYS A 1 100 ? -8.302  10.355  3.716   1.00 26.30 ? 96  LYS A CA  1 
ATOM   811  C C   . LYS A 1 100 ? -9.202  10.821  2.569   1.00 24.13 ? 96  LYS A C   1 
ATOM   812  O O   . LYS A 1 100 ? -8.736  11.415  1.595   1.00 24.48 ? 96  LYS A O   1 
ATOM   813  C CB  . LYS A 1 100 ? -7.925  11.520  4.624   1.00 26.18 ? 96  LYS A CB  1 
ATOM   814  C CG  . LYS A 1 100 ? -7.473  11.029  6.002   1.00 31.28 ? 96  LYS A CG  1 
ATOM   815  C CD  . LYS A 1 100 ? -7.209  12.130  7.018   1.00 37.55 ? 96  LYS A CD  1 
ATOM   816  C CE  . LYS A 1 100 ? -6.372  13.252  6.448   1.00 44.46 ? 96  LYS A CE  1 
ATOM   817  N NZ  . LYS A 1 100 ? -6.094  14.298  7.484   1.00 52.18 ? 96  LYS A NZ  1 
ATOM   818  N N   . TRP A 1 101 ? -10.492 10.532  2.666   1.00 28.21 ? 97  TRP A N   1 
ATOM   819  C CA  . TRP A 1 101 ? -11.424 11.005  1.616   1.00 28.73 ? 97  TRP A CA  1 
ATOM   820  C C   . TRP A 1 101 ? -12.841 10.914  2.184   1.00 29.60 ? 97  TRP A C   1 
ATOM   821  O O   . TRP A 1 101 ? -13.138 10.033  3.030   1.00 26.85 ? 97  TRP A O   1 
ATOM   822  C CB  . TRP A 1 101 ? -11.306 10.168  0.328   1.00 26.30 ? 97  TRP A CB  1 
ATOM   823  C CG  . TRP A 1 101 ? -11.966 8.792   0.473   1.00 28.01 ? 97  TRP A CG  1 
ATOM   824  C CD1 . TRP A 1 101 ? -13.138 8.373   -0.140  1.00 27.50 ? 97  TRP A CD1 1 
ATOM   825  C CD2 . TRP A 1 101 ? -11.533 7.684   1.293   1.00 27.36 ? 97  TRP A CD2 1 
ATOM   826  N NE1 . TRP A 1 101 ? -13.441 7.077   0.247   1.00 25.67 ? 97  TRP A NE1 1 
ATOM   827  C CE2 . TRP A 1 101 ? -12.484 6.630   1.117   1.00 27.37 ? 97  TRP A CE2 1 
ATOM   828  C CE3 . TRP A 1 101 ? -10.428 7.468   2.141   1.00 27.13 ? 97  TRP A CE3 1 
ATOM   829  C CZ2 . TRP A 1 101 ? -12.378 5.398   1.763   1.00 25.48 ? 97  TRP A CZ2 1 
ATOM   830  C CZ3 . TRP A 1 101 ? -10.318 6.224   2.796   1.00 23.83 ? 97  TRP A CZ3 1 
ATOM   831  C CH2 . TRP A 1 101 ? -11.300 5.204   2.603   1.00 26.61 ? 97  TRP A CH2 1 
ATOM   832  N N   . ASP A 1 102 ? -13.701 11.855  1.750   1.00 33.67 ? 98  ASP A N   1 
ATOM   833  C CA  . ASP A 1 102 ? -15.139 11.842  2.134   1.00 33.30 ? 98  ASP A CA  1 
ATOM   834  C C   . ASP A 1 102 ? -15.309 11.609  3.616   1.00 32.20 ? 98  ASP A C   1 
ATOM   835  O O   . ASP A 1 102 ? -16.105 10.764  4.039   1.00 36.17 ? 98  ASP A O   1 
ATOM   836  C CB  . ASP A 1 102 ? -15.903 10.747  1.405   1.00 37.19 ? 98  ASP A CB  1 
ATOM   837  C CG  . ASP A 1 102 ? -16.008 11.000  -0.079  1.00 43.40 ? 98  ASP A CG  1 
ATOM   838  O OD1 . ASP A 1 102 ? -15.800 12.169  -0.494  1.00 47.25 ? 98  ASP A OD1 1 
ATOM   839  O OD2 . ASP A 1 102 ? -16.297 10.027  -0.831  1.00 53.27 ? 98  ASP A OD2 1 
ATOM   840  N N   . GLY A 1 103 ? -14.548 12.335  4.417   1.00 31.13 ? 99  GLY A N   1 
ATOM   841  C CA  . GLY A 1 103 ? -14.580 12.125  5.869   1.00 32.70 ? 99  GLY A CA  1 
ATOM   842  C C   . GLY A 1 103 ? -14.175 10.758  6.411   1.00 34.21 ? 99  GLY A C   1 
ATOM   843  O O   . GLY A 1 103 ? -14.356 10.470  7.602   1.00 34.27 ? 99  GLY A O   1 
ATOM   844  N N   . LYS A 1 104 ? -13.600 9.905   5.562   1.00 31.15 ? 100 LYS A N   1 
ATOM   845  C CA  . LYS A 1 104 ? -13.161 8.588   6.002   1.00 28.61 ? 100 LYS A CA  1 
ATOM   846  C C   . LYS A 1 104 ? -11.616 8.524   5.988   1.00 25.52 ? 100 LYS A C   1 
ATOM   847  O O   . LYS A 1 104 ? -10.937 9.421   5.477   1.00 27.55 ? 100 LYS A O   1 
ATOM   848  C CB  . LYS A 1 104 ? -13.669 7.530   5.060   1.00 30.01 ? 100 LYS A CB  1 
ATOM   849  C CG  . LYS A 1 104 ? -15.192 7.435   5.024   1.00 34.48 ? 100 LYS A CG  1 
ATOM   850  C CD  . LYS A 1 104 ? -15.602 6.661   3.787   1.00 37.36 ? 100 LYS A CD  1 
ATOM   851  C CE  . LYS A 1 104 ? -16.990 7.003   3.293   1.00 41.47 ? 100 LYS A CE  1 
ATOM   852  N NZ  . LYS A 1 104 ? -17.269 6.193   2.073   1.00 39.77 ? 100 LYS A NZ  1 
ATOM   853  N N   . SER A 1 105 ? -11.104 7.437   6.538   1.00 29.09 ? 101 SER A N   1 
ATOM   854  C CA  . SER A 1 105 ? -9.672  7.240   6.556   1.00 27.07 ? 101 SER A CA  1 
ATOM   855  C C   . SER A 1 105 ? -9.348  5.743   6.621   1.00 26.38 ? 101 SER A C   1 
ATOM   856  O O   . SER A 1 105 ? -10.073 4.928   7.232   1.00 24.53 ? 101 SER A O   1 
ATOM   857  C CB  . SER A 1 105 ? -9.064  8.074   7.698   1.00 31.45 ? 101 SER A CB  1 
ATOM   858  O OG  . SER A 1 105 ? -8.320  7.325   8.616   1.00 36.53 ? 101 SER A OG  1 
ATOM   859  N N   . THR A 1 106 ? -8.264  5.379   5.924   1.00 22.73 ? 102 THR A N   1 
ATOM   860  C CA  . THR A 1 106 ? -7.715  4.028   5.968   1.00 21.91 ? 102 THR A CA  1 
ATOM   861  C C   . THR A 1 106 ? -6.195  4.130   6.152   1.00 20.41 ? 102 THR A C   1 
ATOM   862  O O   . THR A 1 106 ? -5.579  5.117   5.729   1.00 22.43 ? 102 THR A O   1 
ATOM   863  C CB  . THR A 1 106 ? -8.118  3.188   4.730   1.00 21.66 ? 102 THR A CB  1 
ATOM   864  O OG1 . THR A 1 106 ? -7.690  1.839   4.934   1.00 27.50 ? 102 THR A OG1 1 
ATOM   865  C CG2 . THR A 1 106 ? -7.572  3.743   3.387   1.00 22.10 ? 102 THR A CG2 1 
ATOM   866  N N   . THR A 1 107 ? -5.618  3.115   6.780   1.00 21.56 ? 103 THR A N   1 
ATOM   867  C CA  . THR A 1 107 ? -4.169  3.164   7.083   1.00 21.82 ? 103 THR A CA  1 
ATOM   868  C C   . THR A 1 107 ? -3.502  1.885   6.555   1.00 20.92 ? 103 THR A C   1 
ATOM   869  O O   . THR A 1 107 ? -3.977  0.758   6.775   1.00 21.90 ? 103 THR A O   1 
ATOM   870  C CB  . THR A 1 107 ? -3.934  3.291   8.598   1.00 22.79 ? 103 THR A CB  1 
ATOM   871  O OG1 . THR A 1 107 ? -4.482  4.554   9.033   1.00 26.87 ? 103 THR A OG1 1 
ATOM   872  C CG2 . THR A 1 107 ? -2.422  3.382   8.894   1.00 25.11 ? 103 THR A CG2 1 
ATOM   873  N N   . ILE A 1 108 ? -2.448  2.074   5.765   1.00 19.60 ? 104 ILE A N   1 
ATOM   874  C CA  A ILE A 1 108 ? -1.705  0.962   5.202   0.50 19.00 ? 104 ILE A CA  1 
ATOM   875  C CA  B ILE A 1 108 ? -1.702  0.964   5.186   0.50 18.96 ? 104 ILE A CA  1 
ATOM   876  C C   . ILE A 1 108 ? -0.295  1.026   5.793   1.00 19.22 ? 104 ILE A C   1 
ATOM   877  O O   . ILE A 1 108 ? 0.377   2.036   5.659   1.00 20.45 ? 104 ILE A O   1 
ATOM   878  C CB  A ILE A 1 108 ? -1.631  1.070   3.672   0.50 18.95 ? 104 ILE A CB  1 
ATOM   879  C CB  B ILE A 1 108 ? -1.633  1.066   3.642   0.50 18.81 ? 104 ILE A CB  1 
ATOM   880  C CG1 A ILE A 1 108 ? -3.042  1.063   3.043   0.50 20.88 ? 104 ILE A CG1 1 
ATOM   881  C CG1 B ILE A 1 108 ? -3.051  1.011   3.011   0.50 20.49 ? 104 ILE A CG1 1 
ATOM   882  C CG2 A ILE A 1 108 ? -0.799  -0.058  3.057   0.50 19.03 ? 104 ILE A CG2 1 
ATOM   883  C CG2 B ILE A 1 108 ? -0.728  -0.007  3.025   0.50 18.74 ? 104 ILE A CG2 1 
ATOM   884  C CD1 A ILE A 1 108 ? -2.973  1.421   1.586   0.50 21.94 ? 104 ILE A CD1 1 
ATOM   885  C CD1 B ILE A 1 108 ? -3.602  2.386   2.728   0.50 20.95 ? 104 ILE A CD1 1 
ATOM   886  N N   . LYS A 1 109 ? 0.120   -0.048  6.477   1.00 19.45 ? 105 LYS A N   1 
ATOM   887  C CA  . LYS A 1 109 ? 1.457   -0.067  7.083   1.00 18.70 ? 105 LYS A CA  1 
ATOM   888  C C   . LYS A 1 109 ? 2.322   -1.100  6.368   1.00 18.57 ? 105 LYS A C   1 
ATOM   889  O O   . LYS A 1 109 ? 1.869   -2.217  6.027   1.00 21.04 ? 105 LYS A O   1 
ATOM   890  C CB  . LYS A 1 109 ? 1.321   -0.478  8.555   1.00 20.11 ? 105 LYS A CB  1 
ATOM   891  C CG  . LYS A 1 109 ? 0.679   0.593   9.419   1.00 24.36 ? 105 LYS A CG  1 
ATOM   892  C CD  . LYS A 1 109 ? 0.735   0.226   10.896  1.00 30.49 ? 105 LYS A CD  1 
ATOM   893  C CE  . LYS A 1 109 ? 0.268   1.418   11.736  1.00 33.20 ? 105 LYS A CE  1 
ATOM   894  N NZ  . LYS A 1 109 ? 0.031   1.060   13.177  1.00 35.46 ? 105 LYS A NZ  1 
ATOM   895  N N   . ARG A 1 110 ? 3.563   -0.722  6.130   1.00 17.89 ? 106 ARG A N   1 
ATOM   896  C CA  . ARG A 1 110 ? 4.488   -1.600  5.382   1.00 17.31 ? 106 ARG A CA  1 
ATOM   897  C C   . ARG A 1 110 ? 5.660   -1.797  6.334   1.00 17.63 ? 106 ARG A C   1 
ATOM   898  O O   . ARG A 1 110 ? 6.244   -0.841  6.841   1.00 16.71 ? 106 ARG A O   1 
ATOM   899  C CB  . ARG A 1 110 ? 4.935   -0.974  4.075   1.00 19.38 ? 106 ARG A CB  1 
ATOM   900  C CG  . ARG A 1 110 ? 3.827   -0.869  3.017   1.00 22.13 ? 106 ARG A CG  1 
ATOM   901  C CD  . ARG A 1 110 ? 4.311   -0.083  1.804   1.00 27.32 ? 106 ARG A CD  1 
ATOM   902  N NE  . ARG A 1 110 ? 3.308   -0.082  0.732   1.00 30.92 ? 106 ARG A NE  1 
ATOM   903  C CZ  . ARG A 1 110 ? 2.299   0.776   0.646   1.00 29.81 ? 106 ARG A CZ  1 
ATOM   904  N NH1 . ARG A 1 110 ? 2.112   1.735   1.525   1.00 29.21 ? 106 ARG A NH1 1 
ATOM   905  N NH2 . ARG A 1 110 ? 1.452   0.672   -0.371  1.00 35.06 ? 106 ARG A NH2 1 
ATOM   906  N N   . LYS A 1 111 ? 5.975   -3.064  6.612   1.00 18.58 ? 107 LYS A N   1 
ATOM   907  C CA  . LYS A 1 111 ? 7.066   -3.366  7.523   1.00 19.87 ? 107 LYS A CA  1 
ATOM   908  C C   . LYS A 1 111 ? 7.875   -4.533  7.041   1.00 18.97 ? 107 LYS A C   1 
ATOM   909  O O   . LYS A 1 111 ? 7.374   -5.420  6.353   1.00 19.54 ? 107 LYS A O   1 
ATOM   910  C CB  . LYS A 1 111 ? 6.570   -3.612  8.938   1.00 24.11 ? 107 LYS A CB  1 
ATOM   911  C CG  . LYS A 1 111 ? 5.712   -4.825  8.992   1.00 27.03 ? 107 LYS A CG  1 
ATOM   912  C CD  . LYS A 1 111 ? 5.056   -4.988  10.349  1.00 38.62 ? 107 LYS A CD  1 
ATOM   913  C CE  . LYS A 1 111 ? 5.851   -5.938  11.240  1.00 46.24 ? 107 LYS A CE  1 
ATOM   914  N NZ  . LYS A 1 111 ? 6.649   -5.201  12.277  1.00 55.52 ? 107 LYS A NZ  1 
ATOM   915  N N   . ARG A 1 112 ? 9.160   -4.525  7.388   1.00 18.94 ? 108 ARG A N   1 
ATOM   916  C CA  . ARG A 1 112 ? 9.983   -5.689  7.154   1.00 19.43 ? 108 ARG A CA  1 
ATOM   917  C C   . ARG A 1 112 ? 9.980   -6.668  8.280   1.00 19.34 ? 108 ARG A C   1 
ATOM   918  O O   . ARG A 1 112 ? 10.157  -6.309  9.460   1.00 20.42 ? 108 ARG A O   1 
ATOM   919  C CB  . ARG A 1 112 ? 11.454  -5.257  6.885   1.00 21.32 ? 108 ARG A CB  1 
ATOM   920  C CG  . ARG A 1 112 ? 11.724  -4.653  5.509   1.00 22.85 ? 108 ARG A CG  1 
ATOM   921  C CD  . ARG A 1 112 ? 11.660  -5.682  4.368   1.00 22.74 ? 108 ARG A CD  1 
ATOM   922  N NE  . ARG A 1 112 ? 12.388  -6.940  4.690   1.00 22.37 ? 108 ARG A NE  1 
ATOM   923  C CZ  . ARG A 1 112 ? 13.705  -7.092  4.509   1.00 24.75 ? 108 ARG A CZ  1 
ATOM   924  N NH1 . ARG A 1 112 ? 14.432  -6.093  3.961   1.00 24.88 ? 108 ARG A NH1 1 
ATOM   925  N NH2 . ARG A 1 112 ? 14.305  -8.243  4.832   1.00 25.98 ? 108 ARG A NH2 1 
ATOM   926  N N   . GLU A 1 113 ? 9.733   -7.929  7.905   1.00 17.96 ? 109 GLU A N   1 
ATOM   927  C CA  . GLU A 1 113 ? 9.659   -8.999  8.884   1.00 21.66 ? 109 GLU A CA  1 
ATOM   928  C C   . GLU A 1 113 ? 10.357  -10.204 8.258   1.00 19.77 ? 109 GLU A C   1 
ATOM   929  O O   . GLU A 1 113 ? 9.939   -10.728 7.221   1.00 20.66 ? 109 GLU A O   1 
ATOM   930  C CB  . GLU A 1 113 ? 8.206   -9.303  9.188   1.00 26.87 ? 109 GLU A CB  1 
ATOM   931  C CG  . GLU A 1 113 ? 7.957   -10.251 10.342  1.00 35.98 ? 109 GLU A CG  1 
ATOM   932  C CD  . GLU A 1 113 ? 6.471   -10.623 10.368  1.00 42.75 ? 109 GLU A CD  1 
ATOM   933  O OE1 . GLU A 1 113 ? 5.656   -9.706  10.605  1.00 43.55 ? 109 GLU A OE1 1 
ATOM   934  O OE2 . GLU A 1 113 ? 6.124   -11.799 10.067  1.00 44.64 ? 109 GLU A OE2 1 
ATOM   935  N N   . ASP A 1 114 ? 11.487  -10.592 8.865   1.00 20.24 ? 110 ASP A N   1 
ATOM   936  C CA  . ASP A 1 114 ? 12.371  -11.579 8.251   1.00 19.51 ? 110 ASP A CA  1 
ATOM   937  C C   . ASP A 1 114 ? 12.684  -11.156 6.816   1.00 18.72 ? 110 ASP A C   1 
ATOM   938  O O   . ASP A 1 114 ? 13.055  -9.990  6.634   1.00 17.85 ? 110 ASP A O   1 
ATOM   939  C CB  . ASP A 1 114 ? 11.727  -12.965 8.354   1.00 21.68 ? 110 ASP A CB  1 
ATOM   940  C CG  . ASP A 1 114 ? 11.472  -13.368 9.766   1.00 26.33 ? 110 ASP A CG  1 
ATOM   941  O OD1 . ASP A 1 114 ? 12.309  -13.079 10.633  1.00 25.74 ? 110 ASP A OD1 1 
ATOM   942  O OD2 . ASP A 1 114 ? 10.404  -13.962 10.026  1.00 32.71 ? 110 ASP A OD2 1 
ATOM   943  N N   . ASP A 1 115 ? 12.547  -12.002 5.788   1.00 19.90 ? 111 ASP A N   1 
ATOM   944  C CA  . ASP A 1 115 ? 12.867  -11.603 4.424   1.00 22.19 ? 111 ASP A CA  1 
ATOM   945  C C   . ASP A 1 115 ? 11.683  -11.035 3.622   1.00 21.50 ? 111 ASP A C   1 
ATOM   946  O O   . ASP A 1 115 ? 11.779  -10.842 2.410   1.00 22.77 ? 111 ASP A O   1 
ATOM   947  C CB  . ASP A 1 115 ? 13.488  -12.772 3.651   1.00 26.59 ? 111 ASP A CB  1 
ATOM   948  C CG  . ASP A 1 115 ? 14.903  -13.076 4.137   1.00 27.40 ? 111 ASP A CG  1 
ATOM   949  O OD1 . ASP A 1 115 ? 15.640  -12.104 4.399   1.00 27.26 ? 111 ASP A OD1 1 
ATOM   950  O OD2 . ASP A 1 115 ? 15.190  -14.276 4.338   1.00 27.04 ? 111 ASP A OD2 1 
ATOM   951  N N   . LYS A 1 116 ? 10.609  -10.805 4.349   1.00 19.71 ? 112 LYS A N   1 
ATOM   952  C CA  . LYS A 1 116 ? 9.315   -10.418 3.782   1.00 19.24 ? 112 LYS A CA  1 
ATOM   953  C C   . LYS A 1 116 ? 9.068   -8.932  4.031   1.00 17.43 ? 112 LYS A C   1 
ATOM   954  O O   . LYS A 1 116 ? 9.583   -8.298  5.009   1.00 18.48 ? 112 LYS A O   1 
ATOM   955  C CB  . LYS A 1 116 ? 8.203   -11.196 4.469   1.00 21.62 ? 112 LYS A CB  1 
ATOM   956  C CG  . LYS A 1 116 ? 8.223   -12.723 4.276   1.00 26.45 ? 112 LYS A CG  1 
ATOM   957  C CD  . LYS A 1 116 ? 7.549   -13.282 5.544   1.00 33.68 ? 112 LYS A CD  1 
ATOM   958  C CE  . LYS A 1 116 ? 6.976   -14.695 5.406   1.00 42.69 ? 112 LYS A CE  1 
ATOM   959  N NZ  . LYS A 1 116 ? 7.698   -15.537 4.402   1.00 45.44 ? 112 LYS A NZ  1 
ATOM   960  N N   . LEU A 1 117 ? 8.202   -8.424  3.158   1.00 16.90 ? 113 LEU A N   1 
ATOM   961  C CA  A LEU A 1 117 ? 7.650   -7.100  3.348   0.50 16.46 ? 113 LEU A CA  1 
ATOM   962  C CA  B LEU A 1 117 ? 7.633   -7.087  3.309   0.50 17.35 ? 113 LEU A CA  1 
ATOM   963  C C   . LEU A 1 117 ? 6.147   -7.335  3.595   1.00 17.41 ? 113 LEU A C   1 
ATOM   964  O O   . LEU A 1 117 ? 5.465   -7.921  2.727   1.00 18.68 ? 113 LEU A O   1 
ATOM   965  C CB  A LEU A 1 117 ? 7.931   -6.253  2.110   0.50 16.30 ? 113 LEU A CB  1 
ATOM   966  C CB  B LEU A 1 117 ? 7.811   -6.317  2.001   0.50 18.77 ? 113 LEU A CB  1 
ATOM   967  C CG  A LEU A 1 117 ? 7.678   -4.754  2.275   0.50 16.06 ? 113 LEU A CG  1 
ATOM   968  C CG  B LEU A 1 117 ? 7.285   -4.882  1.845   0.50 19.62 ? 113 LEU A CG  1 
ATOM   969  C CD1 A LEU A 1 117 ? 8.345   -3.896  1.217   0.50 14.80 ? 113 LEU A CD1 1 
ATOM   970  C CD1 B LEU A 1 117 ? 7.589   -4.061  3.080   0.50 20.78 ? 113 LEU A CD1 1 
ATOM   971  C CD2 A LEU A 1 117 ? 6.187   -4.531  2.273   0.50 14.83 ? 113 LEU A CD2 1 
ATOM   972  C CD2 B LEU A 1 117 ? 7.940   -4.251  0.625   0.50 20.11 ? 113 LEU A CD2 1 
ATOM   973  N N   . VAL A 1 118 ? 5.697   -6.977  4.794   1.00 16.57 ? 114 VAL A N   1 
ATOM   974  C CA  . VAL A 1 118 ? 4.340   -7.273  5.245   1.00 17.83 ? 114 VAL A CA  1 
ATOM   975  C C   . VAL A 1 118 ? 3.530   -6.008  5.160   1.00 19.21 ? 114 VAL A C   1 
ATOM   976  O O   . VAL A 1 118 ? 3.927   -4.979  5.698   1.00 20.20 ? 114 VAL A O   1 
ATOM   977  C CB  . VAL A 1 118 ? 4.330   -7.834  6.680   1.00 19.39 ? 114 VAL A CB  1 
ATOM   978  C CG1 . VAL A 1 118 ? 2.880   -8.145  7.148   1.00 21.20 ? 114 VAL A CG1 1 
ATOM   979  C CG2 . VAL A 1 118 ? 5.116   -9.139  6.698   1.00 20.52 ? 114 VAL A CG2 1 
ATOM   980  N N   . VAL A 1 119 ? 2.369   -6.086  4.503   1.00 18.91 ? 115 VAL A N   1 
ATOM   981  C CA  . VAL A 1 119 ? 1.506   -4.882  4.303   1.00 19.17 ? 115 VAL A CA  1 
ATOM   982  C C   . VAL A 1 119 ? 0.221   -5.121  5.082   1.00 19.76 ? 115 VAL A C   1 
ATOM   983  O O   . VAL A 1 119 ? -0.487  -6.141  4.831   1.00 20.94 ? 115 VAL A O   1 
ATOM   984  C CB  . VAL A 1 119 ? 1.194   -4.661  2.811   1.00 19.89 ? 115 VAL A CB  1 
ATOM   985  C CG1 . VAL A 1 119 ? 0.412   -3.352  2.645   1.00 21.21 ? 115 VAL A CG1 1 
ATOM   986  C CG2 . VAL A 1 119 ? 2.475   -4.643  1.959   1.00 19.91 ? 115 VAL A CG2 1 
ATOM   987  N N   . GLU A 1 120 ? -0.031  -4.251  6.056   1.00 18.72 ? 116 GLU A N   1 
ATOM   988  C CA  A GLU A 1 120 ? -1.254  -4.358  6.843   0.50 20.58 ? 116 GLU A CA  1 
ATOM   989  C CA  B GLU A 1 120 ? -1.247  -4.329  6.879   0.50 20.52 ? 116 GLU A CA  1 
ATOM   990  C C   . GLU A 1 120 ? -2.187  -3.186  6.489   1.00 19.79 ? 116 GLU A C   1 
ATOM   991  O O   . GLU A 1 120 ? -1.815  -2.027  6.617   1.00 18.88 ? 116 GLU A O   1 
ATOM   992  C CB  A GLU A 1 120 ? -0.931  -4.446  8.351   0.50 23.27 ? 116 GLU A CB  1 
ATOM   993  C CB  B GLU A 1 120 ? -0.909  -4.218  8.380   0.50 23.08 ? 116 GLU A CB  1 
ATOM   994  C CG  A GLU A 1 120 ? -0.344  -5.799  8.769   0.50 27.68 ? 116 GLU A CG  1 
ATOM   995  C CG  B GLU A 1 120 ? -2.128  -4.071  9.282   0.50 26.64 ? 116 GLU A CG  1 
ATOM   996  C CD  A GLU A 1 120 ? 0.602   -5.752  9.971   0.50 31.74 ? 116 GLU A CD  1 
ATOM   997  C CD  B GLU A 1 120 ? -1.819  -3.640  10.701  0.50 27.65 ? 116 GLU A CD  1 
ATOM   998  O OE1 A GLU A 1 120 ? 0.608   -4.751  10.722  0.50 36.17 ? 116 GLU A OE1 1 
ATOM   999  O OE1 B GLU A 1 120 ? -1.676  -2.422  10.956  0.50 27.56 ? 116 GLU A OE1 1 
ATOM   1000 O OE2 A GLU A 1 120 ? 1.352   -6.736  10.157  0.50 35.27 ? 116 GLU A OE2 1 
ATOM   1001 O OE2 B GLU A 1 120 ? -1.794  -4.518  11.578  0.50 32.73 ? 116 GLU A OE2 1 
ATOM   1002 N N   . CYS A 1 121 ? -3.404  -3.521  6.020   1.00 21.40 ? 117 CYS A N   1 
ATOM   1003 C CA  . CYS A 1 121 ? -4.368  -2.522  5.566   1.00 19.45 ? 117 CYS A CA  1 
ATOM   1004 C C   . CYS A 1 121 ? -5.519  -2.524  6.527   1.00 21.34 ? 117 CYS A C   1 
ATOM   1005 O O   . CYS A 1 121 ? -6.108  -3.595  6.762   1.00 22.34 ? 117 CYS A O   1 
ATOM   1006 C CB  . CYS A 1 121 ? -4.848  -2.871  4.164   1.00 22.90 ? 117 CYS A CB  1 
ATOM   1007 S SG  . CYS A 1 121 ? -3.555  -3.148  2.922   1.00 26.35 ? 117 CYS A SG  1 
ATOM   1008 N N   . VAL A 1 122 ? -5.787  -1.369  7.129   1.00 22.79 ? 118 VAL A N   1 
ATOM   1009 C CA  . VAL A 1 122 ? -6.873  -1.292  8.130   1.00 22.93 ? 118 VAL A CA  1 
ATOM   1010 C C   . VAL A 1 122 ? -7.903  -0.229  7.710   1.00 21.09 ? 118 VAL A C   1 
ATOM   1011 O O   . VAL A 1 122 ? -7.558  0.930   7.445   1.00 22.68 ? 118 VAL A O   1 
ATOM   1012 C CB  . VAL A 1 122 ? -6.319  -0.995  9.554   1.00 25.64 ? 118 VAL A CB  1 
ATOM   1013 C CG1 . VAL A 1 122 ? -7.439  -0.826  10.582  1.00 29.42 ? 118 VAL A CG1 1 
ATOM   1014 C CG2 . VAL A 1 122 ? -5.352  -2.106  9.950   1.00 27.32 ? 118 VAL A CG2 1 
ATOM   1015 N N   . MET A 1 123 ? -9.175  -0.656  7.689   1.00 24.97 ? 119 MET A N   1 
ATOM   1016 C CA  A MET A 1 123 ? -10.305 0.273   7.547   0.50 25.73 ? 119 MET A CA  1 
ATOM   1017 C CA  B MET A 1 123 ? -10.321 0.254   7.516   0.50 25.34 ? 119 MET A CA  1 
ATOM   1018 C C   . MET A 1 123 ? -11.323 -0.057  8.629   1.00 28.18 ? 119 MET A C   1 
ATOM   1019 O O   . MET A 1 123 ? -11.787 -1.197  8.746   1.00 27.61 ? 119 MET A O   1 
ATOM   1020 C CB  A MET A 1 123 ? -10.943 0.155   6.167   0.50 26.09 ? 119 MET A CB  1 
ATOM   1021 C CB  B MET A 1 123 ? -10.948 0.034   6.133   0.50 24.83 ? 119 MET A CB  1 
ATOM   1022 C CG  A MET A 1 123 ? -12.225 0.976   6.041   0.50 27.08 ? 119 MET A CG  1 
ATOM   1023 C CG  B MET A 1 123 ? -12.182 0.890   5.850   0.50 25.25 ? 119 MET A CG  1 
ATOM   1024 S SD  A MET A 1 123 ? -12.065 2.386   4.959   0.50 27.55 ? 119 MET A SD  1 
ATOM   1025 S SD  B MET A 1 123 ? -11.761 2.615   5.966   0.50 24.28 ? 119 MET A SD  1 
ATOM   1026 C CE  A MET A 1 123 ? -13.642 3.205   5.178   0.50 27.83 ? 119 MET A CE  1 
ATOM   1027 C CE  B MET A 1 123 ? -13.292 3.442   5.507   0.50 23.72 ? 119 MET A CE  1 
ATOM   1028 N N   . LYS A 1 124 ? -11.625 0.943   9.449   1.00 30.52 ? 120 LYS A N   1 
ATOM   1029 C CA  . LYS A 1 124 ? -12.507 0.730   10.600  1.00 35.77 ? 120 LYS A CA  1 
ATOM   1030 C C   . LYS A 1 124 ? -12.070 -0.555  11.312  1.00 34.20 ? 120 LYS A C   1 
ATOM   1031 O O   . LYS A 1 124 ? -10.927 -0.664  11.761  1.00 37.70 ? 120 LYS A O   1 
ATOM   1032 C CB  . LYS A 1 124 ? -13.990 0.711   10.164  1.00 38.69 ? 120 LYS A CB  1 
ATOM   1033 C CG  . LYS A 1 124 ? -14.417 2.026   9.531   1.00 42.77 ? 120 LYS A CG  1 
ATOM   1034 C CD  . LYS A 1 124 ? -15.676 1.871   8.692   1.00 54.32 ? 120 LYS A CD  1 
ATOM   1035 C CE  . LYS A 1 124 ? -16.929 1.944   9.556   1.00 60.13 ? 120 LYS A CE  1 
ATOM   1036 N NZ  . LYS A 1 124 ? -18.126 1.473   8.801   1.00 69.81 ? 120 LYS A NZ  1 
ATOM   1037 N N   . GLY A 1 125 ? -12.941 -1.546  11.416  1.00 37.91 ? 121 GLY A N   1 
ATOM   1038 C CA  . GLY A 1 125 ? -12.537 -2.738  12.153  1.00 34.75 ? 121 GLY A CA  1 
ATOM   1039 C C   . GLY A 1 125 ? -11.863 -3.838  11.350  1.00 36.58 ? 121 GLY A C   1 
ATOM   1040 O O   . GLY A 1 125 ? -11.658 -4.936  11.856  1.00 38.29 ? 121 GLY A O   1 
ATOM   1041 N N   . VAL A 1 126 ? -11.511 -3.551  10.098  1.00 30.56 ? 122 VAL A N   1 
ATOM   1042 C CA  . VAL A 1 126 ? -11.197 -4.628  9.165   1.00 31.21 ? 122 VAL A CA  1 
ATOM   1043 C C   . VAL A 1 126 ? -9.716  -4.520  8.779   1.00 29.05 ? 122 VAL A C   1 
ATOM   1044 O O   . VAL A 1 126 ? -9.292  -3.461  8.320   1.00 28.62 ? 122 VAL A O   1 
ATOM   1045 C CB  . VAL A 1 126 ? -12.080 -4.553  7.909   1.00 33.06 ? 122 VAL A CB  1 
ATOM   1046 C CG1 . VAL A 1 126 ? -11.831 -5.756  7.017   1.00 34.41 ? 122 VAL A CG1 1 
ATOM   1047 C CG2 . VAL A 1 126 ? -13.564 -4.417  8.290   1.00 35.36 ? 122 VAL A CG2 1 
ATOM   1048 N N   . THR A 1 127 ? -8.979  -5.609  8.996   1.00 27.63 ? 123 THR A N   1 
ATOM   1049 C CA  . THR A 1 127 ? -7.552  -5.709  8.669   1.00 29.76 ? 123 THR A CA  1 
ATOM   1050 C C   . THR A 1 127 ? -7.232  -6.778  7.629   1.00 26.58 ? 123 THR A C   1 
ATOM   1051 O O   . THR A 1 127 ? -7.565  -7.985  7.804   1.00 28.94 ? 123 THR A O   1 
ATOM   1052 C CB  . THR A 1 127 ? -6.690  -5.988  9.916   1.00 29.74 ? 123 THR A CB  1 
ATOM   1053 O OG1 . THR A 1 127 ? -6.863  -4.900  10.839  1.00 33.77 ? 123 THR A OG1 1 
ATOM   1054 C CG2 . THR A 1 127 ? -5.207  -6.099  9.509   1.00 29.49 ? 123 THR A CG2 1 
ATOM   1055 N N   . SER A 1 128 ? -6.596  -6.342  6.539   1.00 23.00 ? 124 SER A N   1 
ATOM   1056 C CA  . SER A 1 128 ? -6.087  -7.266  5.558   1.00 22.46 ? 124 SER A CA  1 
ATOM   1057 C C   . SER A 1 128 ? -4.538  -7.343  5.675   1.00 22.86 ? 124 SER A C   1 
ATOM   1058 O O   . SER A 1 128 ? -3.898  -6.320  5.918   1.00 22.39 ? 124 SER A O   1 
ATOM   1059 C CB  . SER A 1 128 ? -6.488  -6.876  4.160   1.00 23.53 ? 124 SER A CB  1 
ATOM   1060 O OG  . SER A 1 128 ? -5.867  -7.731  3.215   1.00 24.33 ? 124 SER A OG  1 
ATOM   1061 N N   . THR A 1 129 ? -3.991  -8.552  5.567   1.00 20.61 ? 125 THR A N   1 
ATOM   1062 C CA  . THR A 1 129 ? -2.533  -8.756  5.583   1.00 21.94 ? 125 THR A CA  1 
ATOM   1063 C C   . THR A 1 129 ? -2.072  -9.313  4.227   1.00 21.83 ? 125 THR A C   1 
ATOM   1064 O O   . THR A 1 129 ? -2.524  -10.397 3.764   1.00 23.34 ? 125 THR A O   1 
ATOM   1065 C CB  . THR A 1 129 ? -2.093  -9.656  6.749   1.00 24.09 ? 125 THR A CB  1 
ATOM   1066 O OG1 . THR A 1 129 ? -2.546  -9.076  7.967   1.00 28.58 ? 125 THR A OG1 1 
ATOM   1067 C CG2 . THR A 1 129 ? -0.528  -9.741  6.818   1.00 24.44 ? 125 THR A CG2 1 
ATOM   1068 N N   . ARG A 1 130 ? -1.161  -8.585  3.603   1.00 20.54 ? 126 ARG A N   1 
ATOM   1069 C CA  A ARG A 1 130 ? -0.613  -9.012  2.323   0.50 19.72 ? 126 ARG A CA  1 
ATOM   1070 C CA  B ARG A 1 130 ? -0.620  -8.928  2.278   0.50 19.75 ? 126 ARG A CA  1 
ATOM   1071 C C   . ARG A 1 130 ? 0.899   -9.085  2.458   1.00 19.98 ? 126 ARG A C   1 
ATOM   1072 O O   . ARG A 1 130 ? 1.544   -8.144  2.929   1.00 22.04 ? 126 ARG A O   1 
ATOM   1073 C CB  A ARG A 1 130 ? -1.076  -8.114  1.196   0.50 21.87 ? 126 ARG A CB  1 
ATOM   1074 C CB  B ARG A 1 130 ? -0.916  -7.807  1.282   0.50 22.01 ? 126 ARG A CB  1 
ATOM   1075 C CG  A ARG A 1 130 ? -2.524  -8.400  0.881   0.50 20.69 ? 126 ARG A CG  1 
ATOM   1076 C CG  B ARG A 1 130 ? -2.375  -7.393  1.234   0.50 21.28 ? 126 ARG A CG  1 
ATOM   1077 C CD  A ARG A 1 130 ? -3.155  -7.194  0.247   0.50 21.72 ? 126 ARG A CD  1 
ATOM   1078 C CD  B ARG A 1 130 ? -3.108  -8.139  0.149   0.50 22.33 ? 126 ARG A CD  1 
ATOM   1079 N NE  A ARG A 1 130 ? -2.806  -7.009  -1.160  0.50 22.25 ? 126 ARG A NE  1 
ATOM   1080 N NE  B ARG A 1 130 ? -2.865  -7.487  -1.127  0.50 21.60 ? 126 ARG A NE  1 
ATOM   1081 C CZ  A ARG A 1 130 ? -3.281  -7.738  -2.173  0.50 21.90 ? 126 ARG A CZ  1 
ATOM   1082 C CZ  B ARG A 1 130 ? -3.334  -7.912  -2.299  0.50 21.83 ? 126 ARG A CZ  1 
ATOM   1083 N NH1 A ARG A 1 130 ? -4.077  -8.778  -1.936  0.50 22.33 ? 126 ARG A NH1 1 
ATOM   1084 N NH1 B ARG A 1 130 ? -4.063  -9.025  -2.370  0.50 21.45 ? 126 ARG A NH1 1 
ATOM   1085 N NH2 A ARG A 1 130 ? -2.926  -7.465  -3.424  0.50 22.53 ? 126 ARG A NH2 1 
ATOM   1086 N NH2 B ARG A 1 130 ? -3.060  -7.233  -3.403  0.50 22.25 ? 126 ARG A NH2 1 
ATOM   1087 N N   . VAL A 1 131 ? 1.415   -10.260 2.148   1.00 18.70 ? 127 VAL A N   1 
ATOM   1088 C CA  . VAL A 1 131 ? 2.845   -10.577 2.316   1.00 19.15 ? 127 VAL A CA  1 
ATOM   1089 C C   . VAL A 1 131 ? 3.542   -10.635 0.956   1.00 17.75 ? 127 VAL A C   1 
ATOM   1090 O O   . VAL A 1 131 ? 3.070   -11.313 0.012   1.00 17.79 ? 127 VAL A O   1 
ATOM   1091 C CB  . VAL A 1 131 ? 3.025   -11.908 3.096   1.00 19.54 ? 127 VAL A CB  1 
ATOM   1092 C CG1 . VAL A 1 131 ? 4.528   -12.195 3.268   1.00 19.83 ? 127 VAL A CG1 1 
ATOM   1093 C CG2 . VAL A 1 131 ? 2.354   -11.836 4.470   1.00 20.53 ? 127 VAL A CG2 1 
ATOM   1094 N N   . TYR A 1 132 ? 4.671   -9.902  0.824   1.00 16.10 ? 128 TYR A N   1 
ATOM   1095 C CA  . TYR A 1 132 ? 5.508   -9.884  -0.371  1.00 16.20 ? 128 TYR A CA  1 
ATOM   1096 C C   . TYR A 1 132 ? 6.919   -10.432 -0.044  1.00 16.94 ? 128 TYR A C   1 
ATOM   1097 O O   . TYR A 1 132 ? 7.395   -10.290 1.115   1.00 18.92 ? 128 TYR A O   1 
ATOM   1098 C CB  . TYR A 1 132 ? 5.726   -8.426  -0.809  1.00 16.47 ? 128 TYR A CB  1 
ATOM   1099 C CG  . TYR A 1 132 ? 4.456   -7.780  -1.304  1.00 15.78 ? 128 TYR A CG  1 
ATOM   1100 C CD1 . TYR A 1 132 ? 3.421   -7.381  -0.425  1.00 16.89 ? 128 TYR A CD1 1 
ATOM   1101 C CD2 . TYR A 1 132 ? 4.330   -7.568  -2.695  1.00 15.32 ? 128 TYR A CD2 1 
ATOM   1102 C CE1 . TYR A 1 132 ? 2.260   -6.774  -0.957  1.00 19.18 ? 128 TYR A CE1 1 
ATOM   1103 C CE2 . TYR A 1 132 ? 3.177   -6.988  -3.228  1.00 17.39 ? 128 TYR A CE2 1 
ATOM   1104 C CZ  . TYR A 1 132 ? 2.185   -6.587  -2.363  1.00 17.39 ? 128 TYR A CZ  1 
ATOM   1105 O OH  . TYR A 1 132 ? 1.090   -5.984  -2.964  1.00 21.44 ? 128 TYR A OH  1 
ATOM   1106 N N   . GLU A 1 133 ? 7.504   -11.092 -1.021  1.00 17.98 ? 129 GLU A N   1 
ATOM   1107 C CA  A GLU A 1 133 ? 8.893   -11.548 -0.922  0.50 18.50 ? 129 GLU A CA  1 
ATOM   1108 C CA  B GLU A 1 133 ? 8.915   -11.496 -0.893  0.50 19.48 ? 129 GLU A CA  1 
ATOM   1109 C C   . GLU A 1 133 ? 9.688   -10.918 -2.062  1.00 18.86 ? 129 GLU A C   1 
ATOM   1110 O O   . GLU A 1 133 ? 9.111   -10.443 -3.039  1.00 16.72 ? 129 GLU A O   1 
ATOM   1111 C CB  A GLU A 1 133 ? 8.911   -13.086 -0.936  0.50 19.86 ? 129 GLU A CB  1 
ATOM   1112 C CB  B GLU A 1 133 ? 9.058   -13.022 -0.813  0.50 23.35 ? 129 GLU A CB  1 
ATOM   1113 C CG  A GLU A 1 133 ? 8.516   -13.584 0.457   0.50 22.44 ? 129 GLU A CG  1 
ATOM   1114 C CG  B GLU A 1 133 ? 8.744   -13.797 -2.066  0.50 28.36 ? 129 GLU A CG  1 
ATOM   1115 C CD  A GLU A 1 133 ? 8.515   -15.080 0.646   0.50 25.23 ? 129 GLU A CD  1 
ATOM   1116 C CD  B GLU A 1 133 ? 8.845   -15.310 -1.836  0.50 30.25 ? 129 GLU A CD  1 
ATOM   1117 O OE1 A GLU A 1 133 ? 8.918   -15.818 -0.267  0.50 29.26 ? 129 GLU A OE1 1 
ATOM   1118 O OE1 B GLU A 1 133 ? 8.236   -15.826 -0.863  0.50 32.32 ? 129 GLU A OE1 1 
ATOM   1119 O OE2 A GLU A 1 133 ? 8.106   -15.493 1.753   0.50 26.64 ? 129 GLU A OE2 1 
ATOM   1120 O OE2 B GLU A 1 133 ? 9.515   -15.993 -2.631  0.50 33.93 ? 129 GLU A OE2 1 
ATOM   1121 N N   . ARG A 1 134 ? 11.023  -10.922 -1.980  1.00 18.49 ? 130 ARG A N   1 
ATOM   1122 C CA  . ARG A 1 134 ? 11.791  -10.357 -3.053  1.00 18.93 ? 130 ARG A CA  1 
ATOM   1123 C C   . ARG A 1 134 ? 11.613  -11.081 -4.361  1.00 22.01 ? 130 ARG A C   1 
ATOM   1124 O O   . ARG A 1 134 ? 11.477  -12.313 -4.382  1.00 24.54 ? 130 ARG A O   1 
ATOM   1125 C CB  . ARG A 1 134 ? 13.285  -10.361 -2.649  1.00 20.49 ? 130 ARG A CB  1 
ATOM   1126 C CG  . ARG A 1 134 ? 13.519  -9.347  -1.555  1.00 23.16 ? 130 ARG A CG  1 
ATOM   1127 C CD  . ARG A 1 134 ? 14.898  -8.718  -1.656  1.00 25.63 ? 130 ARG A CD  1 
ATOM   1128 N NE  . ARG A 1 134 ? 15.182  -7.851  -0.520  1.00 24.58 ? 130 ARG A NE  1 
ATOM   1129 C CZ  . ARG A 1 134 ? 15.127  -6.526  -0.545  1.00 22.77 ? 130 ARG A CZ  1 
ATOM   1130 N NH1 . ARG A 1 134 ? 14.810  -5.872  -1.649  1.00 22.40 ? 130 ARG A NH1 1 
ATOM   1131 N NH2 . ARG A 1 134 ? 15.444  -5.858  0.551   1.00 22.71 ? 130 ARG A NH2 1 
ATOM   1132 N N   . ALA A 1 135 ? 11.542  -10.305 -5.426  1.00 23.34 ? 131 ALA A N   1 
ATOM   1133 C CA  . ALA A 1 135 ? 11.278  -10.815 -6.774  1.00 29.56 ? 131 ALA A CA  1 
ATOM   1134 C C   . ALA A 1 135 ? 12.579  -10.811 -7.516  1.00 41.50 ? 131 ALA A C   1 
ATOM   1135 O O   . ALA A 1 135 ? 13.361  -9.851  -7.424  1.00 44.36 ? 131 ALA A O   1 
ATOM   1136 C CB  . ALA A 1 135 ? 10.251  -9.969  -7.500  1.00 30.85 ? 131 ALA A CB  1 
ATOM   1137 O OXT . ALA A 1 135 ? 12.839  -11.794 -8.205  1.00 51.67 ? 131 ALA A OXT 1 
HETATM 1138 C C1  . GOL B 2 .   ? 18.856  0.794   8.199   1.00 36.89 ? 201 GOL A C1  1 
HETATM 1139 O O1  . GOL B 2 .   ? 20.250  0.733   8.571   1.00 31.15 ? 201 GOL A O1  1 
HETATM 1140 C C2  . GOL B 2 .   ? 18.376  -0.634  7.931   1.00 36.65 ? 201 GOL A C2  1 
HETATM 1141 O O2  . GOL B 2 .   ? 19.170  -1.159  6.836   1.00 42.52 ? 201 GOL A O2  1 
HETATM 1142 C C3  . GOL B 2 .   ? 16.877  -0.666  7.570   1.00 40.35 ? 201 GOL A C3  1 
HETATM 1143 O O3  . GOL B 2 .   ? 16.529  0.290   6.528   1.00 40.92 ? 201 GOL A O3  1 
HETATM 1144 S S   . SO4 C 3 .   ? 17.590  -8.219  2.972   1.00 62.64 ? 202 SO4 A S   1 
HETATM 1145 O O1  . SO4 C 3 .   ? 16.896  -9.068  3.999   1.00 56.80 ? 202 SO4 A O1  1 
HETATM 1146 O O2  . SO4 C 3 .   ? 17.093  -6.811  3.033   1.00 55.70 ? 202 SO4 A O2  1 
HETATM 1147 O O3  . SO4 C 3 .   ? 19.054  -8.190  3.181   1.00 57.06 ? 202 SO4 A O3  1 
HETATM 1148 O O4  . SO4 C 3 .   ? 17.299  -8.811  1.637   1.00 62.38 ? 202 SO4 A O4  1 
HETATM 1149 C C1  . GOL D 2 .   ? -7.215  4.173   10.360  1.00 45.51 ? 203 GOL A C1  1 
HETATM 1150 O O1  . GOL D 2 .   ? -7.169  4.878   9.102   1.00 34.14 ? 203 GOL A O1  1 
HETATM 1151 C C2  . GOL D 2 .   ? -8.588  3.530   10.568  1.00 50.19 ? 203 GOL A C2  1 
HETATM 1152 O O2  . GOL D 2 .   ? -8.424  2.222   11.132  1.00 57.00 ? 203 GOL A O2  1 
HETATM 1153 C C3  . GOL D 2 .   ? -9.310  3.379   9.236   1.00 42.94 ? 203 GOL A C3  1 
HETATM 1154 O O3  . GOL D 2 .   ? -10.722 3.483   9.418   1.00 50.72 ? 203 GOL A O3  1 
HETATM 1155 S S   . SO4 E 3 .   ? -8.160  -12.511 0.040   1.00 30.68 ? 204 SO4 A S   1 
HETATM 1156 O O1  . SO4 E 3 .   ? -8.282  -13.947 0.431   1.00 33.39 ? 204 SO4 A O1  1 
HETATM 1157 O O2  . SO4 E 3 .   ? -9.536  -11.874 0.236   1.00 28.24 ? 204 SO4 A O2  1 
HETATM 1158 O O3  . SO4 E 3 .   ? -7.764  -12.467 -1.379  1.00 30.04 ? 204 SO4 A O3  1 
HETATM 1159 O O4  . SO4 E 3 .   ? -7.138  -11.885 0.921   1.00 27.00 ? 204 SO4 A O4  1 
HETATM 1160 O O   . HOH F 4 .   ? -2.421  17.985  -4.830  0.50 21.03 ? 301 HOH A O   1 
HETATM 1161 O O   . HOH F 4 .   ? -6.802  13.978  -3.830  1.00 39.21 ? 302 HOH A O   1 
HETATM 1162 O O   . HOH F 4 .   ? 6.001   17.003  -0.811  1.00 35.67 ? 303 HOH A O   1 
HETATM 1163 O O   . HOH F 4 .   ? 5.898   9.393   -9.375  1.00 37.07 ? 304 HOH A O   1 
HETATM 1164 O O   . HOH F 4 .   ? -3.021  -5.185  -8.413  1.00 37.87 ? 305 HOH A O   1 
HETATM 1165 O O   . HOH F 4 .   ? 12.106  -12.237 0.301   1.00 25.86 ? 306 HOH A O   1 
HETATM 1166 O O   . HOH F 4 .   ? 14.949  -8.941  -5.640  1.00 38.77 ? 307 HOH A O   1 
HETATM 1167 O O   . HOH F 4 .   ? 20.947  0.244   4.847   1.00 39.32 ? 308 HOH A O   1 
HETATM 1168 O O   . HOH F 4 .   ? 16.499  -3.219  0.042   1.00 26.44 ? 309 HOH A O   1 
HETATM 1169 O O   . HOH F 4 .   ? 18.090  6.709   -6.761  1.00 33.65 ? 310 HOH A O   1 
HETATM 1170 O O   . HOH F 4 .   ? 1.156   -3.785  -4.771  1.00 30.82 ? 311 HOH A O   1 
HETATM 1171 O O   . HOH F 4 .   ? -3.775  5.863   11.173  1.00 37.04 ? 312 HOH A O   1 
HETATM 1172 O O   . HOH F 4 .   ? 16.603  4.576   1.165   1.00 36.80 ? 313 HOH A O   1 
HETATM 1173 O O   . HOH F 4 .   ? 1.831   -4.605  -15.045 1.00 34.81 ? 314 HOH A O   1 
HETATM 1174 O O   . HOH F 4 .   ? 2.321   17.399  -2.107  1.00 26.51 ? 315 HOH A O   1 
HETATM 1175 O O   . HOH F 4 .   ? -7.503  -9.893  -12.166 1.00 19.23 ? 316 HOH A O   1 
HETATM 1176 O O   . HOH F 4 .   ? -9.666  -11.712 -3.048  1.00 39.70 ? 317 HOH A O   1 
HETATM 1177 O O   . HOH F 4 .   ? -4.628  -8.967  -5.225  1.00 21.62 ? 318 HOH A O   1 
HETATM 1178 O O   . HOH F 4 .   ? -4.497  -15.189 -8.922  1.00 35.17 ? 319 HOH A O   1 
HETATM 1179 O O   . HOH F 4 .   ? 22.349  8.261   7.137   1.00 39.14 ? 320 HOH A O   1 
HETATM 1180 O O   . HOH F 4 .   ? -13.932 2.482   -4.068  1.00 33.73 ? 321 HOH A O   1 
HETATM 1181 O O   . HOH F 4 .   ? 13.038  6.481   -7.585  1.00 24.81 ? 322 HOH A O   1 
HETATM 1182 O O   . HOH F 4 .   ? -2.412  -0.342  9.459   1.00 36.07 ? 323 HOH A O   1 
HETATM 1183 O O   . HOH F 4 .   ? 6.111   -5.364  -12.395 1.00 28.35 ? 324 HOH A O   1 
HETATM 1184 O O   . HOH F 4 .   ? -17.007 -10.525 -2.441  1.00 30.03 ? 325 HOH A O   1 
HETATM 1185 O O   . HOH F 4 .   ? 3.548   -13.244 -7.052  1.00 33.25 ? 326 HOH A O   1 
HETATM 1186 O O   . HOH F 4 .   ? -1.367  -1.417  13.425  1.00 39.14 ? 327 HOH A O   1 
HETATM 1187 O O   . HOH F 4 .   ? -2.199  4.347   -5.708  1.00 31.18 ? 328 HOH A O   1 
HETATM 1188 O O   . HOH F 4 .   ? 12.741  0.530   8.183   1.00 27.30 ? 329 HOH A O   1 
HETATM 1189 O O   . HOH F 4 .   ? 11.867  8.382   -6.202  1.00 21.21 ? 330 HOH A O   1 
HETATM 1190 O O   . HOH F 4 .   ? -6.009  -11.256 -3.045  1.00 30.62 ? 331 HOH A O   1 
HETATM 1191 O O   . HOH F 4 .   ? -4.353  2.585   -2.146  1.00 36.34 ? 332 HOH A O   1 
HETATM 1192 O O   . HOH F 4 .   ? -1.493  -3.136  -8.913  1.00 27.19 ? 333 HOH A O   1 
HETATM 1193 O O   . HOH F 4 .   ? -7.598  19.511  -3.445  1.00 46.31 ? 334 HOH A O   1 
HETATM 1194 O O   . HOH F 4 .   ? -11.822 -10.088 -3.732  1.00 27.69 ? 335 HOH A O   1 
HETATM 1195 O O   . HOH F 4 .   ? 15.328  -5.459  -7.239  1.00 41.03 ? 336 HOH A O   1 
HETATM 1196 O O   . HOH F 4 .   ? -11.095 12.052  6.178   1.00 35.88 ? 337 HOH A O   1 
HETATM 1197 O O   . HOH F 4 .   ? 1.550   18.841  1.271   1.00 35.53 ? 338 HOH A O   1 
HETATM 1198 O O   . HOH F 4 .   ? -1.930  6.143   -7.647  1.00 37.41 ? 339 HOH A O   1 
HETATM 1199 O O   . HOH F 4 .   ? 2.819   2.138   4.139   1.00 19.90 ? 340 HOH A O   1 
HETATM 1200 O O   . HOH F 4 .   ? -6.489  1.723   0.349   1.00 27.18 ? 341 HOH A O   1 
HETATM 1201 O O   . HOH F 4 .   ? -3.341  12.504  4.523   1.00 28.10 ? 342 HOH A O   1 
HETATM 1202 O O   . HOH F 4 .   ? 11.322  11.599  2.552   1.00 21.31 ? 343 HOH A O   1 
HETATM 1203 O O   . HOH F 4 .   ? 20.462  -0.151  11.192  1.00 19.77 ? 344 HOH A O   1 
HETATM 1204 O O   . HOH F 4 .   ? 2.725   -15.458 4.138   1.00 44.38 ? 345 HOH A O   1 
HETATM 1205 O O   . HOH F 4 .   ? -0.113  15.797  -4.744  1.00 22.64 ? 346 HOH A O   1 
HETATM 1206 O O   . HOH F 4 .   ? 3.871   11.731  2.457   1.00 18.56 ? 347 HOH A O   1 
HETATM 1207 O O   . HOH F 4 .   ? 3.639   1.397   13.369  1.00 45.68 ? 348 HOH A O   1 
HETATM 1208 O O   . HOH F 4 .   ? 3.912   -10.914 -8.472  1.00 34.51 ? 349 HOH A O   1 
HETATM 1209 O O   . HOH F 4 .   ? 14.289  -9.241  1.746   1.00 45.38 ? 350 HOH A O   1 
HETATM 1210 O O   . HOH F 4 .   ? -1.177  -12.845 4.011   1.00 25.39 ? 351 HOH A O   1 
HETATM 1211 O O   . HOH F 4 .   ? -0.805  -4.742  -1.308  1.00 27.29 ? 352 HOH A O   1 
HETATM 1212 O O   . HOH F 4 .   ? 12.125  -14.460 -2.694  1.00 46.21 ? 353 HOH A O   1 
HETATM 1213 O O   . HOH F 4 .   ? -14.196 4.525   -6.022  1.00 47.26 ? 354 HOH A O   1 
HETATM 1214 O O   . HOH F 4 .   ? 4.151   13.927  -3.407  1.00 19.51 ? 355 HOH A O   1 
HETATM 1215 O O   . HOH F 4 .   ? 14.277  -6.793  -4.256  1.00 24.32 ? 356 HOH A O   1 
HETATM 1216 O O   . HOH F 4 .   ? 8.412   10.297  8.827   1.00 26.93 ? 357 HOH A O   1 
HETATM 1217 O O   . HOH F 4 .   ? 14.112  -11.668 12.278  1.00 28.18 ? 358 HOH A O   1 
HETATM 1218 O O   . HOH F 4 .   ? -11.316 -12.561 -6.686  1.00 28.21 ? 359 HOH A O   1 
HETATM 1219 O O   . HOH F 4 .   ? -10.352 -7.759  10.206  1.00 38.91 ? 360 HOH A O   1 
HETATM 1220 O O   . HOH F 4 .   ? -8.710  -14.421 3.183   1.00 32.97 ? 361 HOH A O   1 
HETATM 1221 O O   . HOH F 4 .   ? -15.985 -5.570  5.346   1.00 41.39 ? 362 HOH A O   1 
HETATM 1222 O O   . HOH F 4 .   ? -5.187  -10.042 8.259   1.00 36.08 ? 363 HOH A O   1 
HETATM 1223 O O   . HOH F 4 .   ? -12.006 -11.156 2.954   1.00 32.28 ? 364 HOH A O   1 
HETATM 1224 O O   . HOH F 4 .   ? 15.386  14.954  -2.751  1.00 26.49 ? 365 HOH A O   1 
HETATM 1225 O O   . HOH F 4 .   ? 9.987   -2.372  9.140   1.00 26.05 ? 366 HOH A O   1 
HETATM 1226 O O   . HOH F 4 .   ? 12.591  6.492   12.124  1.00 42.04 ? 367 HOH A O   1 
HETATM 1227 O O   . HOH F 4 .   ? 19.560  9.241   -4.065  1.00 37.54 ? 368 HOH A O   1 
HETATM 1228 O O   . HOH F 4 .   ? -2.098  9.051   -7.692  1.00 36.44 ? 369 HOH A O   1 
HETATM 1229 O O   . HOH F 4 .   ? -16.065 3.588   2.694   1.00 45.61 ? 370 HOH A O   1 
HETATM 1230 O O   . HOH F 4 .   ? -9.642  14.108  2.086   1.00 40.44 ? 371 HOH A O   1 
HETATM 1231 O O   . HOH F 4 .   ? 1.299   8.866   7.984   1.00 26.39 ? 372 HOH A O   1 
HETATM 1232 O O   . HOH F 4 .   ? -20.859 -3.367  -6.130  1.00 39.38 ? 373 HOH A O   1 
HETATM 1233 O O   . HOH F 4 .   ? 16.322  3.261   -5.038  1.00 18.93 ? 374 HOH A O   1 
HETATM 1234 O O   . HOH F 4 .   ? -0.805  15.235  6.910   1.00 37.75 ? 375 HOH A O   1 
HETATM 1235 O O   . HOH F 4 .   ? -2.978  0.719   -15.234 1.00 30.92 ? 376 HOH A O   1 
HETATM 1236 O O   . HOH F 4 .   ? 4.918   14.280  -0.706  1.00 20.55 ? 377 HOH A O   1 
HETATM 1237 O O   . HOH F 4 .   ? -1.709  -3.807  -16.532 1.00 37.17 ? 378 HOH A O   1 
HETATM 1238 O O   . HOH F 4 .   ? 1.622   17.710  4.950   1.00 32.65 ? 379 HOH A O   1 
HETATM 1239 O O   . HOH F 4 .   ? -12.636 13.673  -0.310  1.00 42.49 ? 380 HOH A O   1 
HETATM 1240 O O   . HOH F 4 .   ? -0.822  5.918   -10.276 1.00 31.00 ? 381 HOH A O   1 
HETATM 1241 O O   . HOH F 4 .   ? 3.553   1.493   -12.099 1.00 26.23 ? 382 HOH A O   1 
HETATM 1242 O O   . HOH F 4 .   ? -3.837  2.183   -5.070  1.00 24.63 ? 383 HOH A O   1 
HETATM 1243 O O   . HOH F 4 .   ? 14.230  -15.339 10.524  1.00 30.18 ? 384 HOH A O   1 
HETATM 1244 O O   . HOH F 4 .   ? 11.261  -14.674 5.630   1.00 25.82 ? 385 HOH A O   1 
HETATM 1245 O O   . HOH F 4 .   ? -18.526 -2.209  -1.095  1.00 41.21 ? 386 HOH A O   1 
HETATM 1246 O O   . HOH F 4 .   ? 15.600  8.273   -10.065 1.00 27.38 ? 387 HOH A O   1 
HETATM 1247 O O   . HOH F 4 .   ? -15.290 0.400   -7.001  1.00 45.83 ? 388 HOH A O   1 
HETATM 1248 O O   . HOH F 4 .   ? -15.520 4.972   -0.669  1.00 40.91 ? 389 HOH A O   1 
HETATM 1249 O O   . HOH F 4 .   ? -12.949 5.761   8.206   1.00 34.58 ? 390 HOH A O   1 
HETATM 1250 O O   . HOH F 4 .   ? -2.865  -16.219 -0.040  1.00 32.83 ? 391 HOH A O   1 
HETATM 1251 O O   . HOH F 4 .   ? -4.597  -4.111  12.654  1.00 50.54 ? 392 HOH A O   1 
HETATM 1252 O O   . HOH F 4 .   ? -13.262 9.397   -4.522  1.00 34.22 ? 393 HOH A O   1 
HETATM 1253 O O   . HOH F 4 .   ? -11.891 13.700  3.969   1.00 42.28 ? 394 HOH A O   1 
HETATM 1254 O O   . HOH F 4 .   ? 1.422   2.576   -5.530  1.00 34.45 ? 395 HOH A O   1 
HETATM 1255 O O   . HOH F 4 .   ? 17.519  -6.054  5.938   1.00 40.45 ? 396 HOH A O   1 
HETATM 1256 O O   . HOH F 4 .   ? 15.699  7.439   7.503   1.00 33.16 ? 397 HOH A O   1 
HETATM 1257 O O   . HOH F 4 .   ? -16.839 -2.347  -9.242  1.00 29.75 ? 398 HOH A O   1 
HETATM 1258 O O   . HOH F 4 .   ? 10.802  -0.737  13.481  1.00 33.85 ? 399 HOH A O   1 
HETATM 1259 O O   . HOH F 4 .   ? -1.273  19.897  2.166   1.00 45.62 ? 400 HOH A O   1 
HETATM 1260 O O   . HOH F 4 .   ? 14.400  6.833   5.063   1.00 36.98 ? 401 HOH A O   1 
HETATM 1261 O O   . HOH F 4 .   ? -3.920  -12.472 -4.448  1.00 36.37 ? 402 HOH A O   1 
HETATM 1262 O O   . HOH F 4 .   ? -11.855 -5.910  14.896  1.00 47.03 ? 403 HOH A O   1 
HETATM 1263 O O   . HOH F 4 .   ? -1.094  2.043   -1.791  1.00 42.07 ? 404 HOH A O   1 
HETATM 1264 O O   . HOH F 4 .   ? -4.772  -5.474  -6.365  1.00 39.04 ? 405 HOH A O   1 
HETATM 1265 O O   . HOH F 4 .   ? 10.765  7.635   -9.873  1.00 44.46 ? 406 HOH A O   1 
HETATM 1266 O O   . HOH F 4 .   ? -12.122 -11.108 9.534   1.00 50.07 ? 407 HOH A O   1 
HETATM 1267 O O   . HOH F 4 .   ? -6.647  -14.928 -5.569  1.00 50.00 ? 408 HOH A O   1 
HETATM 1268 O O   . HOH F 4 .   ? -2.134  -0.025  -5.515  1.00 38.53 ? 409 HOH A O   1 
HETATM 1269 O O   . HOH F 4 .   ? -21.028 -7.859  2.657   1.00 49.79 ? 410 HOH A O   1 
HETATM 1270 O O   . HOH F 4 .   ? -9.339  -14.079 -5.482  1.00 45.99 ? 411 HOH A O   1 
HETATM 1271 O O   . HOH F 4 .   ? -13.365 -3.803  -12.895 1.00 49.54 ? 412 HOH A O   1 
HETATM 1272 O O   . HOH F 4 .   ? -2.988  11.803  7.501   1.00 39.55 ? 413 HOH A O   1 
HETATM 1273 O O   . HOH F 4 .   ? -7.871  15.326  4.271   1.00 41.51 ? 414 HOH A O   1 
HETATM 1274 O O   . HOH F 4 .   ? 9.503   -2.629  11.787  1.00 35.18 ? 415 HOH A O   1 
HETATM 1275 O O   . HOH F 4 .   ? 16.946  4.043   -7.824  1.00 36.63 ? 416 HOH A O   1 
HETATM 1276 O O   . HOH F 4 .   ? 15.550  5.934   -8.656  1.00 39.01 ? 417 HOH A O   1 
HETATM 1277 O O   . HOH F 4 .   ? 3.685   -2.633  12.755  1.00 52.35 ? 418 HOH A O   1 
HETATM 1278 O O   . HOH F 4 .   ? 13.746  17.158  -1.896  1.00 37.77 ? 419 HOH A O   1 
HETATM 1279 O O   . HOH F 4 .   ? -10.513 -14.815 9.645   1.00 42.26 ? 420 HOH A O   1 
HETATM 1280 O O   . HOH F 4 .   ? 13.503  9.801   3.072   1.00 39.82 ? 421 HOH A O   1 
HETATM 1281 O O   . HOH F 4 .   ? 12.223  13.594  4.308   1.00 36.69 ? 422 HOH A O   1 
HETATM 1282 O O   . HOH F 4 .   ? -4.040  1.109   11.583  1.00 40.85 ? 423 HOH A O   1 
# 
